data_9BZX
# 
_entry.id   9BZX 
# 
_audit_conform.dict_name       mmcif_pdbx.dic 
_audit_conform.dict_version    5.407 
_audit_conform.dict_location   http://mmcif.pdb.org/dictionaries/ascii/mmcif_pdbx.dic 
# 
loop_
_database_2.database_id 
_database_2.database_code 
_database_2.pdbx_database_accession 
_database_2.pdbx_DOI 
PDB   9BZX         pdb_00009bzx 10.2210/pdb9bzx/pdb 
WWPDB D_1000282895 ?            ?                   
# 
_pdbx_audit_revision_history.ordinal             1 
_pdbx_audit_revision_history.data_content_type   'Structure model' 
_pdbx_audit_revision_history.major_revision      1 
_pdbx_audit_revision_history.minor_revision      0 
_pdbx_audit_revision_history.revision_date       2025-11-26 
_pdbx_audit_revision_history.part_number         ? 
# 
_pdbx_audit_revision_details.ordinal             1 
_pdbx_audit_revision_details.revision_ordinal    1 
_pdbx_audit_revision_details.data_content_type   'Structure model' 
_pdbx_audit_revision_details.provider            repository 
_pdbx_audit_revision_details.type                'Initial release' 
_pdbx_audit_revision_details.description         ? 
_pdbx_audit_revision_details.details             ? 
# 
_pdbx_database_status.status_code                     REL 
_pdbx_database_status.status_code_sf                  REL 
_pdbx_database_status.status_code_mr                  ? 
_pdbx_database_status.entry_id                        9BZX 
_pdbx_database_status.recvd_initial_deposition_date   2024-05-24 
_pdbx_database_status.SG_entry                        N 
_pdbx_database_status.deposit_site                    RCSB 
_pdbx_database_status.process_site                    RCSB 
_pdbx_database_status.status_code_cs                  ? 
_pdbx_database_status.status_code_nmr_data            ? 
_pdbx_database_status.methods_development_category    ? 
_pdbx_database_status.pdb_format_compatible           Y 
# 
_pdbx_contact_author.id                 2 
_pdbx_contact_author.email              andyn@uic.edu 
_pdbx_contact_author.name_first         Andy 
_pdbx_contact_author.name_last          Nguyen 
_pdbx_contact_author.name_mi            I 
_pdbx_contact_author.role               'principal investigator/group leader' 
_pdbx_contact_author.identifier_ORCID   0000-0003-4137-6453 
# 
_audit_author.name               'Heinz-Kunert, S.L.' 
_audit_author.pdbx_ordinal       1 
_audit_author.identifier_ORCID   0009-0002-5884-1294 
# 
_citation.abstract                  ? 
_citation.abstract_id_CAS           ? 
_citation.book_id_ISBN              ? 
_citation.book_publisher            ? 
_citation.book_publisher_city       ? 
_citation.book_title                ? 
_citation.coordinate_linkage        ? 
_citation.country                   ? 
_citation.database_id_Medline       ? 
_citation.details                   ? 
_citation.id                        primary 
_citation.journal_abbrev            'To Be Published' 
_citation.journal_id_ASTM           ? 
_citation.journal_id_CSD            0353 
_citation.journal_id_ISSN           ? 
_citation.journal_full              ? 
_citation.journal_issue             ? 
_citation.journal_volume            ? 
_citation.language                  ? 
_citation.page_first                ? 
_citation.page_last                 ? 
_citation.title                     'Evolvable conformational diversity in assemblies of short peptides' 
_citation.year                      ? 
_citation.database_id_CSD           ? 
_citation.pdbx_database_id_DOI      ? 
_citation.pdbx_database_id_PubMed   ? 
_citation.pdbx_database_id_patent   ? 
_citation.unpublished_flag          ? 
# 
loop_
_citation_author.citation_id 
_citation_author.name 
_citation_author.ordinal 
_citation_author.identifier_ORCID 
primary 'Heinz-Kunert, S.L.' 1 0009-0002-5884-1294 
primary 'Nguyen, A.I.'       2 0000-0003-4137-6453 
# 
loop_
_entity.id 
_entity.type 
_entity.src_method 
_entity.pdbx_description 
_entity.formula_weight 
_entity.pdbx_number_of_molecules 
_entity.pdbx_ec 
_entity.pdbx_mutation 
_entity.pdbx_fragment 
_entity.details 
1 polymer     syn UIC-1                                                   897.114 2 ? ? ? ? 
2 non-polymer syn "5'-(hydrazinecarbonyl)[2,2'-bipyridine]-5-carboxamide" 257.248 2 ? ? ? ? 
3 non-polymer syn 
;ethyl 5'-formyl[2,2'-bipyridine]-5-carboxylate
;
272.256 2 ? ? ? ? 
4 non-polymer syn ORTHO-XYLENE                                            106.165 8 ? ? ? ? 
5 water       nat water                                                   18.015  1 ? ? ? ? 
# 
_entity_poly.entity_id                      1 
_entity_poly.type                           'polypeptide(L)' 
_entity_poly.nstd_linkage                   no 
_entity_poly.nstd_monomer                   yes 
_entity_poly.pdbx_seq_one_letter_code       'L(AIB)A(AIB)L(AIB)Q(AIB)L' 
_entity_poly.pdbx_seq_one_letter_code_can   LAAALAQAL 
_entity_poly.pdbx_strand_id                 A,B 
_entity_poly.pdbx_target_identifier         ? 
# 
loop_
_pdbx_entity_nonpoly.entity_id 
_pdbx_entity_nonpoly.name 
_pdbx_entity_nonpoly.comp_id 
2 "5'-(hydrazinecarbonyl)[2,2'-bipyridine]-5-carboxamide" I77 
3 
;ethyl 5'-formyl[2,2'-bipyridine]-5-carboxylate
;
I6W 
4 ORTHO-XYLENE                                            OXE 
5 water                                                   HOH 
# 
loop_
_entity_poly_seq.entity_id 
_entity_poly_seq.num 
_entity_poly_seq.mon_id 
_entity_poly_seq.hetero 
1 1 LEU n 
1 2 AIB n 
1 3 ALA n 
1 4 AIB n 
1 5 LEU n 
1 6 AIB n 
1 7 GLN n 
1 8 AIB n 
1 9 LEU n 
# 
_pdbx_entity_src_syn.entity_id              1 
_pdbx_entity_src_syn.pdbx_src_id            1 
_pdbx_entity_src_syn.pdbx_alt_source_flag   sample 
_pdbx_entity_src_syn.pdbx_beg_seq_num       1 
_pdbx_entity_src_syn.pdbx_end_seq_num       9 
_pdbx_entity_src_syn.organism_scientific    'synthetic construct' 
_pdbx_entity_src_syn.organism_common_name   ? 
_pdbx_entity_src_syn.ncbi_taxonomy_id       32630 
_pdbx_entity_src_syn.details                ? 
# 
loop_
_chem_comp.id 
_chem_comp.type 
_chem_comp.mon_nstd_flag 
_chem_comp.name 
_chem_comp.pdbx_synonyms 
_chem_comp.formula 
_chem_comp.formula_weight 
AIB 'L-peptide linking' n 'ALPHA-AMINOISOBUTYRIC ACID'                            ? 'C4 H9 N O2'    103.120 
ALA 'L-peptide linking' y ALANINE                                                 ? 'C3 H7 N O2'    89.093  
GLN 'L-peptide linking' y GLUTAMINE                                               ? 'C5 H10 N2 O3'  146.144 
HOH non-polymer         . WATER                                                   ? 'H2 O'          18.015  
I6W non-polymer         . 
;ethyl 5'-formyl[2,2'-bipyridine]-5-carboxylate
;
? 'C14 H12 N2 O4' 272.256 
I77 non-polymer         . "5'-(hydrazinecarbonyl)[2,2'-bipyridine]-5-carboxamide" ? 'C12 H11 N5 O2' 257.248 
LEU 'L-peptide linking' y LEUCINE                                                 ? 'C6 H13 N O2'   131.173 
OXE non-polymer         . ORTHO-XYLENE                                            ? 'C8 H10'        106.165 
# 
loop_
_pdbx_poly_seq_scheme.asym_id 
_pdbx_poly_seq_scheme.entity_id 
_pdbx_poly_seq_scheme.seq_id 
_pdbx_poly_seq_scheme.mon_id 
_pdbx_poly_seq_scheme.ndb_seq_num 
_pdbx_poly_seq_scheme.pdb_seq_num 
_pdbx_poly_seq_scheme.auth_seq_num 
_pdbx_poly_seq_scheme.pdb_mon_id 
_pdbx_poly_seq_scheme.auth_mon_id 
_pdbx_poly_seq_scheme.pdb_strand_id 
_pdbx_poly_seq_scheme.pdb_ins_code 
_pdbx_poly_seq_scheme.hetero 
A 1 1 LEU 1 2  2  LEU LEU A . n 
A 1 2 AIB 2 3  3  AIB AIB A . n 
A 1 3 ALA 3 4  4  ALA ALA A . n 
A 1 4 AIB 4 5  5  AIB AIB A . n 
A 1 5 LEU 5 6  6  LEU LEU A . n 
A 1 6 AIB 6 7  7  AIB AIB A . n 
A 1 7 GLN 7 8  8  GLN GLN A . n 
A 1 8 AIB 8 9  9  AIB AIB A . n 
A 1 9 LEU 9 10 10 LEU LEU A . n 
B 1 1 LEU 1 2  2  LEU LEU B . n 
B 1 2 AIB 2 3  3  AIB AIB B . n 
B 1 3 ALA 3 4  4  ALA ALA B . n 
B 1 4 AIB 4 5  5  AIB AIB B . n 
B 1 5 LEU 5 6  6  LEU LEU B . n 
B 1 6 AIB 6 7  7  AIB AIB B . n 
B 1 7 GLN 7 8  8  GLN GLN B . n 
B 1 8 AIB 8 9  9  AIB AIB B . n 
B 1 9 LEU 9 10 10 LEU LEU B . n 
# 
loop_
_pdbx_entity_instance_feature.ordinal 
_pdbx_entity_instance_feature.comp_id 
_pdbx_entity_instance_feature.asym_id 
_pdbx_entity_instance_feature.seq_num 
_pdbx_entity_instance_feature.auth_comp_id 
_pdbx_entity_instance_feature.auth_asym_id 
_pdbx_entity_instance_feature.auth_seq_num 
_pdbx_entity_instance_feature.feature_type 
_pdbx_entity_instance_feature.details 
1 I6W ? ? I6W ? ? 'SUBJECT OF INVESTIGATION' ? 
2 I77 ? ? I77 ? ? 'SUBJECT OF INVESTIGATION' ? 
# 
loop_
_pdbx_nonpoly_scheme.asym_id 
_pdbx_nonpoly_scheme.entity_id 
_pdbx_nonpoly_scheme.mon_id 
_pdbx_nonpoly_scheme.ndb_seq_num 
_pdbx_nonpoly_scheme.pdb_seq_num 
_pdbx_nonpoly_scheme.auth_seq_num 
_pdbx_nonpoly_scheme.pdb_mon_id 
_pdbx_nonpoly_scheme.auth_mon_id 
_pdbx_nonpoly_scheme.pdb_strand_id 
_pdbx_nonpoly_scheme.pdb_ins_code 
C 2 I77 1 101 11 I77 BPH A . 
D 3 I6W 1 102 1  I6W BPE A . 
E 4 OXE 1 103 5  OXE OXE A . 
F 4 OXE 1 104 6  OXE OXE A . 
G 4 OXE 1 105 7  OXE OXE A . 
H 2 I77 1 101 11 I77 BPH B . 
I 3 I6W 1 102 1  I6W BPE B . 
J 4 OXE 1 103 1  OXE OXE B . 
K 4 OXE 1 104 2  OXE OXE B . 
L 4 OXE 1 105 3  OXE OXE B . 
M 4 OXE 1 106 4  OXE OXE B . 
N 4 OXE 1 107 8  OXE OXE B . 
O 5 HOH 1 201 1  HOH HOH A . 
# 
loop_
_software.citation_id 
_software.classification 
_software.compiler_name 
_software.compiler_version 
_software.contact_author 
_software.contact_author_email 
_software.date 
_software.description 
_software.dependencies 
_software.hardware 
_software.language 
_software.location 
_software.mods 
_software.name 
_software.os 
_software.os_version 
_software.type 
_software.version 
_software.pdbx_ordinal 
? refinement       ? ? ? ? ? ? ? ? ? ? ? PHENIX ? ? ? 1.20.1_4487 1 
? 'data reduction' ? ? ? ? ? ? ? ? ? ? ? XDS    ? ? ? .           2 
? 'data scaling'   ? ? ? ? ? ? ? ? ? ? ? XDS    ? ? ? .           3 
? phasing          ? ? ? ? ? ? ? ? ? ? ? PHASER ? ? ? .           4 
# 
_cell.angle_alpha                  90.000 
_cell.angle_alpha_esd              ? 
_cell.angle_beta                   96.380 
_cell.angle_beta_esd               ? 
_cell.angle_gamma                  90.000 
_cell.angle_gamma_esd              ? 
_cell.entry_id                     9BZX 
_cell.details                      ? 
_cell.formula_units_Z              ? 
_cell.length_a                     13.923 
_cell.length_a_esd                 ? 
_cell.length_b                     13.607 
_cell.length_b_esd                 ? 
_cell.length_c                     55.556 
_cell.length_c_esd                 ? 
_cell.volume                       10459.914 
_cell.volume_esd                   ? 
_cell.Z_PDB                        4 
_cell.reciprocal_angle_alpha       ? 
_cell.reciprocal_angle_beta        ? 
_cell.reciprocal_angle_gamma       ? 
_cell.reciprocal_angle_alpha_esd   ? 
_cell.reciprocal_angle_beta_esd    ? 
_cell.reciprocal_angle_gamma_esd   ? 
_cell.reciprocal_length_a          ? 
_cell.reciprocal_length_b          ? 
_cell.reciprocal_length_c          ? 
_cell.reciprocal_length_a_esd      ? 
_cell.reciprocal_length_b_esd      ? 
_cell.reciprocal_length_c_esd      ? 
_cell.pdbx_unique_axis             ? 
_cell.pdbx_esd_method              ? 
# 
_symmetry.entry_id                         9BZX 
_symmetry.cell_setting                     ? 
_symmetry.Int_Tables_number                4 
_symmetry.space_group_name_Hall            'P 2yb' 
_symmetry.space_group_name_H-M             'P 1 21 1' 
_symmetry.pdbx_full_space_group_name_H-M   ? 
# 
_exptl.absorpt_coefficient_mu     ? 
_exptl.absorpt_correction_T_max   ? 
_exptl.absorpt_correction_T_min   ? 
_exptl.absorpt_correction_type    ? 
_exptl.absorpt_process_details    ? 
_exptl.entry_id                   9BZX 
_exptl.crystals_number            1 
_exptl.details                    ? 
_exptl.method                     'X-RAY DIFFRACTION' 
_exptl.method_details             ? 
# 
_exptl_crystal.colour                       ? 
_exptl_crystal.density_diffrn               ? 
_exptl_crystal.density_Matthews             2.31 
_exptl_crystal.density_method               ? 
_exptl_crystal.density_percent_sol          46.78 
_exptl_crystal.description                  ? 
_exptl_crystal.F_000                        ? 
_exptl_crystal.id                           1 
_exptl_crystal.preparation                  ? 
_exptl_crystal.size_max                     ? 
_exptl_crystal.size_mid                     ? 
_exptl_crystal.size_min                     ? 
_exptl_crystal.size_rad                     ? 
_exptl_crystal.colour_lustre                ? 
_exptl_crystal.colour_modifier              ? 
_exptl_crystal.colour_primary               ? 
_exptl_crystal.density_meas                 ? 
_exptl_crystal.density_meas_esd             ? 
_exptl_crystal.density_meas_gt              ? 
_exptl_crystal.density_meas_lt              ? 
_exptl_crystal.density_meas_temp            ? 
_exptl_crystal.density_meas_temp_esd        ? 
_exptl_crystal.density_meas_temp_gt         ? 
_exptl_crystal.density_meas_temp_lt         ? 
_exptl_crystal.pdbx_crystal_image_url       ? 
_exptl_crystal.pdbx_crystal_image_format    ? 
_exptl_crystal.pdbx_mosaicity               ? 
_exptl_crystal.pdbx_mosaicity_esd           ? 
_exptl_crystal.pdbx_mosaic_method           ? 
_exptl_crystal.pdbx_mosaic_block_size       ? 
_exptl_crystal.pdbx_mosaic_block_size_esd   ? 
# 
_exptl_crystal_grow.apparatus       ? 
_exptl_crystal_grow.atmosphere      ? 
_exptl_crystal_grow.crystal_id      1 
_exptl_crystal_grow.details         ? 
_exptl_crystal_grow.method          'SLOW COOLING' 
_exptl_crystal_grow.method_ref      ? 
_exptl_crystal_grow.pH              ? 
_exptl_crystal_grow.pressure        ? 
_exptl_crystal_grow.pressure_esd    ? 
_exptl_crystal_grow.seeding         ? 
_exptl_crystal_grow.seeding_ref     ? 
_exptl_crystal_grow.temp_details    ? 
_exptl_crystal_grow.temp_esd        ? 
_exptl_crystal_grow.time            ? 
_exptl_crystal_grow.pdbx_details    'acetonitrile and water' 
_exptl_crystal_grow.pdbx_pH_range   ? 
_exptl_crystal_grow.temp            298 
# 
_diffrn.ambient_environment              ? 
_diffrn.ambient_temp                     100 
_diffrn.ambient_temp_details             ? 
_diffrn.ambient_temp_esd                 ? 
_diffrn.crystal_id                       1 
_diffrn.crystal_support                  ? 
_diffrn.crystal_treatment                ? 
_diffrn.details                          ? 
_diffrn.id                               1 
_diffrn.ambient_pressure                 ? 
_diffrn.ambient_pressure_esd             ? 
_diffrn.ambient_pressure_gt              ? 
_diffrn.ambient_pressure_lt              ? 
_diffrn.ambient_temp_gt                  ? 
_diffrn.ambient_temp_lt                  ? 
_diffrn.pdbx_serial_crystal_experiment   N 
# 
_diffrn_detector.details                      ? 
_diffrn_detector.detector                     PIXEL 
_diffrn_detector.diffrn_id                    1 
_diffrn_detector.type                         'DECTRIS EIGER X 9M' 
_diffrn_detector.area_resol_mean              ? 
_diffrn_detector.dtime                        ? 
_diffrn_detector.pdbx_frames_total            ? 
_diffrn_detector.pdbx_collection_time_total   ? 
_diffrn_detector.pdbx_collection_date         2022-07-20 
_diffrn_detector.pdbx_frequency               ? 
_diffrn_detector.id                           ? 
_diffrn_detector.number_of_axes               ? 
# 
_diffrn_radiation.collimation                      ? 
_diffrn_radiation.diffrn_id                        1 
_diffrn_radiation.filter_edge                      ? 
_diffrn_radiation.inhomogeneity                    ? 
_diffrn_radiation.monochromator                    ? 
_diffrn_radiation.polarisn_norm                    ? 
_diffrn_radiation.polarisn_ratio                   ? 
_diffrn_radiation.probe                            ? 
_diffrn_radiation.type                             ? 
_diffrn_radiation.xray_symbol                      ? 
_diffrn_radiation.wavelength_id                    1 
_diffrn_radiation.pdbx_monochromatic_or_laue_m_l   M 
_diffrn_radiation.pdbx_wavelength_list             ? 
_diffrn_radiation.pdbx_wavelength                  ? 
_diffrn_radiation.pdbx_diffrn_protocol             'SINGLE WAVELENGTH' 
_diffrn_radiation.pdbx_analyzer                    ? 
_diffrn_radiation.pdbx_scattering_type             x-ray 
# 
_diffrn_radiation_wavelength.id           1 
_diffrn_radiation_wavelength.wavelength   0.97856 
_diffrn_radiation_wavelength.wt           1.0 
# 
_diffrn_source.current                     ? 
_diffrn_source.details                     ? 
_diffrn_source.diffrn_id                   1 
_diffrn_source.power                       ? 
_diffrn_source.size                        ? 
_diffrn_source.source                      SYNCHROTRON 
_diffrn_source.target                      ? 
_diffrn_source.type                        'APS BEAMLINE 21-ID-G' 
_diffrn_source.voltage                     ? 
_diffrn_source.take-off_angle              ? 
_diffrn_source.pdbx_wavelength_list        0.97856 
_diffrn_source.pdbx_wavelength             ? 
_diffrn_source.pdbx_synchrotron_beamline   21-ID-G 
_diffrn_source.pdbx_synchrotron_site       APS 
# 
_reflns.B_iso_Wilson_estimate                          6.68 
_reflns.entry_id                                       9BZX 
_reflns.data_reduction_details                         ? 
_reflns.data_reduction_method                          ? 
_reflns.d_resolution_high                              1.34 
_reflns.d_resolution_low                               27.61 
_reflns.details                                        ? 
_reflns.limit_h_max                                    ? 
_reflns.limit_h_min                                    ? 
_reflns.limit_k_max                                    ? 
_reflns.limit_k_min                                    ? 
_reflns.limit_l_max                                    ? 
_reflns.limit_l_min                                    ? 
_reflns.number_all                                     ? 
_reflns.number_obs                                     4485 
_reflns.observed_criterion                             ? 
_reflns.observed_criterion_F_max                       ? 
_reflns.observed_criterion_F_min                       ? 
_reflns.observed_criterion_I_max                       ? 
_reflns.observed_criterion_I_min                       ? 
_reflns.observed_criterion_sigma_F                     ? 
_reflns.observed_criterion_sigma_I                     ? 
_reflns.percent_possible_obs                           91.17 
_reflns.R_free_details                                 ? 
_reflns.Rmerge_F_all                                   ? 
_reflns.Rmerge_F_obs                                   ? 
_reflns.Friedel_coverage                               ? 
_reflns.number_gt                                      ? 
_reflns.threshold_expression                           ? 
_reflns.pdbx_redundancy                                6.0 
_reflns.pdbx_netI_over_av_sigmaI                       ? 
_reflns.pdbx_netI_over_sigmaI                          3.89 
_reflns.pdbx_res_netI_over_av_sigmaI_2                 ? 
_reflns.pdbx_res_netI_over_sigmaI_2                    ? 
_reflns.pdbx_chi_squared                               ? 
_reflns.pdbx_scaling_rejects                           ? 
_reflns.pdbx_d_res_high_opt                            ? 
_reflns.pdbx_d_res_low_opt                             ? 
_reflns.pdbx_d_res_opt_method                          ? 
_reflns.phase_calculation_details                      ? 
_reflns.pdbx_Rrim_I_all                                ? 
_reflns.pdbx_Rpim_I_all                                ? 
_reflns.pdbx_d_opt                                     ? 
_reflns.pdbx_number_measured_all                       ? 
_reflns.pdbx_diffrn_id                                 1 
_reflns.pdbx_ordinal                                   1 
_reflns.pdbx_CC_half                                   0.183 
_reflns.pdbx_CC_star                                   ? 
_reflns.pdbx_R_split                                   ? 
_reflns.pdbx_Rmerge_I_obs                              ? 
_reflns.pdbx_Rmerge_I_all                              ? 
_reflns.pdbx_Rsym_value                                ? 
_reflns.pdbx_CC_split_method                           ? 
_reflns.pdbx_aniso_diffraction_limit_axis_1_ortho[1]   ? 
_reflns.pdbx_aniso_diffraction_limit_axis_1_ortho[2]   ? 
_reflns.pdbx_aniso_diffraction_limit_axis_1_ortho[3]   ? 
_reflns.pdbx_aniso_diffraction_limit_axis_2_ortho[1]   ? 
_reflns.pdbx_aniso_diffraction_limit_axis_2_ortho[2]   ? 
_reflns.pdbx_aniso_diffraction_limit_axis_2_ortho[3]   ? 
_reflns.pdbx_aniso_diffraction_limit_axis_3_ortho[1]   ? 
_reflns.pdbx_aniso_diffraction_limit_axis_3_ortho[2]   ? 
_reflns.pdbx_aniso_diffraction_limit_axis_3_ortho[3]   ? 
_reflns.pdbx_aniso_diffraction_limit_1                 ? 
_reflns.pdbx_aniso_diffraction_limit_2                 ? 
_reflns.pdbx_aniso_diffraction_limit_3                 ? 
_reflns.pdbx_aniso_B_tensor_eigenvector_1_ortho[1]     ? 
_reflns.pdbx_aniso_B_tensor_eigenvector_1_ortho[2]     ? 
_reflns.pdbx_aniso_B_tensor_eigenvector_1_ortho[3]     ? 
_reflns.pdbx_aniso_B_tensor_eigenvector_2_ortho[1]     ? 
_reflns.pdbx_aniso_B_tensor_eigenvector_2_ortho[2]     ? 
_reflns.pdbx_aniso_B_tensor_eigenvector_2_ortho[3]     ? 
_reflns.pdbx_aniso_B_tensor_eigenvector_3_ortho[1]     ? 
_reflns.pdbx_aniso_B_tensor_eigenvector_3_ortho[2]     ? 
_reflns.pdbx_aniso_B_tensor_eigenvector_3_ortho[3]     ? 
_reflns.pdbx_aniso_B_tensor_eigenvalue_1               ? 
_reflns.pdbx_aniso_B_tensor_eigenvalue_2               ? 
_reflns.pdbx_aniso_B_tensor_eigenvalue_3               ? 
_reflns.pdbx_orthogonalization_convention              ? 
_reflns.pdbx_percent_possible_ellipsoidal              ? 
_reflns.pdbx_percent_possible_spherical                ? 
_reflns.pdbx_percent_possible_ellipsoidal_anomalous    ? 
_reflns.pdbx_percent_possible_spherical_anomalous      ? 
_reflns.pdbx_redundancy_anomalous                      ? 
_reflns.pdbx_CC_half_anomalous                         ? 
_reflns.pdbx_absDiff_over_sigma_anomalous              ? 
_reflns.pdbx_percent_possible_anomalous                ? 
_reflns.pdbx_observed_signal_threshold                 ? 
_reflns.pdbx_signal_type                               ? 
_reflns.pdbx_signal_details                            ? 
_reflns.pdbx_signal_software_id                        ? 
# 
_reflns_shell.d_res_high                                    1.341 
_reflns_shell.d_res_low                                     1.388 
_reflns_shell.meanI_over_sigI_all                           ? 
_reflns_shell.meanI_over_sigI_obs                           ? 
_reflns_shell.number_measured_all                           ? 
_reflns_shell.number_measured_obs                           ? 
_reflns_shell.number_possible                               ? 
_reflns_shell.number_unique_all                             ? 
_reflns_shell.number_unique_obs                             529 
_reflns_shell.percent_possible_obs                          ? 
_reflns_shell.Rmerge_F_all                                  ? 
_reflns_shell.Rmerge_F_obs                                  ? 
_reflns_shell.meanI_over_sigI_gt                            ? 
_reflns_shell.meanI_over_uI_all                             ? 
_reflns_shell.meanI_over_uI_gt                              ? 
_reflns_shell.number_measured_gt                            ? 
_reflns_shell.number_unique_gt                              ? 
_reflns_shell.percent_possible_gt                           ? 
_reflns_shell.Rmerge_F_gt                                   ? 
_reflns_shell.Rmerge_I_gt                                   ? 
_reflns_shell.pdbx_redundancy                               ? 
_reflns_shell.pdbx_chi_squared                              ? 
_reflns_shell.pdbx_netI_over_sigmaI_all                     ? 
_reflns_shell.pdbx_netI_over_sigmaI_obs                     ? 
_reflns_shell.pdbx_Rrim_I_all                               ? 
_reflns_shell.pdbx_Rpim_I_all                               ? 
_reflns_shell.pdbx_rejects                                  ? 
_reflns_shell.pdbx_ordinal                                  1 
_reflns_shell.pdbx_diffrn_id                                1 
_reflns_shell.pdbx_CC_half                                  0.183 
_reflns_shell.pdbx_CC_star                                  ? 
_reflns_shell.pdbx_R_split                                  ? 
_reflns_shell.percent_possible_all                          ? 
_reflns_shell.Rmerge_I_all                                  ? 
_reflns_shell.Rmerge_I_obs                                  ? 
_reflns_shell.pdbx_Rsym_value                               ? 
_reflns_shell.pdbx_percent_possible_ellipsoidal             ? 
_reflns_shell.pdbx_percent_possible_spherical               ? 
_reflns_shell.pdbx_percent_possible_ellipsoidal_anomalous   ? 
_reflns_shell.pdbx_percent_possible_spherical_anomalous     ? 
_reflns_shell.pdbx_redundancy_anomalous                     ? 
_reflns_shell.pdbx_CC_half_anomalous                        ? 
_reflns_shell.pdbx_absDiff_over_sigma_anomalous             ? 
_reflns_shell.pdbx_percent_possible_anomalous               ? 
# 
_refine.aniso_B[1][1]                            ? 
_refine.aniso_B[1][2]                            ? 
_refine.aniso_B[1][3]                            ? 
_refine.aniso_B[2][2]                            ? 
_refine.aniso_B[2][3]                            ? 
_refine.aniso_B[3][3]                            ? 
_refine.B_iso_max                                ? 
_refine.B_iso_mean                               9.29 
_refine.B_iso_min                                ? 
_refine.correlation_coeff_Fo_to_Fc               ? 
_refine.correlation_coeff_Fo_to_Fc_free          ? 
_refine.details                                  ? 
_refine.diff_density_max                         ? 
_refine.diff_density_max_esd                     ? 
_refine.diff_density_min                         ? 
_refine.diff_density_min_esd                     ? 
_refine.diff_density_rms                         ? 
_refine.diff_density_rms_esd                     ? 
_refine.entry_id                                 9BZX 
_refine.pdbx_refine_id                           'X-RAY DIFFRACTION' 
_refine.ls_abs_structure_details                 ? 
_refine.ls_abs_structure_Flack                   ? 
_refine.ls_abs_structure_Flack_esd               ? 
_refine.ls_abs_structure_Rogers                  ? 
_refine.ls_abs_structure_Rogers_esd              ? 
_refine.ls_d_res_high                            1.34 
_refine.ls_d_res_low                             27.61 
_refine.ls_extinction_coef                       ? 
_refine.ls_extinction_coef_esd                   ? 
_refine.ls_extinction_expression                 ? 
_refine.ls_extinction_method                     ? 
_refine.ls_goodness_of_fit_all                   ? 
_refine.ls_goodness_of_fit_all_esd               ? 
_refine.ls_goodness_of_fit_obs                   ? 
_refine.ls_goodness_of_fit_obs_esd               ? 
_refine.ls_hydrogen_treatment                    ? 
_refine.ls_matrix_type                           ? 
_refine.ls_number_constraints                    ? 
_refine.ls_number_parameters                     ? 
_refine.ls_number_reflns_all                     ? 
_refine.ls_number_reflns_obs                     4466 
_refine.ls_number_reflns_R_free                  450 
_refine.ls_number_reflns_R_work                  4016 
_refine.ls_number_restraints                     ? 
_refine.ls_percent_reflns_obs                    90.98 
_refine.ls_percent_reflns_R_free                 10.08 
_refine.ls_R_factor_all                          ? 
_refine.ls_R_factor_obs                          0.1774 
_refine.ls_R_factor_R_free                       0.2269 
_refine.ls_R_factor_R_free_error                 ? 
_refine.ls_R_factor_R_free_error_details         ? 
_refine.ls_R_factor_R_work                       0.1718 
_refine.ls_R_Fsqd_factor_obs                     ? 
_refine.ls_R_I_factor_obs                        ? 
_refine.ls_redundancy_reflns_all                 ? 
_refine.ls_redundancy_reflns_obs                 ? 
_refine.ls_restrained_S_all                      ? 
_refine.ls_restrained_S_obs                      ? 
_refine.ls_shift_over_esd_max                    ? 
_refine.ls_shift_over_esd_mean                   ? 
_refine.ls_structure_factor_coef                 ? 
_refine.ls_weighting_details                     ? 
_refine.ls_weighting_scheme                      ? 
_refine.ls_wR_factor_all                         ? 
_refine.ls_wR_factor_obs                         ? 
_refine.ls_wR_factor_R_free                      ? 
_refine.ls_wR_factor_R_work                      ? 
_refine.occupancy_max                            ? 
_refine.occupancy_min                            ? 
_refine.solvent_model_details                    'FLAT BULK SOLVENT MODEL' 
_refine.solvent_model_param_bsol                 ? 
_refine.solvent_model_param_ksol                 ? 
_refine.pdbx_R_complete                          ? 
_refine.ls_R_factor_gt                           ? 
_refine.ls_goodness_of_fit_gt                    ? 
_refine.ls_goodness_of_fit_ref                   ? 
_refine.ls_shift_over_su_max                     ? 
_refine.ls_shift_over_su_max_lt                  ? 
_refine.ls_shift_over_su_mean                    ? 
_refine.ls_shift_over_su_mean_lt                 ? 
_refine.pdbx_ls_sigma_I                          ? 
_refine.pdbx_ls_sigma_F                          1.33 
_refine.pdbx_ls_sigma_Fsqd                       ? 
_refine.pdbx_data_cutoff_high_absF               ? 
_refine.pdbx_data_cutoff_high_rms_absF           ? 
_refine.pdbx_data_cutoff_low_absF                ? 
_refine.pdbx_isotropic_thermal_model             ? 
_refine.pdbx_ls_cross_valid_method               'FREE R-VALUE' 
_refine.pdbx_method_to_determine_struct          'MOLECULAR REPLACEMENT' 
_refine.pdbx_starting_model                      ? 
_refine.pdbx_stereochemistry_target_values       'GeoStd + Monomer Library + CDL v1.2' 
_refine.pdbx_R_Free_selection_details            ? 
_refine.pdbx_stereochem_target_val_spec_case     ? 
_refine.pdbx_overall_ESU_R                       ? 
_refine.pdbx_overall_ESU_R_Free                  ? 
_refine.pdbx_solvent_vdw_probe_radii             1.1000 
_refine.pdbx_solvent_ion_probe_radii             ? 
_refine.pdbx_solvent_shrinkage_radii             0.9000 
_refine.pdbx_real_space_R                        ? 
_refine.pdbx_density_correlation                 ? 
_refine.pdbx_pd_number_of_powder_patterns        ? 
_refine.pdbx_pd_number_of_points                 ? 
_refine.pdbx_pd_meas_number_of_points            ? 
_refine.pdbx_pd_proc_ls_prof_R_factor            ? 
_refine.pdbx_pd_proc_ls_prof_wR_factor           ? 
_refine.pdbx_pd_Marquardt_correlation_coeff      ? 
_refine.pdbx_pd_Fsqrd_R_factor                   ? 
_refine.pdbx_pd_ls_matrix_band_width             ? 
_refine.pdbx_overall_phase_error                 28.2079 
_refine.pdbx_overall_SU_R_free_Cruickshank_DPI   ? 
_refine.pdbx_overall_SU_R_free_Blow_DPI          ? 
_refine.pdbx_overall_SU_R_Blow_DPI               ? 
_refine.pdbx_TLS_residual_ADP_flag               ? 
_refine.pdbx_diffrn_id                           1 
_refine.overall_SU_B                             ? 
_refine.overall_SU_ML                            0.1365 
_refine.overall_SU_R_Cruickshank_DPI             ? 
_refine.overall_SU_R_free                        ? 
_refine.overall_FOM_free_R_set                   ? 
_refine.overall_FOM_work_R_set                   ? 
_refine.pdbx_average_fsc_overall                 ? 
_refine.pdbx_average_fsc_work                    ? 
_refine.pdbx_average_fsc_free                    ? 
# 
_refine_hist.pdbx_refine_id                   'X-RAY DIFFRACTION' 
_refine_hist.cycle_id                         LAST 
_refine_hist.details                          ? 
_refine_hist.d_res_high                       1.34 
_refine_hist.d_res_low                        27.61 
_refine_hist.number_atoms_solvent             1 
_refine_hist.number_atoms_total               265 
_refine_hist.number_reflns_all                ? 
_refine_hist.number_reflns_obs                ? 
_refine_hist.number_reflns_R_free             ? 
_refine_hist.number_reflns_R_work             ? 
_refine_hist.R_factor_all                     ? 
_refine_hist.R_factor_obs                     ? 
_refine_hist.R_factor_R_free                  ? 
_refine_hist.R_factor_R_work                  ? 
_refine_hist.pdbx_number_residues_total       ? 
_refine_hist.pdbx_B_iso_mean_ligand           ? 
_refine_hist.pdbx_B_iso_mean_solvent          ? 
_refine_hist.pdbx_number_atoms_protein        162 
_refine_hist.pdbx_number_atoms_nucleic_acid   0 
_refine_hist.pdbx_number_atoms_ligand         102 
_refine_hist.pdbx_number_atoms_lipid          ? 
_refine_hist.pdbx_number_atoms_carb           ? 
_refine_hist.pdbx_pseudo_atom_details         ? 
# 
loop_
_refine_ls_restr.pdbx_refine_id 
_refine_ls_restr.criterion 
_refine_ls_restr.dev_ideal 
_refine_ls_restr.dev_ideal_target 
_refine_ls_restr.number 
_refine_ls_restr.rejects 
_refine_ls_restr.type 
_refine_ls_restr.weight 
_refine_ls_restr.pdbx_restraint_function 
'X-RAY DIFFRACTION' ? 0.0098  ? 290 ? f_bond_d           ? ? 
'X-RAY DIFFRACTION' ? 1.8504  ? 394 ? f_angle_d          ? ? 
'X-RAY DIFFRACTION' ? 0.0521  ? 16  ? f_chiral_restr     ? ? 
'X-RAY DIFFRACTION' ? 0.0076  ? 43  ? f_plane_restr      ? ? 
'X-RAY DIFFRACTION' ? 35.1243 ? 38  ? f_dihedral_angle_d ? ? 
# 
loop_
_refine_ls_shell.pdbx_refine_id 
_refine_ls_shell.d_res_high 
_refine_ls_shell.d_res_low 
_refine_ls_shell.number_reflns_all 
_refine_ls_shell.number_reflns_obs 
_refine_ls_shell.number_reflns_R_free 
_refine_ls_shell.number_reflns_R_work 
_refine_ls_shell.percent_reflns_obs 
_refine_ls_shell.percent_reflns_R_free 
_refine_ls_shell.R_factor_all 
_refine_ls_shell.R_factor_obs 
_refine_ls_shell.R_factor_R_free_error 
_refine_ls_shell.R_factor_R_work 
_refine_ls_shell.redundancy_reflns_all 
_refine_ls_shell.redundancy_reflns_obs 
_refine_ls_shell.wR_factor_all 
_refine_ls_shell.wR_factor_obs 
_refine_ls_shell.wR_factor_R_free 
_refine_ls_shell.wR_factor_R_work 
_refine_ls_shell.pdbx_R_complete 
_refine_ls_shell.pdbx_total_number_of_bins_used 
_refine_ls_shell.pdbx_phase_error 
_refine_ls_shell.pdbx_fsc_work 
_refine_ls_shell.pdbx_fsc_free 
_refine_ls_shell.R_factor_R_free 
'X-RAY DIFFRACTION' 1.34 1.53  . . 117 1071 73.74 . . . . 0.2013 . . . . . . . . . . . 0.2838 
'X-RAY DIFFRACTION' 1.53 1.93  . . 165 1457 99.75 . . . . 0.1732 . . . . . . . . . . . 0.2256 
'X-RAY DIFFRACTION' 1.93 27.61 . . 168 1488 99.04 . . . . 0.1635 . . . . . . . . . . . 0.2139 
# 
_struct.entry_id                     9BZX 
_struct.title                        'UIC-1 peptide bound with o-xylene' 
_struct.pdbx_model_details           ? 
_struct.pdbx_formula_weight          ? 
_struct.pdbx_formula_weight_method   ? 
_struct.pdbx_model_type_details      ? 
_struct.pdbx_CASP_flag               N 
# 
_struct_keywords.entry_id        9BZX 
_struct_keywords.text            'synthetic construct, DE NOVO PROTEIN' 
_struct_keywords.pdbx_keywords   'DE NOVO PROTEIN' 
# 
loop_
_struct_asym.id 
_struct_asym.pdbx_blank_PDB_chainid_flag 
_struct_asym.pdbx_modified 
_struct_asym.entity_id 
_struct_asym.details 
A N N 1 ? 
B N N 1 ? 
C N N 2 ? 
D N N 3 ? 
E N N 4 ? 
F N N 4 ? 
G N N 4 ? 
H N N 2 ? 
I N N 3 ? 
J N N 4 ? 
K N N 4 ? 
L N N 4 ? 
M N N 4 ? 
N N N 4 ? 
O N N 5 ? 
# 
_struct_ref.id                         1 
_struct_ref.db_name                    PDB 
_struct_ref.db_code                    9BZX 
_struct_ref.pdbx_db_accession          9BZX 
_struct_ref.pdbx_db_isoform            ? 
_struct_ref.entity_id                  1 
_struct_ref.pdbx_seq_one_letter_code   ? 
_struct_ref.pdbx_align_begin           1 
# 
loop_
_struct_ref_seq.align_id 
_struct_ref_seq.ref_id 
_struct_ref_seq.pdbx_PDB_id_code 
_struct_ref_seq.pdbx_strand_id 
_struct_ref_seq.seq_align_beg 
_struct_ref_seq.pdbx_seq_align_beg_ins_code 
_struct_ref_seq.seq_align_end 
_struct_ref_seq.pdbx_seq_align_end_ins_code 
_struct_ref_seq.pdbx_db_accession 
_struct_ref_seq.db_align_beg 
_struct_ref_seq.pdbx_db_align_beg_ins_code 
_struct_ref_seq.db_align_end 
_struct_ref_seq.pdbx_db_align_end_ins_code 
_struct_ref_seq.pdbx_auth_seq_align_beg 
_struct_ref_seq.pdbx_auth_seq_align_end 
1 1 9BZX A 1 ? 9 ? 9BZX 2 ? 10 ? 2 10 
2 1 9BZX B 1 ? 9 ? 9BZX 2 ? 10 ? 2 10 
# 
loop_
_pdbx_struct_assembly.id 
_pdbx_struct_assembly.details 
_pdbx_struct_assembly.method_details 
_pdbx_struct_assembly.oligomeric_details 
_pdbx_struct_assembly.oligomeric_count 
1 author_and_software_defined_assembly PISA monomeric 1 
2 author_and_software_defined_assembly PISA monomeric 1 
# 
loop_
_pdbx_struct_assembly_gen.assembly_id 
_pdbx_struct_assembly_gen.oper_expression 
_pdbx_struct_assembly_gen.asym_id_list 
1 1 A,C,D,E,F,G,O   
2 1 B,H,I,J,K,L,M,N 
# 
_pdbx_struct_oper_list.id                   1 
_pdbx_struct_oper_list.type                 'identity operation' 
_pdbx_struct_oper_list.name                 1_555 
_pdbx_struct_oper_list.symmetry_operation   x,y,z 
_pdbx_struct_oper_list.matrix[1][1]         1.0000000000 
_pdbx_struct_oper_list.matrix[1][2]         0.0000000000 
_pdbx_struct_oper_list.matrix[1][3]         0.0000000000 
_pdbx_struct_oper_list.vector[1]            0.0000000000 
_pdbx_struct_oper_list.matrix[2][1]         0.0000000000 
_pdbx_struct_oper_list.matrix[2][2]         1.0000000000 
_pdbx_struct_oper_list.matrix[2][3]         0.0000000000 
_pdbx_struct_oper_list.vector[2]            0.0000000000 
_pdbx_struct_oper_list.matrix[3][1]         0.0000000000 
_pdbx_struct_oper_list.matrix[3][2]         0.0000000000 
_pdbx_struct_oper_list.matrix[3][3]         1.0000000000 
_pdbx_struct_oper_list.vector[3]            0.0000000000 
# 
loop_
_struct_conf.conf_type_id 
_struct_conf.id 
_struct_conf.pdbx_PDB_helix_id 
_struct_conf.beg_label_comp_id 
_struct_conf.beg_label_asym_id 
_struct_conf.beg_label_seq_id 
_struct_conf.pdbx_beg_PDB_ins_code 
_struct_conf.end_label_comp_id 
_struct_conf.end_label_asym_id 
_struct_conf.end_label_seq_id 
_struct_conf.pdbx_end_PDB_ins_code 
_struct_conf.beg_auth_comp_id 
_struct_conf.beg_auth_asym_id 
_struct_conf.beg_auth_seq_id 
_struct_conf.end_auth_comp_id 
_struct_conf.end_auth_asym_id 
_struct_conf.end_auth_seq_id 
_struct_conf.pdbx_PDB_helix_class 
_struct_conf.details 
_struct_conf.pdbx_PDB_helix_length 
HELX_P HELX_P1 AA1 LEU A 1 ? GLN A 7 ? LEU A 2 GLN A 8 1 ? 7 
HELX_P HELX_P2 AA2 AIB B 2 ? GLN B 7 ? AIB B 3 GLN B 8 1 ? 6 
# 
_struct_conf_type.id          HELX_P 
_struct_conf_type.criteria    ? 
_struct_conf_type.reference   ? 
# 
loop_
_struct_conn.id 
_struct_conn.conn_type_id 
_struct_conn.pdbx_leaving_atom_flag 
_struct_conn.pdbx_PDB_id 
_struct_conn.ptnr1_label_asym_id 
_struct_conn.ptnr1_label_comp_id 
_struct_conn.ptnr1_label_seq_id 
_struct_conn.ptnr1_label_atom_id 
_struct_conn.pdbx_ptnr1_label_alt_id 
_struct_conn.pdbx_ptnr1_PDB_ins_code 
_struct_conn.pdbx_ptnr1_standard_comp_id 
_struct_conn.ptnr1_symmetry 
_struct_conn.ptnr2_label_asym_id 
_struct_conn.ptnr2_label_comp_id 
_struct_conn.ptnr2_label_seq_id 
_struct_conn.ptnr2_label_atom_id 
_struct_conn.pdbx_ptnr2_label_alt_id 
_struct_conn.pdbx_ptnr2_PDB_ins_code 
_struct_conn.ptnr1_auth_asym_id 
_struct_conn.ptnr1_auth_comp_id 
_struct_conn.ptnr1_auth_seq_id 
_struct_conn.ptnr2_auth_asym_id 
_struct_conn.ptnr2_auth_comp_id 
_struct_conn.ptnr2_auth_seq_id 
_struct_conn.ptnr2_symmetry 
_struct_conn.pdbx_ptnr3_label_atom_id 
_struct_conn.pdbx_ptnr3_label_seq_id 
_struct_conn.pdbx_ptnr3_label_comp_id 
_struct_conn.pdbx_ptnr3_label_asym_id 
_struct_conn.pdbx_ptnr3_label_alt_id 
_struct_conn.pdbx_ptnr3_PDB_ins_code 
_struct_conn.details 
_struct_conn.pdbx_dist_value 
_struct_conn.pdbx_value_order 
_struct_conn.pdbx_role 
covale1  covale both ? A LEU 1 C ? ? ? 1_555 A AIB 2 N   ? ? A LEU 2  A AIB 3   1_555 ? ? ? ? ? ? ? 1.331 ? ? 
covale2  covale both ? A LEU 1 N ? ? ? 1_555 D I6W . C02 ? ? A LEU 2  A I6W 102 1_555 ? ? ? ? ? ? ? 1.425 ? ? 
covale3  covale both ? A AIB 2 C ? ? ? 1_555 A ALA 3 N   ? ? A AIB 3  A ALA 4   1_555 ? ? ? ? ? ? ? 1.330 ? ? 
covale4  covale both ? A ALA 3 C ? ? ? 1_555 A AIB 4 N   ? ? A ALA 4  A AIB 5   1_555 ? ? ? ? ? ? ? 1.328 ? ? 
covale5  covale both ? A AIB 4 C ? ? ? 1_555 A LEU 5 N   ? ? A AIB 5  A LEU 6   1_555 ? ? ? ? ? ? ? 1.337 ? ? 
covale6  covale both ? A LEU 5 C ? ? ? 1_555 A AIB 6 N   ? ? A LEU 6  A AIB 7   1_555 ? ? ? ? ? ? ? 1.325 ? ? 
covale7  covale both ? A AIB 6 C ? ? ? 1_555 A GLN 7 N   ? ? A AIB 7  A GLN 8   1_555 ? ? ? ? ? ? ? 1.331 ? ? 
covale8  covale both ? A GLN 7 C ? ? ? 1_555 A AIB 8 N   ? ? A GLN 8  A AIB 9   1_555 ? ? ? ? ? ? ? 1.333 ? ? 
covale9  covale both ? A AIB 8 C ? ? ? 1_555 A LEU 9 N   ? ? A AIB 9  A LEU 10  1_555 ? ? ? ? ? ? ? 1.336 ? ? 
covale10 covale both ? A LEU 9 C ? ? ? 1_555 C I77 . N15 ? ? A LEU 10 A I77 101 1_555 ? ? ? ? ? ? ? 1.422 ? ? 
covale11 covale both ? B LEU 1 C ? ? ? 1_555 B AIB 2 N   ? ? B LEU 2  B AIB 3   1_555 ? ? ? ? ? ? ? 1.332 ? ? 
covale12 covale both ? B LEU 1 N ? ? ? 1_555 I I6W . C02 ? ? B LEU 2  B I6W 102 1_555 ? ? ? ? ? ? ? 1.426 ? ? 
covale13 covale both ? B AIB 2 C ? ? ? 1_555 B ALA 3 N   ? ? B AIB 3  B ALA 4   1_555 ? ? ? ? ? ? ? 1.332 ? ? 
covale14 covale both ? B ALA 3 C ? ? ? 1_555 B AIB 4 N   ? ? B ALA 4  B AIB 5   1_555 ? ? ? ? ? ? ? 1.320 ? ? 
covale15 covale both ? B AIB 4 C ? ? ? 1_555 B LEU 5 N   ? ? B AIB 5  B LEU 6   1_555 ? ? ? ? ? ? ? 1.333 ? ? 
covale16 covale both ? B LEU 5 C ? ? ? 1_555 B AIB 6 N   ? ? B LEU 6  B AIB 7   1_555 ? ? ? ? ? ? ? 1.334 ? ? 
covale17 covale both ? B AIB 6 C ? ? ? 1_555 B GLN 7 N   ? ? B AIB 7  B GLN 8   1_555 ? ? ? ? ? ? ? 1.329 ? ? 
covale18 covale both ? B GLN 7 C ? ? ? 1_555 B AIB 8 N   ? ? B GLN 8  B AIB 9   1_555 ? ? ? ? ? ? ? 1.330 ? ? 
covale19 covale both ? B AIB 8 C ? ? ? 1_555 B LEU 9 N   ? ? B AIB 9  B LEU 10  1_555 ? ? ? ? ? ? ? 1.331 ? ? 
covale20 covale both ? B LEU 9 C ? ? ? 1_555 H I77 . N15 ? ? B LEU 10 B I77 101 1_555 ? ? ? ? ? ? ? 1.422 ? ? 
# 
_struct_conn_type.id          covale 
_struct_conn_type.criteria    ? 
_struct_conn_type.reference   ? 
# 
loop_
_pdbx_modification_feature.ordinal 
_pdbx_modification_feature.label_comp_id 
_pdbx_modification_feature.label_asym_id 
_pdbx_modification_feature.label_seq_id 
_pdbx_modification_feature.label_alt_id 
_pdbx_modification_feature.modified_residue_label_comp_id 
_pdbx_modification_feature.modified_residue_label_asym_id 
_pdbx_modification_feature.modified_residue_label_seq_id 
_pdbx_modification_feature.modified_residue_label_alt_id 
_pdbx_modification_feature.auth_comp_id 
_pdbx_modification_feature.auth_asym_id 
_pdbx_modification_feature.auth_seq_id 
_pdbx_modification_feature.PDB_ins_code 
_pdbx_modification_feature.symmetry 
_pdbx_modification_feature.modified_residue_auth_comp_id 
_pdbx_modification_feature.modified_residue_auth_asym_id 
_pdbx_modification_feature.modified_residue_auth_seq_id 
_pdbx_modification_feature.modified_residue_PDB_ins_code 
_pdbx_modification_feature.modified_residue_symmetry 
_pdbx_modification_feature.comp_id_linking_atom 
_pdbx_modification_feature.modified_residue_id_linking_atom 
_pdbx_modification_feature.modified_residue_id 
_pdbx_modification_feature.ref_pcm_id 
_pdbx_modification_feature.ref_comp_id 
_pdbx_modification_feature.type 
_pdbx_modification_feature.category 
1  AIB A 2 ? .   . . . AIB A 3   ? 1_555 .   . .  . .     .   . ALA 1 AIB Methylation 'Named protein modification'     
2  AIB A 4 ? .   . . . AIB A 5   ? 1_555 .   . .  . .     .   . ALA 1 AIB Methylation 'Named protein modification'     
3  AIB A 6 ? .   . . . AIB A 7   ? 1_555 .   . .  . .     .   . ALA 1 AIB Methylation 'Named protein modification'     
4  AIB A 8 ? .   . . . AIB A 9   ? 1_555 .   . .  . .     .   . ALA 1 AIB Methylation 'Named protein modification'     
5  AIB B 2 ? .   . . . AIB B 3   ? 1_555 .   . .  . .     .   . ALA 1 AIB Methylation 'Named protein modification'     
6  AIB B 4 ? .   . . . AIB B 5   ? 1_555 .   . .  . .     .   . ALA 1 AIB Methylation 'Named protein modification'     
7  AIB B 6 ? .   . . . AIB B 7   ? 1_555 .   . .  . .     .   . ALA 1 AIB Methylation 'Named protein modification'     
8  AIB B 8 ? .   . . . AIB B 9   ? 1_555 .   . .  . .     .   . ALA 1 AIB Methylation 'Named protein modification'     
9  I77 C . ? LEU A 9 ? I77 A 101 ? 1_555 LEU A 10 ? 1_555 N15 C LEU 1 I77 None        'Covalent chemical modification' 
10 I6W D . ? LEU A 1 ? I6W A 102 ? 1_555 LEU A 2  ? 1_555 C02 N LEU 1 I6W None        'Covalent chemical modification' 
11 I77 H . ? LEU B 9 ? I77 B 101 ? 1_555 LEU B 10 ? 1_555 N15 C LEU 1 I77 None        'Covalent chemical modification' 
12 I6W I . ? LEU B 1 ? I6W B 102 ? 1_555 LEU B 2  ? 1_555 C02 N LEU 1 I6W None        'Covalent chemical modification' 
# 
_pdbx_entry_details.entry_id                   9BZX 
_pdbx_entry_details.has_ligand_of_interest     Y 
_pdbx_entry_details.compound_details           ? 
_pdbx_entry_details.source_details             ? 
_pdbx_entry_details.nonpolymer_details         ? 
_pdbx_entry_details.sequence_details           ? 
_pdbx_entry_details.has_protein_modification   Y 
# 
loop_
_space_group_symop.id 
_space_group_symop.operation_xyz 
1 x,y,z       
2 -x,y+1/2,-z 
# 
loop_
_chem_comp_atom.comp_id 
_chem_comp_atom.atom_id 
_chem_comp_atom.type_symbol 
_chem_comp_atom.pdbx_aromatic_flag 
_chem_comp_atom.pdbx_stereo_config 
_chem_comp_atom.pdbx_ordinal 
AIB N      N N N 1   
AIB CA     C N N 2   
AIB C      C N N 3   
AIB O      O N N 4   
AIB OXT    O N N 5   
AIB CB1    C N N 6   
AIB CB2    C N N 7   
AIB H      H N N 8   
AIB H2     H N N 9   
AIB HXT    H N N 10  
AIB HB11   H N N 11  
AIB HB12   H N N 12  
AIB HB13   H N N 13  
AIB HB21   H N N 14  
AIB HB22   H N N 15  
AIB HB23   H N N 16  
ALA N      N N N 17  
ALA CA     C N S 18  
ALA C      C N N 19  
ALA O      O N N 20  
ALA CB     C N N 21  
ALA OXT    O N N 22  
ALA H      H N N 23  
ALA H2     H N N 24  
ALA HA     H N N 25  
ALA HB1    H N N 26  
ALA HB2    H N N 27  
ALA HB3    H N N 28  
ALA HXT    H N N 29  
GLN N      N N N 30  
GLN CA     C N S 31  
GLN C      C N N 32  
GLN O      O N N 33  
GLN CB     C N N 34  
GLN CG     C N N 35  
GLN CD     C N N 36  
GLN OE1    O N N 37  
GLN NE2    N N N 38  
GLN OXT    O N N 39  
GLN H      H N N 40  
GLN H2     H N N 41  
GLN HA     H N N 42  
GLN HB2    H N N 43  
GLN HB3    H N N 44  
GLN HG2    H N N 45  
GLN HG3    H N N 46  
GLN HE21   H N N 47  
GLN HE22   H N N 48  
GLN HXT    H N N 49  
HOH O      O N N 50  
HOH H1     H N N 51  
HOH H2     H N N 52  
I6W C05    C Y N 53  
I6W C08    C Y N 54  
I6W C09    C Y N 55  
I6W N10    N Y N 56  
I6W C02    C N N 57  
I6W C03    C Y N 58  
I6W C04    C Y N 59  
I6W C06    C Y N 60  
I6W C11    C Y N 61  
I6W C12    C Y N 62  
I6W C13    C N N 63  
I6W C15    C N N 64  
I6W C16    C N N 65  
I6W C18    C Y N 66  
I6W C19    C Y N 67  
I6W N07    N Y N 68  
I6W O01    O N N 69  
I6W O14    O N N 70  
I6W O17    O N N 71  
I6W H051   H N N 72  
I6W H041   H N N 73  
I6W H061   H N N 74  
I6W H111   H N N 75  
I6W H152   H N N 76  
I6W H151   H N N 77  
I6W H162   H N N 78  
I6W H163   H N N 79  
I6W H161   H N N 80  
I6W H181   H N N 81  
I6W H191   H N N 82  
I6W OXT    O N N 83  
I6W HXT    H N N 84  
I77 C11    C Y N 85  
I77 C12    C Y N 86  
I77 C13    C N N 87  
I77 C17    C Y N 88  
I77 C18    C Y N 89  
I77 C02    C N N 90  
I77 C03    C Y N 91  
I77 C04    C Y N 92  
I77 C05    C Y N 93  
I77 C06    C Y N 94  
I77 C08    C Y N 95  
I77 C09    C Y N 96  
I77 N01    N N N 97  
I77 N07    N Y N 98  
I77 N10    N Y N 99  
I77 N14    N N N 100 
I77 N15    N N N 101 
I77 O16    O N N 102 
I77 O19    O N N 103 
I77 H111   H N N 104 
I77 H171   H N N 105 
I77 H181   H N N 106 
I77 H041   H N N 107 
I77 H051   H N N 108 
I77 H061   H N N 109 
I77 H011   H N N 110 
I77 H012   H N N 111 
I77 H141   H N N 112 
I77 H1     H N N 113 
I77 H2     H N N 114 
LEU N      N N N 115 
LEU CA     C N S 116 
LEU C      C N N 117 
LEU O      O N N 118 
LEU CB     C N N 119 
LEU CG     C N N 120 
LEU CD1    C N N 121 
LEU CD2    C N N 122 
LEU OXT    O N N 123 
LEU H      H N N 124 
LEU H2     H N N 125 
LEU HA     H N N 126 
LEU HB2    H N N 127 
LEU HB3    H N N 128 
LEU HG     H N N 129 
LEU HD11   H N N 130 
LEU HD12   H N N 131 
LEU HD13   H N N 132 
LEU HD21   H N N 133 
LEU HD22   H N N 134 
LEU HD23   H N N 135 
LEU HXT    H N N 136 
OXE C1     C Y N 137 
OXE C2     C Y N 138 
OXE C3     C Y N 139 
OXE C4     C Y N 140 
OXE C5     C Y N 141 
OXE C6     C Y N 142 
OXE "C1'"  C N N 143 
OXE "C2'"  C N N 144 
OXE H3     H N N 145 
OXE H4     H N N 146 
OXE H5     H N N 147 
OXE H6     H N N 148 
OXE "H1'1" H N N 149 
OXE "H1'2" H N N 150 
OXE "H1'3" H N N 151 
OXE "H2'1" H N N 152 
OXE "H2'2" H N N 153 
OXE "H2'3" H N N 154 
# 
loop_
_chem_comp_bond.comp_id 
_chem_comp_bond.atom_id_1 
_chem_comp_bond.atom_id_2 
_chem_comp_bond.value_order 
_chem_comp_bond.pdbx_aromatic_flag 
_chem_comp_bond.pdbx_stereo_config 
_chem_comp_bond.pdbx_ordinal 
AIB N     CA     sing N N 1   
AIB N     H      sing N N 2   
AIB N     H2     sing N N 3   
AIB CA    C      sing N N 4   
AIB CA    CB1    sing N N 5   
AIB CA    CB2    sing N N 6   
AIB C     O      doub N N 7   
AIB C     OXT    sing N N 8   
AIB OXT   HXT    sing N N 9   
AIB CB1   HB11   sing N N 10  
AIB CB1   HB12   sing N N 11  
AIB CB1   HB13   sing N N 12  
AIB CB2   HB21   sing N N 13  
AIB CB2   HB22   sing N N 14  
AIB CB2   HB23   sing N N 15  
ALA N     CA     sing N N 16  
ALA N     H      sing N N 17  
ALA N     H2     sing N N 18  
ALA CA    C      sing N N 19  
ALA CA    CB     sing N N 20  
ALA CA    HA     sing N N 21  
ALA C     O      doub N N 22  
ALA C     OXT    sing N N 23  
ALA CB    HB1    sing N N 24  
ALA CB    HB2    sing N N 25  
ALA CB    HB3    sing N N 26  
ALA OXT   HXT    sing N N 27  
GLN N     CA     sing N N 28  
GLN N     H      sing N N 29  
GLN N     H2     sing N N 30  
GLN CA    C      sing N N 31  
GLN CA    CB     sing N N 32  
GLN CA    HA     sing N N 33  
GLN C     O      doub N N 34  
GLN C     OXT    sing N N 35  
GLN CB    CG     sing N N 36  
GLN CB    HB2    sing N N 37  
GLN CB    HB3    sing N N 38  
GLN CG    CD     sing N N 39  
GLN CG    HG2    sing N N 40  
GLN CG    HG3    sing N N 41  
GLN CD    OE1    doub N N 42  
GLN CD    NE2    sing N N 43  
GLN NE2   HE21   sing N N 44  
GLN NE2   HE22   sing N N 45  
GLN OXT   HXT    sing N N 46  
HOH O     H1     sing N N 47  
HOH O     H2     sing N N 48  
I6W O01   C02    doub N N 49  
I6W C02   C03    sing N N 50  
I6W C03   C06    doub Y N 51  
I6W C03   C04    sing Y N 52  
I6W C06   N07    sing Y N 53  
I6W C04   C05    doub Y N 54  
I6W N07   C08    doub Y N 55  
I6W C05   C08    sing Y N 56  
I6W C08   C09    sing N N 57  
I6W C09   C19    doub Y N 58  
I6W C09   N10    sing Y N 59  
I6W C19   C18    sing Y N 60  
I6W N10   C11    doub Y N 61  
I6W C18   C12    doub Y N 62  
I6W C11   C12    sing Y N 63  
I6W C12   C13    sing N N 64  
I6W C13   O17    doub N N 65  
I6W C13   O14    sing N N 66  
I6W O14   C15    sing N N 67  
I6W C15   C16    sing N N 68  
I6W C05   H051   sing N N 69  
I6W C04   H041   sing N N 70  
I6W C06   H061   sing N N 71  
I6W C11   H111   sing N N 72  
I6W C15   H152   sing N N 73  
I6W C15   H151   sing N N 74  
I6W C16   H162   sing N N 75  
I6W C16   H163   sing N N 76  
I6W C16   H161   sing N N 77  
I6W C18   H181   sing N N 78  
I6W C19   H191   sing N N 79  
I6W C02   OXT    sing N N 80  
I6W OXT   HXT    sing N N 81  
I77 N15   N14    sing N N 82  
I77 O16   C13    doub N N 83  
I77 N14   C13    sing N N 84  
I77 C13   C12    sing N N 85  
I77 C12   C17    doub Y N 86  
I77 C12   C11    sing Y N 87  
I77 C17   C18    sing Y N 88  
I77 C11   N10    doub Y N 89  
I77 C18   C09    doub Y N 90  
I77 N10   C09    sing Y N 91  
I77 C09   C08    sing N N 92  
I77 C08   N07    doub Y N 93  
I77 C08   C05    sing Y N 94  
I77 N07   C06    sing Y N 95  
I77 C05   C04    doub Y N 96  
I77 C06   C03    doub Y N 97  
I77 C04   C03    sing Y N 98  
I77 C03   C02    sing N N 99  
I77 C02   N01    sing N N 100 
I77 C02   O19    doub N N 101 
I77 C11   H111   sing N N 102 
I77 C17   H171   sing N N 103 
I77 C18   H181   sing N N 104 
I77 C04   H041   sing N N 105 
I77 C05   H051   sing N N 106 
I77 C06   H061   sing N N 107 
I77 N01   H011   sing N N 108 
I77 N01   H012   sing N N 109 
I77 N14   H141   sing N N 110 
I77 N15   H1     sing N N 111 
I77 N15   H2     sing N N 112 
LEU N     CA     sing N N 113 
LEU N     H      sing N N 114 
LEU N     H2     sing N N 115 
LEU CA    C      sing N N 116 
LEU CA    CB     sing N N 117 
LEU CA    HA     sing N N 118 
LEU C     O      doub N N 119 
LEU C     OXT    sing N N 120 
LEU CB    CG     sing N N 121 
LEU CB    HB2    sing N N 122 
LEU CB    HB3    sing N N 123 
LEU CG    CD1    sing N N 124 
LEU CG    CD2    sing N N 125 
LEU CG    HG     sing N N 126 
LEU CD1   HD11   sing N N 127 
LEU CD1   HD12   sing N N 128 
LEU CD1   HD13   sing N N 129 
LEU CD2   HD21   sing N N 130 
LEU CD2   HD22   sing N N 131 
LEU CD2   HD23   sing N N 132 
LEU OXT   HXT    sing N N 133 
OXE C1    C2     doub Y N 134 
OXE C1    C6     sing Y N 135 
OXE C1    "C1'"  sing N N 136 
OXE C2    C3     sing Y N 137 
OXE C2    "C2'"  sing N N 138 
OXE C3    C4     doub Y N 139 
OXE C3    H3     sing N N 140 
OXE C4    C5     sing Y N 141 
OXE C4    H4     sing N N 142 
OXE C5    C6     doub Y N 143 
OXE C5    H5     sing N N 144 
OXE C6    H6     sing N N 145 
OXE "C1'" "H1'1" sing N N 146 
OXE "C1'" "H1'2" sing N N 147 
OXE "C1'" "H1'3" sing N N 148 
OXE "C2'" "H2'1" sing N N 149 
OXE "C2'" "H2'2" sing N N 150 
OXE "C2'" "H2'3" sing N N 151 
# 
_pdbx_audit_support.funding_organization   'Department of Energy (DOE, United States)' 
_pdbx_audit_support.country                'United States' 
_pdbx_audit_support.grant_number           DE-AC02-06CH11357 
_pdbx_audit_support.ordinal                1 
# 
_pdbx_initial_refinement_model.id               1 
_pdbx_initial_refinement_model.entity_id_list   ? 
_pdbx_initial_refinement_model.type             'experimental model' 
_pdbx_initial_refinement_model.source_name      PDB 
_pdbx_initial_refinement_model.accession_code   7TLS 
_pdbx_initial_refinement_model.details          ? 
# 
_space_group.name_H-M_alt     'P 1 21 1' 
_space_group.name_Hall        'P 2yb' 
_space_group.IT_number        4 
_space_group.crystal_system   monoclinic 
_space_group.id               1 
# 
_atom_sites.entry_id                    9BZX 
_atom_sites.Cartn_transf_matrix[1][1]   ? 
_atom_sites.Cartn_transf_matrix[1][2]   ? 
_atom_sites.Cartn_transf_matrix[1][3]   ? 
_atom_sites.Cartn_transf_matrix[2][1]   ? 
_atom_sites.Cartn_transf_matrix[2][2]   ? 
_atom_sites.Cartn_transf_matrix[2][3]   ? 
_atom_sites.Cartn_transf_matrix[3][1]   ? 
_atom_sites.Cartn_transf_matrix[3][2]   ? 
_atom_sites.Cartn_transf_matrix[3][3]   ? 
_atom_sites.Cartn_transf_vector[1]      ? 
_atom_sites.Cartn_transf_vector[2]      ? 
_atom_sites.Cartn_transf_vector[3]      ? 
_atom_sites.Cartn_transform_axes        ? 
_atom_sites.fract_transf_matrix[1][1]   0.04708107 
_atom_sites.fract_transf_matrix[1][2]   0.00351151 
_atom_sites.fract_transf_matrix[1][3]   -0.05471952 
_atom_sites.fract_transf_matrix[2][1]   -0.01465207 
_atom_sites.fract_transf_matrix[2][2]   0.07156932 
_atom_sites.fract_transf_matrix[2][3]   -0.00801393 
_atom_sites.fract_transf_matrix[3][1]   0.01448757 
_atom_sites.fract_transf_matrix[3][2]   0.00409352 
_atom_sites.fract_transf_matrix[3][3]   0.01006966 
_atom_sites.fract_transf_vector[1]      -0.511935 
_atom_sites.fract_transf_vector[2]      0.176638 
_atom_sites.fract_transf_vector[3]      -0.249467 
_atom_sites.solution_primary            ? 
_atom_sites.solution_secondary          ? 
_atom_sites.solution_hydrogens          ? 
_atom_sites.special_details             ? 
# 
loop_
_atom_type.symbol 
_atom_type.scat_dispersion_real 
_atom_type.scat_dispersion_imag 
_atom_type.scat_Cromer_Mann_a1 
_atom_type.scat_Cromer_Mann_a2 
_atom_type.scat_Cromer_Mann_a3 
_atom_type.scat_Cromer_Mann_a4 
_atom_type.scat_Cromer_Mann_b1 
_atom_type.scat_Cromer_Mann_b2 
_atom_type.scat_Cromer_Mann_b3 
_atom_type.scat_Cromer_Mann_b4 
_atom_type.scat_Cromer_Mann_c 
_atom_type.scat_source 
_atom_type.scat_dispersion_source 
C ? ? 3.54356 2.42580 ? ? 25.62398 1.50364 ? ? 0.0 
;2-Gaussian fit: Grosse-Kunstleve RW, Sauter NK, Adams PD: Newsletter of the IUCr Commission on Crystallographic Computing 2004, 3, 22-31.
;
? 
H ? ? 0.51345 0.48472 ? ? 24.73122 6.32584 ? ? 0.0 
;2-Gaussian fit: Grosse-Kunstleve RW, Sauter NK, Adams PD: Newsletter of the IUCr Commission on Crystallographic Computing 2004, 3, 22-31.
;
? 
N ? ? 4.01032 2.96436 ? ? 19.97189 1.75589 ? ? 0.0 
;2-Gaussian fit: Grosse-Kunstleve RW, Sauter NK, Adams PD: Newsletter of the IUCr Commission on Crystallographic Computing 2004, 3, 22-31.
;
? 
O ? ? 4.49882 3.47563 ? ? 15.80542 1.70748 ? ? 0.0 
;2-Gaussian fit: Grosse-Kunstleve RW, Sauter NK, Adams PD: Newsletter of the IUCr Commission on Crystallographic Computing 2004, 3, 22-31.
;
? 
# 
loop_
_atom_site.group_PDB 
_atom_site.id 
_atom_site.type_symbol 
_atom_site.label_atom_id 
_atom_site.label_alt_id 
_atom_site.label_comp_id 
_atom_site.label_asym_id 
_atom_site.label_entity_id 
_atom_site.label_seq_id 
_atom_site.pdbx_PDB_ins_code 
_atom_site.Cartn_x 
_atom_site.Cartn_y 
_atom_site.Cartn_z 
_atom_site.occupancy 
_atom_site.B_iso_or_equiv 
_atom_site.pdbx_formal_charge 
_atom_site.auth_seq_id 
_atom_site.auth_comp_id 
_atom_site.auth_asym_id 
_atom_site.auth_atom_id 
_atom_site.pdbx_PDB_model_num 
ATOM   1   N N      . LEU A 1 1 ? -8.25990  2.54725  -1.37647  1.000 4.51655  ? 2   LEU A N      1 
ATOM   2   C CA     . LEU A 1 1 ? -6.92150  2.73509  -0.84850  1.000 5.05296  ? 2   LEU A CA     1 
ATOM   3   C C      . LEU A 1 1 ? -6.10172  1.44217  -0.89093  1.000 2.76337  ? 2   LEU A C      1 
ATOM   4   O O      . LEU A 1 1 ? -4.97516  1.40540  -1.41041  1.000 4.30771  ? 2   LEU A O      1 
ATOM   5   C CB     . LEU A 1 1 ? -7.01342  3.28394  0.56837   1.000 5.82860  ? 2   LEU A CB     1 
ATOM   6   C CG     . LEU A 1 1 ? -5.70595  3.40777  1.34255   1.000 4.98112  ? 2   LEU A CG     1 
ATOM   7   C CD1    . LEU A 1 1 ? -4.70760  4.25299  0.56189   1.000 7.76456  ? 2   LEU A CD1    1 
ATOM   8   C CD2    . LEU A 1 1 ? -5.96353  3.98299  2.72783   1.000 4.48818  ? 2   LEU A CD2    1 
ATOM   9   H H1     . LEU A 1 1 ? -8.88296  2.63300  -0.78620  1.000 5.57019  ? 2   LEU A H1     1 
ATOM   10  H HA     . LEU A 1 1 ? -6.44218  3.37611  -1.39645  1.000 6.21387  ? 2   LEU A HA     1 
ATOM   11  H HB2    . LEU A 1 1 ? -7.40050  4.17209  0.52091   1.000 7.14465  ? 2   LEU A HB2    1 
ATOM   12  H HB3    . LEU A 1 1 ? -7.59180  2.69686  1.07995   1.000 7.14465  ? 2   LEU A HB3    1 
ATOM   13  H HG     . LEU A 1 1 ? -5.31314  2.52888  1.46159   1.000 6.12767  ? 2   LEU A HG     1 
ATOM   14  H HD11   . LEU A 1 1 ? -3.96698  4.48481  1.14382   1.000 9.46780  ? 2   LEU A HD11   1 
ATOM   15  H HD12   . LEU A 1 1 ? -4.38495  3.74093  -0.19612  1.000 9.46780  ? 2   LEU A HD12   1 
ATOM   16  H HD13   . LEU A 1 1 ? -5.14996  5.05889  0.25248   1.000 9.46780  ? 2   LEU A HD13   1 
ATOM   17  H HD21   . LEU A 1 1 ? -5.14813  3.92594  3.25011   1.000 5.53614  ? 2   LEU A HD21   1 
ATOM   18  H HD22   . LEU A 1 1 ? -6.23549  4.90988  2.63934   1.000 5.53614  ? 2   LEU A HD22   1 
ATOM   19  H HD23   . LEU A 1 1 ? -6.66734  3.47125  3.15642   1.000 5.53614  ? 2   LEU A HD23   1 
HETATM 20  N N      . AIB A 1 2 ? -6.65697  0.38228  -0.30760  1.000 4.38654  ? 3   AIB A N      1 
HETATM 21  C CA     . AIB A 1 2 ? -6.00991  -0.91070 -0.32074  1.000 1.83243  ? 3   AIB A CA     1 
HETATM 22  C C      . AIB A 1 2 ? -5.59911  -1.34771 -1.73791  1.000 2.24111  ? 3   AIB A C      1 
HETATM 23  O O      . AIB A 1 2 ? -4.48116  -1.77429 -2.01111  1.000 4.30980  ? 3   AIB A O      1 
HETATM 24  C CB1    . AIB A 1 2 ? -4.75376  -0.86967 0.55821   1.000 3.60148  ? 3   AIB A CB1    1 
HETATM 25  C CB2    . AIB A 1 2 ? -6.94886  -1.98681 0.24973   1.000 3.62208  ? 3   AIB A CB2    1 
HETATM 26  H H      . AIB A 1 2 ? -7.63770  0.28081  -0.13479  1.000 5.41417  ? 3   AIB A H      1 
HETATM 27  H HB11   . AIB A 1 2 ? -3.95951  -0.27111 0.05190   1.000 4.47211  ? 3   AIB A HB11   1 
HETATM 28  H HB12   . AIB A 1 2 ? -4.99729  -0.40051 1.54109   1.000 4.47211  ? 3   AIB A HB12   1 
HETATM 29  H HB13   . AIB A 1 2 ? -4.37967  -1.90717 0.72876   1.000 4.47211  ? 3   AIB A HB13   1 
HETATM 30  H HB21   . AIB A 1 2 ? -6.49611  -2.99358 0.07911   1.000 4.49682  ? 3   AIB A HB21   1 
HETATM 31  H HB22   . AIB A 1 2 ? -7.08247  -1.81105 1.34470   1.000 4.49682  ? 3   AIB A HB22   1 
HETATM 32  H HB23   . AIB A 1 2 ? -7.93611  -1.92150 -0.26869  1.000 4.49682  ? 3   AIB A HB23   1 
ATOM   33  N N      . ALA A 1 3 ? -6.55862  -1.27446 -2.65651  1.000 4.85282  ? 4   ALA A N      1 
ATOM   34  C CA     . ALA A 1 3 ? -6.28231  -1.60783 -4.05917  1.000 4.69348  ? 4   ALA A CA     1 
ATOM   35  C C      . ALA A 1 3 ? -5.18050  -0.77318 -4.64115  1.000 7.19269  ? 4   ALA A C      1 
ATOM   36  O O      . ALA A 1 3 ? -4.34370  -1.30224 -5.37536  1.000 5.52106  ? 4   ALA A O      1 
ATOM   37  C CB     . ALA A 1 3 ? -7.52222  -1.45231 -4.91103  1.000 7.37796  ? 4   ALA A CB     1 
ATOM   38  H H      . ALA A 1 3 ? -7.37008  -1.03742 -2.49853  1.000 5.97371  ? 4   ALA A H      1 
ATOM   39  H HA     . ALA A 1 3 ? -6.00089  -2.53592 -4.07747  1.000 5.78250  ? 4   ALA A HA     1 
ATOM   40  H HB1    . ALA A 1 3 ? -7.33184  -1.77139 -5.80705  1.000 9.00387  ? 4   ALA A HB1    1 
ATOM   41  H HB2    . ALA A 1 3 ? -8.24122  -1.97311 -4.52025  1.000 9.00387  ? 4   ALA A HB2    1 
ATOM   42  H HB3    . ALA A 1 3 ? -7.77034  -0.51500 -4.93945  1.000 9.00387  ? 4   ALA A HB3    1 
HETATM 43  N N      . AIB A 1 4 ? -5.17384  0.51729  -4.32926  1.000 5.73577  ? 5   AIB A N      1 
HETATM 44  C CA     . AIB A 1 4 ? -4.15291  1.40710  -4.83891  1.000 5.07958  ? 5   AIB A CA     1 
HETATM 45  C C      . AIB A 1 4 ? -2.72126  0.93025  -4.53798  1.000 6.30174  ? 5   AIB A C      1 
HETATM 46  O O      . AIB A 1 4 ? -1.79012  1.04999  -5.34241  1.000 6.17940  ? 5   AIB A O      1 
HETATM 47  C CB1    . AIB A 1 4 ? -4.24271  1.60594  -6.37793  1.000 7.18145  ? 5   AIB A CB1    1 
HETATM 48  C CB2    . AIB A 1 4 ? -4.23968  2.78755  -4.18028  1.000 5.30275  ? 5   AIB A CB2    1 
HETATM 49  H H      . AIB A 1 4 ? -5.98124  1.03539  -4.04345  1.000 7.03325  ? 5   AIB A H      1 
HETATM 50  H HB11   . AIB A 1 4 ? -5.26732  1.95183  -6.65360  1.000 8.76806  ? 5   AIB A HB11   1 
HETATM 51  H HB12   . AIB A 1 4 ? -3.49697  2.36998  -6.70287  1.000 8.76806  ? 5   AIB A HB12   1 
HETATM 52  H HB13   . AIB A 1 4 ? -4.02907  0.64046  -6.89528  1.000 8.76806  ? 5   AIB A HB13   1 
HETATM 53  H HB21   . AIB A 1 4 ? -3.43162  3.43960  -4.59206  1.000 6.51363  ? 5   AIB A HB21   1 
HETATM 54  H HB22   . AIB A 1 4 ? -5.23880  3.23521  -4.40171  1.000 6.51363  ? 5   AIB A HB22   1 
HETATM 55  H HB23   . AIB A 1 4 ? -4.11058  2.67388  -3.07661  1.000 6.51363  ? 5   AIB A HB23   1 
ATOM   56  N N      . LEU A 1 5 ? -2.55265  0.41617  -3.31533  1.000 4.37111  ? 6   LEU A N      1 
ATOM   57  C CA     . LEU A 1 5 ? -1.31034  -0.26494 -2.91679  1.000 5.75793  ? 6   LEU A CA     1 
ATOM   58  C C      . LEU A 1 5 ? -1.13073  -1.59932 -3.62398  1.000 6.29924  ? 6   LEU A C      1 
ATOM   59  O O      . LEU A 1 5 ? -0.07295  -1.90450 -4.16092  1.000 7.20125  ? 6   LEU A O      1 
ATOM   60  C CB     . LEU A 1 5 ? -1.29538  -0.50793 -1.40157  1.000 6.18899  ? 6   LEU A CB     1 
ATOM   61  C CG     . LEU A 1 5 ? -0.16657  -1.37149 -0.84975  1.000 9.21069  ? 6   LEU A CG     1 
ATOM   62  C CD1    . LEU A 1 5 ? 1.19301   -0.73367 -1.17930  1.000 8.59627  ? 6   LEU A CD1    1 
ATOM   63  C CD2    . LEU A 1 5 ? -0.39280  -1.56018 0.66060   1.000 10.47636 ? 6   LEU A CD2    1 
ATOM   64  H H      . LEU A 1 5 ? -3.14508  0.44778  -2.69274  1.000 5.39566  ? 6   LEU A H      1 
ATOM   65  H HA     . LEU A 1 5 ? -0.56819  0.30944  -3.16214  1.000 7.05985  ? 6   LEU A HA     1 
ATOM   66  H HB2    . LEU A 1 5 ? -1.23273  0.35433  -0.96171  1.000 7.57711  ? 6   LEU A HB2    1 
ATOM   67  H HB3    . LEU A 1 5 ? -2.12809  -0.94337 -1.16097  1.000 7.57711  ? 6   LEU A HB3    1 
ATOM   68  H HG     . LEU A 1 5 ? -0.15573  -2.25115 -1.25837  1.000 11.20315 ? 6   LEU A HG     1 
ATOM   69  H HD11   . LEU A 1 5 ? 1.89462   -1.24356 -0.74494  1.000 10.46585 ? 6   LEU A HD11   1 
ATOM   70  H HD12   . LEU A 1 5 ? 1.32250   -0.74509 -2.14055  1.000 10.46585 ? 6   LEU A HD12   1 
ATOM   71  H HD13   . LEU A 1 5 ? 1.19970   0.18065  -0.85547  1.000 10.46585 ? 6   LEU A HD13   1 
ATOM   72  H HD21   . LEU A 1 5 ? 0.43469   -1.85921 1.06894   1.000 12.72196 ? 6   LEU A HD21   1 
ATOM   73  H HD22   . LEU A 1 5 ? -0.66538  -0.71340 1.04731   1.000 12.72196 ? 6   LEU A HD22   1 
ATOM   74  H HD23   . LEU A 1 5 ? -1.08699  -2.22412 0.79542   1.000 12.72196 ? 6   LEU A HD23   1 
HETATM 75  N N      . AIB A 1 6 ? -2.18149  -2.40476 -3.58441  1.000 7.28937  ? 7   AIB A N      1 
HETATM 76  C CA     . AIB A 1 6 ? -2.12541  -3.78806 -3.96961  1.000 5.66076  ? 7   AIB A CA     1 
HETATM 77  C C      . AIB A 1 6 ? -1.73062  -4.01535 -5.42178  1.000 6.50271  ? 7   AIB A C      1 
HETATM 78  O O      . AIB A 1 6 ? -1.27269  -5.09015 -5.81571  1.000 6.79026  ? 7   AIB A O      1 
HETATM 79  C CB1    . AIB A 1 6 ? -1.06555  -4.53135 -3.14995  1.000 5.87103  ? 7   AIB A CB1    1 
HETATM 80  C CB2    . AIB A 1 6 ? -3.51981  -4.43061 -3.75898  1.000 5.16903  ? 7   AIB A CB2    1 
HETATM 81  H H      . AIB A 1 6 ? -3.12908  -2.08559 -3.63136  1.000 8.89757  ? 7   AIB A H      1 
HETATM 82  H HB11   . AIB A 1 6 ? -0.08571  -4.00398 -3.23512  1.000 7.19556  ? 7   AIB A HB11   1 
HETATM 83  H HB12   . AIB A 1 6 ? -1.37349  -4.56396 -2.07777  1.000 7.19556  ? 7   AIB A HB12   1 
HETATM 84  H HB13   . AIB A 1 6 ? -0.95639  -5.57389 -3.53292  1.000 7.19556  ? 7   AIB A HB13   1 
HETATM 85  H HB21   . AIB A 1 6 ? -3.42861  -5.53974 -3.85492  1.000 6.35316  ? 7   AIB A HB21   1 
HETATM 86  H HB22   . AIB A 1 6 ? -3.89273  -4.16694 -2.73961  1.000 6.35316  ? 7   AIB A HB22   1 
HETATM 87  H HB23   . AIB A 1 6 ? -4.22274  -4.03888 -4.53366  1.000 6.35316  ? 7   AIB A HB23   1 
ATOM   88  N N      . GLN A 1 7 ? -1.87279  -2.95926 -6.21859  1.000 7.21336  ? 8   GLN A N      1 
ATOM   89  C CA     . GLN A 1 7 ? -1.49525  -3.04342 -7.63746  1.000 4.12304  ? 8   GLN A CA     1 
ATOM   90  C C      . GLN A 1 7 ? -0.01582  -3.45052 -7.72956  1.000 6.77525  ? 8   GLN A C      1 
ATOM   91  O O      . GLN A 1 7 ? 0.40046   -4.08573 -8.69422  1.000 7.40163  ? 8   GLN A O      1 
ATOM   92  C CB     . GLN A 1 7 ? -1.74289  -1.72332 -8.37970  1.000 3.60614  ? 8   GLN A CB     1 
ATOM   93  C CG     . GLN A 1 7 ? -0.82626  -0.61143 -7.98354  1.000 5.80775  ? 8   GLN A CG     1 
ATOM   94  C CD     . GLN A 1 7 ? -1.13583  0.68545  -8.72691  1.000 5.06929  ? 8   GLN A CD     1 
ATOM   95  O OE1    . GLN A 1 7 ? -1.21294  0.72157  -9.96321  1.000 4.05354  ? 8   GLN A OE1    1 
ATOM   96  N NE2    . GLN A 1 7 ? -1.32914  1.74958  -7.97186  1.000 5.90760  ? 8   GLN A NE2    1 
ATOM   97  H H      . GLN A 1 7 ? -2.17932  -2.19477 -5.97119  1.000 8.80636  ? 8   GLN A H      1 
ATOM   98  H HA     . GLN A 1 7 ? -2.04679  -3.70392 -8.08517  1.000 5.09798  ? 8   GLN A HA     1 
ATOM   99  H HB2    . GLN A 1 7 ? -1.62518  -1.87611 -9.33033  1.000 4.47769  ? 8   GLN A HB2    1 
ATOM   100 H HB3    . GLN A 1 7 ? -2.65091  -1.43314 -8.20026  1.000 4.47769  ? 8   GLN A HB3    1 
ATOM   101 H HG2    . GLN A 1 7 ? -0.92099  -0.44462 -7.03270  1.000 7.11963  ? 8   GLN A HG2    1 
ATOM   102 H HG3    . GLN A 1 7 ? 0.08773   -0.86514 -8.18642  1.000 7.11963  ? 8   GLN A HG3    1 
ATOM   103 H HE21   . GLN A 1 7 ? -1.27723  1.68465  -7.11589  1.000 7.23944  ? 8   GLN A HE21   1 
ATOM   104 H HE22   . GLN A 1 7 ? -1.50708  2.50831  -8.33555  1.000 7.23944  ? 8   GLN A HE22   1 
HETATM 105 N N      . AIB A 1 8 ? 0.77022   -3.09356 -6.71391  1.000 5.75905  ? 9   AIB A N      1 
HETATM 106 C CA     . AIB A 1 8 ? 2.17699   -3.45786 -6.63157  1.000 4.75704  ? 9   AIB A CA     1 
HETATM 107 C C      . AIB A 1 8 ? 2.40408   -4.95271 -6.83111  1.000 5.08089  ? 9   AIB A C      1 
HETATM 108 O O      . AIB A 1 8 ? 3.44708   -5.39082 -7.28600  1.000 6.57834  ? 9   AIB A O      1 
HETATM 109 C CB1    . AIB A 1 8 ? 3.01315   -2.67586 -7.66681  1.000 6.55129  ? 9   AIB A CB1    1 
HETATM 110 C CB2    . AIB A 1 8 ? 2.77257   -3.21809 -5.22630  1.000 7.98648  ? 9   AIB A CB2    1 
HETATM 111 H H      . AIB A 1 8 ? 0.43060   -2.87208 -5.79870  1.000 7.06118  ? 9   AIB A H      1 
HETATM 112 H HB11   . AIB A 1 8 ? 3.13984   -1.62006 -7.32814  1.000 8.01187  ? 9   AIB A HB11   1 
HETATM 113 H HB12   . AIB A 1 8 ? 4.01751   -3.15020 -7.77507  1.000 8.01187  ? 9   AIB A HB12   1 
HETATM 114 H HB13   . AIB A 1 8 ? 2.49379   -2.68525 -8.65455  1.000 8.01187  ? 9   AIB A HB13   1 
HETATM 115 H HB21   . AIB A 1 8 ? 2.74170   -2.12496 -4.99870  1.000 9.73411  ? 9   AIB A HB21   1 
HETATM 116 H HB22   . AIB A 1 8 ? 2.16845   -3.78004 -4.47334  1.000 9.73411  ? 9   AIB A HB22   1 
HETATM 117 H HB23   . AIB A 1 8 ? 3.82941   -3.57944 -5.21151  1.000 9.73411  ? 9   AIB A HB23   1 
ATOM   118 N N      . LEU A 1 9 ? 1.40770   -5.73485 -6.40517  1.000 5.98139  ? 10  LEU A N      1 
ATOM   119 C CA     . LEU A 1 9 ? 1.45196   -7.19966 -6.45162  1.000 4.25230  ? 10  LEU A CA     1 
ATOM   120 C C      . LEU A 1 9 ? 0.46829   -7.75709 -7.46989  1.000 5.10860  ? 10  LEU A C      1 
ATOM   121 O O      . LEU A 1 9 ? 0.15456   -8.95154 -7.51141  1.000 4.96855  ? 10  LEU A O      1 
ATOM   122 C CB     . LEU A 1 9 ? 1.15084   -7.79045 -5.08778  1.000 4.74495  ? 10  LEU A CB     1 
ATOM   123 C CG     . LEU A 1 9 ? 1.94933   -7.23645 -3.90915  1.000 5.40601  ? 10  LEU A CG     1 
ATOM   124 C CD1    . LEU A 1 9 ? 1.52267   -7.88977 -2.61862  1.000 4.86469  ? 10  LEU A CD1    1 
ATOM   125 C CD2    . LEU A 1 9 ? 3.46323   -7.37422 -4.08419  1.000 10.95400 ? 10  LEU A CD2    1 
ATOM   126 H H      . LEU A 1 9 ? 0.67333   -5.43255 -6.07512  1.000 7.32799  ? 10  LEU A H      1 
ATOM   127 H HA     . LEU A 1 9 ? 2.34664   -7.46694 -6.71429  1.000 5.25309  ? 10  LEU A HA     1 
ATOM   128 H HB2    . LEU A 1 9 ? 0.21317   -7.63495 -4.89412  1.000 5.84427  ? 10  LEU A HB2    1 
ATOM   129 H HB3    . LEU A 1 9 ? 1.32766   -8.74334 -5.12819  1.000 5.84427  ? 10  LEU A HB3    1 
ATOM   130 H HG     . LEU A 1 9 ? 1.75875   -6.28623 -3.86850  1.000 6.63754  ? 10  LEU A HG     1 
ATOM   131 H HD11   . LEU A 1 9 ? 2.11767   -7.60361 -1.90800  1.000 5.98795  ? 10  LEU A HD11   1 
ATOM   132 H HD12   . LEU A 1 9 ? 0.61247   -7.62302 -2.41545  1.000 5.98795  ? 10  LEU A HD12   1 
ATOM   133 H HD13   . LEU A 1 9 ? 1.56983   -8.85313 -2.72168  1.000 5.98795  ? 10  LEU A HD13   1 
ATOM   134 H HD21   . LEU A 1 9 ? 3.89889   -7.16223 -3.24385  1.000 13.29513 ? 10  LEU A HD21   1 
ATOM   135 H HD22   . LEU A 1 9 ? 3.66955   -8.28602 -4.34295  1.000 13.29513 ? 10  LEU A HD22   1 
ATOM   136 H HD23   . LEU A 1 9 ? 3.75859   -6.75969 -4.77414  1.000 13.29513 ? 10  LEU A HD23   1 
ATOM   137 N N      . LEU B 1 1 ? 6.42695   7.13988  0.37797   1.000 3.66559  ? 2   LEU B N      1 
ATOM   138 C CA     . LEU B 1 1 ? 5.12668   6.70604  -0.10477  1.000 5.24299  ? 2   LEU B CA     1 
ATOM   139 C C      . LEU B 1 1 ? 4.86733   5.24921  0.24214   1.000 3.68329  ? 2   LEU B C      1 
ATOM   140 O O      . LEU B 1 1 ? 3.82865   4.90559  0.81373   1.000 4.39932  ? 2   LEU B O      1 
ATOM   141 C CB     . LEU B 1 1 ? 5.07713   6.85856  -1.62585  1.000 3.92017  ? 2   LEU B CB     1 
ATOM   142 C CG     . LEU B 1 1 ? 3.95197   6.15462  -2.38298  1.000 3.07488  ? 2   LEU B CG     1 
ATOM   143 C CD1    . LEU B 1 1 ? 2.55630   6.45186  -1.85017  1.000 4.80230  ? 2   LEU B CD1    1 
ATOM   144 C CD2    . LEU B 1 1 ? 4.01628   6.57881  -3.85083  1.000 4.42165  ? 2   LEU B CD2    1 
ATOM   145 H H1     . LEU B 1 1 ? 6.88673   7.58944  -0.19281  1.000 4.54903  ? 2   LEU B H1     1 
ATOM   146 H HA     . LEU B 1 1 ? 4.43718   7.24925  0.30804   1.000 6.44191  ? 2   LEU B HA     1 
ATOM   147 H HB2    . LEU B 1 1 ? 4.99645   7.80464  -1.82418  1.000 4.85453  ? 2   LEU B HB2    1 
ATOM   148 H HB3    . LEU B 1 1 ? 5.91066   6.51455  -1.98331  1.000 4.85453  ? 2   LEU B HB3    1 
ATOM   149 H HG     . LEU B 1 1 ? 4.08462   5.20020  -2.27155  1.000 3.84018  ? 2   LEU B HG     1 
ATOM   150 H HD11   . LEU B 1 1 ? 1.91559   5.88803  -2.31113  1.000 5.91308  ? 2   LEU B HD11   1 
ATOM   151 H HD12   . LEU B 1 1 ? 2.53552   6.26635  -0.89831  1.000 5.91308  ? 2   LEU B HD12   1 
ATOM   152 H HD13   . LEU B 1 1 ? 2.34973   7.38609  -2.00969  1.000 5.91308  ? 2   LEU B HD13   1 
ATOM   153 H HD21   . LEU B 1 1 ? 3.54816   5.92232  -4.39008  1.000 5.45631  ? 2   LEU B HD21   1 
ATOM   154 H HD22   . LEU B 1 1 ? 3.59501   7.44721  -3.94735  1.000 5.45631  ? 2   LEU B HD22   1 
ATOM   155 H HD23   . LEU B 1 1 ? 4.94550   6.62970  -4.12444  1.000 5.45631  ? 2   LEU B HD23   1 
HETATM 156 N N      . AIB B 1 2 ? 5.78920   4.36770  -0.14315  1.000 4.88134  ? 3   AIB B N      1 
HETATM 157 C CA     . AIB B 1 2 ? 5.65056   2.95914  0.14084   1.000 4.26778  ? 3   AIB B CA     1 
HETATM 158 C C      . AIB B 1 2 ? 5.37081   2.70203  1.62634   1.000 5.90252  ? 3   AIB B C      1 
HETATM 159 O O      . AIB B 1 2 ? 4.47806   1.95717  2.01018   1.000 5.57192  ? 3   AIB B O      1 
HETATM 160 C CB1    . AIB B 1 2 ? 4.50388   2.37653  -0.69861  1.000 7.27429  ? 3   AIB B CB1    1 
HETATM 161 C CB2    . AIB B 1 2 ? 6.91987   2.20976  -0.26167  1.000 6.32243  ? 3   AIB B CB2    1 
HETATM 162 H H      . AIB B 1 2 ? 6.42398   4.50961  -0.90402  1.000 6.00793  ? 3   AIB B H      1 
HETATM 163 H HB11   . AIB B 1 2 ? 3.62006   3.05633  -0.65177  1.000 8.87947  ? 3   AIB B HB11   1 
HETATM 164 H HB12   . AIB B 1 2 ? 4.83066   2.27109  -1.76047  1.000 8.87947  ? 3   AIB B HB12   1 
HETATM 165 H HB13   . AIB B 1 2 ? 4.21791   1.37385  -0.30072  1.000 8.87947  ? 3   AIB B HB13   1 
HETATM 166 H HB21   . AIB B 1 2 ? 6.80603   1.13071  0.00362   1.000 7.73724  ? 3   AIB B HB21   1 
HETATM 167 H HB22   . AIB B 1 2 ? 7.07246   2.31606  -1.36308  1.000 7.73724  ? 3   AIB B HB22   1 
HETATM 168 H HB23   . AIB B 1 2 ? 7.79015   2.64583  0.28618   1.000 7.73724  ? 3   AIB B HB23   1 
ATOM   169 N N      . ALA B 1 3 ? 6.15107   3.36656  2.47782   1.000 6.76867  ? 4   ALA B N      1 
ATOM   170 C CA     . ALA B 1 3 ? 6.02832   3.19078  3.92281   1.000 5.14694  ? 4   ALA B CA     1 
ATOM   171 C C      . ALA B 1 3 ? 4.67683   3.68917  4.41376   1.000 4.60962  ? 4   ALA B C      1 
ATOM   172 O O      . ALA B 1 3 ? 4.05618   3.04999  5.26160   1.000 6.59058  ? 4   ALA B O      1 
ATOM   173 C CB     . ALA B 1 3 ? 7.12577   3.92676  4.63299   1.000 7.07183  ? 4   ALA B CB     1 
ATOM   174 H H      . ALA B 1 3 ? 6.76032   3.92608  2.24256   1.000 8.27273  ? 4   ALA B H      1 
ATOM   175 H HA     . ALA B 1 3 ? 6.10602   2.24652  4.13075   1.000 6.32666  ? 4   ALA B HA     1 
ATOM   176 H HB1    . ALA B 1 3 ? 7.01939   3.80604  5.58956   1.000 8.63652  ? 4   ALA B HB1    1 
ATOM   177 H HB2    . ALA B 1 3 ? 7.98141   3.56988  4.34767   1.000 8.63652  ? 4   ALA B HB2    1 
ATOM   178 H HB3    . ALA B 1 3 ? 7.06959   4.86916  4.41026   1.000 8.63652  ? 4   ALA B HB3    1 
HETATM 179 N N      . AIB B 1 4 ? 4.22469   4.82067  3.90487   1.000 5.57881  ? 5   AIB B N      1 
HETATM 180 C CA     . AIB B 1 4 ? 2.95625   5.39952  4.29136   1.000 4.32639  ? 5   AIB B CA     1 
HETATM 181 C C      . AIB B 1 4 ? 1.75185   4.44815  4.08356   1.000 6.33508  ? 5   AIB B C      1 
HETATM 182 O O      . AIB B 1 4 ? 0.74869   4.41561  4.81073   1.000 7.36111  ? 5   AIB B O      1 
HETATM 183 C CB1    . AIB B 1 4 ? 2.94521   5.82548  5.77257   1.000 7.14409  ? 5   AIB B CB1    1 
HETATM 184 C CB2    . AIB B 1 4 ? 2.67935   6.66240  3.46396   1.000 6.63367  ? 5   AIB B CB2    1 
HETATM 185 H H      . AIB B 1 4 ? 4.50186   5.18254  3.01367   1.000 6.84490  ? 5   AIB B H      1 
HETATM 186 H HB11   . AIB B 1 4 ? 3.85720   6.42799  5.99775   1.000 8.72324  ? 5   AIB B HB11   1 
HETATM 187 H HB12   . AIB B 1 4 ? 2.03760   6.44066  5.98055   1.000 8.72324  ? 5   AIB B HB12   1 
HETATM 188 H HB13   . AIB B 1 4 ? 2.93273   4.91983  6.42457   1.000 8.72324  ? 5   AIB B HB13   1 
HETATM 189 H HB21   . AIB B 1 4 ? 1.77594   7.17600  3.87351   1.000 8.11073  ? 5   AIB B HB21   1 
HETATM 190 H HB22   . AIB B 1 4 ? 3.56393   7.34147  3.52769   1.000 8.11073  ? 5   AIB B HB22   1 
HETATM 191 H HB23   . AIB B 1 4 ? 2.50078   6.37003  2.40078   1.000 8.11073  ? 5   AIB B HB23   1 
ATOM   192 N N      . LEU B 1 5 ? 1.86584   3.63180  3.03608   1.000 3.66797  ? 6   LEU B N      1 
ATOM   193 C CA     . LEU B 1 5 ? 0.84692   2.63107  2.77595   1.000 4.92089  ? 6   LEU B CA     1 
ATOM   194 C C      . LEU B 1 5 ? 1.10705   1.35147  3.57300   1.000 2.66001  ? 6   LEU B C      1 
ATOM   195 O O      . LEU B 1 5 ? 0.18106   0.75789  4.14835   1.000 6.26078  ? 6   LEU B O      1 
ATOM   196 C CB     . LEU B 1 5 ? 0.81372   2.27814  1.28171   1.000 5.41863  ? 6   LEU B CB     1 
ATOM   197 C CG     . LEU B 1 5 ? 0.57057   3.50440  0.40694   1.000 5.22096  ? 6   LEU B CG     1 
ATOM   198 C CD1    . LEU B 1 5 ? 0.59257   3.09751  -1.06575  1.000 7.89585  ? 6   LEU B CD1    1 
ATOM   199 C CD2    . LEU B 1 5 ? -0.75801  4.16204  0.76574   1.000 9.01919  ? 6   LEU B CD2    1 
ATOM   200 H H      . LEU B 1 5 ? 2.51585   3.64167  2.47306   1.000 4.55189  ? 6   LEU B H      1 
ATOM   201 H HA     . LEU B 1 5 ? -0.01280  2.99492  3.03939   1.000 6.05539  ? 6   LEU B HA     1 
ATOM   202 H HB2    . LEU B 1 5 ? 1.66517   1.88848  1.02851   1.000 6.65268  ? 6   LEU B HB2    1 
ATOM   203 H HB3    . LEU B 1 5 ? 0.09770   1.64376  1.12114   1.000 6.65268  ? 6   LEU B HB3    1 
ATOM   204 H HG     . LEU B 1 5 ? 1.27224   4.15696  0.55762   1.000 6.41548  ? 6   LEU B HG     1 
ATOM   205 H HD11   . LEU B 1 5 ? 0.45374   3.88603  -1.61335  1.000 9.62534  ? 6   LEU B HD11   1 
ATOM   206 H HD12   . LEU B 1 5 ? 1.45325   2.69983  -1.27067  1.000 9.62534  ? 6   LEU B HD12   1 
ATOM   207 H HD13   . LEU B 1 5 ? -0.11561  2.45440  -1.22631  1.000 9.62534  ? 6   LEU B HD13   1 
ATOM   208 H HD21   . LEU B 1 5 ? -0.92457  4.89346  0.15078   1.000 10.97335 ? 6   LEU B HD21   1 
ATOM   209 H HD22   . LEU B 1 5 ? -1.46598  3.50274  0.69509   1.000 10.97335 ? 6   LEU B HD22   1 
ATOM   210 H HD23   . LEU B 1 5 ? -0.70870  4.49841  1.67422   1.000 10.97335 ? 6   LEU B HD23   1 
HETATM 211 N N      . AIB B 1 6 ? 2.37532   0.93928  3.60718   1.000 4.65647  ? 7   AIB B N      1 
HETATM 212 C CA     . AIB B 1 6 ? 2.80886   -0.31040 4.22687   1.000 3.30334  ? 7   AIB B CA     1 
HETATM 213 C C      . AIB B 1 6 ? 2.47918   -0.37246 5.72134   1.000 4.75408  ? 7   AIB B C      1 
HETATM 214 O O      . AIB B 1 6 ? 2.45550   -1.44143 6.33377   1.000 5.74868  ? 7   AIB B O      1 
HETATM 215 C CB1    . AIB B 1 6 ? 2.04974   -1.50251 3.64203   1.000 5.56563  ? 7   AIB B CB1    1 
HETATM 216 C CB2    . AIB B 1 6 ? 4.34214   -0.53769 4.11108   1.000 5.59701  ? 7   AIB B CB2    1 
HETATM 217 H H      . AIB B 1 6 ? 3.15906   1.55898  3.54608   1.000 5.73809  ? 7   AIB B H      1 
HETATM 218 H HB11   . AIB B 1 6 ? 0.95113   -1.31638 3.70430   1.000 6.82909  ? 7   AIB B HB11   1 
HETATM 219 H HB12   . AIB B 1 6 ? 2.33844   -1.64504 2.57349   1.000 6.82909  ? 7   AIB B HB12   1 
HETATM 220 H HB13   . AIB B 1 6 ? 2.29924   -2.42615 4.21656   1.000 6.82909  ? 7   AIB B HB13   1 
HETATM 221 H HB21   . AIB B 1 6 ? 4.60035   -1.52343 4.56860   1.000 6.86674  ? 7   AIB B HB21   1 
HETATM 222 H HB22   . AIB B 1 6 ? 4.63124   -0.53233 3.03215   1.000 6.86674  ? 7   AIB B HB22   1 
HETATM 223 H HB23   . AIB B 1 6 ? 4.87430   0.28269  4.65097   1.000 6.86674  ? 7   AIB B HB23   1 
ATOM   224 N N      . GLN B 1 7 ? 2.22897   0.78714  6.32061   1.000 5.31958  ? 8   GLN B N      1 
ATOM   225 C CA     . GLN B 1 7 ? 1.89557   0.83064  7.74732   1.000 5.49601  ? 8   GLN B CA     1 
ATOM   226 C C      . GLN B 1 7 ? 0.66319   -0.04361 8.01221   1.000 4.31709  ? 8   GLN B C      1 
ATOM   227 O O      . GLN B 1 7 ? 0.47778   -0.55808 9.11952   1.000 4.96195  ? 8   GLN B O      1 
ATOM   228 C CB     . GLN B 1 7 ? 1.63898   2.26045  8.22866   1.000 6.00431  ? 8   GLN B CB     1 
ATOM   229 C CG     . GLN B 1 7 ? 0.38515   2.90874  7.71532   1.000 4.43294  ? 8   GLN B CG     1 
ATOM   230 C CD     . GLN B 1 7 ? 0.21707   4.29344  8.27854   1.000 4.14868  ? 8   GLN B CD     1 
ATOM   231 O OE1    . GLN B 1 7 ? 0.25107   4.49982  9.49431   1.000 5.07312  ? 8   GLN B OE1    1 
ATOM   232 N NE2    . GLN B 1 7 ? 0.03965   5.25832  7.39476   1.000 7.41549  ? 8   GLN B NE2    1 
ATOM   233 H H      . GLN B 1 7 ? 2.24476   1.55387  5.93142   1.000 6.53382  ? 8   GLN B H      1 
ATOM   234 H HA     . GLN B 1 7 ? 2.64806   0.49612  8.25992   1.000 6.74554  ? 8   GLN B HA     1 
ATOM   235 H HB2    . GLN B 1 7 ? 1.58082   2.24915  9.19685   1.000 7.35550  ? 8   GLN B HB2    1 
ATOM   236 H HB3    . GLN B 1 7 ? 2.38433   2.81392  7.94752   1.000 7.35550  ? 8   GLN B HB3    1 
ATOM   237 H HG2    . GLN B 1 7 ? 0.42951   2.97465  6.74858   1.000 5.46986  ? 8   GLN B HG2    1 
ATOM   238 H HG3    . GLN B 1 7 ? -0.38254  2.37656  7.97669   1.000 5.46986  ? 8   GLN B HG3    1 
ATOM   239 H HE21   . GLN B 1 7 ? 0.02577   5.07476  6.55469   1.000 9.04892  ? 8   GLN B HE21   1 
ATOM   240 H HE22   . GLN B 1 7 ? -0.06201  6.07031  7.65922   1.000 9.04892  ? 8   GLN B HE22   1 
HETATM 241 N N      . AIB B 1 8 ? -0.17417  -0.19440 6.99014   1.000 4.75123  ? 9   AIB B N      1 
HETATM 242 C CA     . AIB B 1 8 ? -1.34600  -1.04666 7.06930   1.000 5.44025  ? 9   AIB B CA     1 
HETATM 243 C C      . AIB B 1 8 ? -1.02331  -2.47696 7.54827   1.000 4.75588  ? 9   AIB B C      1 
HETATM 244 O O      . AIB B 1 8 ? -1.83259  -3.20759 8.13687   1.000 6.30422  ? 9   AIB B O      1 
HETATM 245 C CB1    . AIB B 1 8 ? -2.42156  -0.44387 7.98900   1.000 5.52034  ? 9   AIB B CB1    1 
HETATM 246 C CB2    . AIB B 1 8 ? -1.96474  -1.24866 5.67789   1.000 8.25748  ? 9   AIB B CB2    1 
HETATM 247 H H      . AIB B 1 8 ? 0.07718   -0.04785 6.03236   1.000 5.85180  ? 9   AIB B H      1 
HETATM 248 H HB11   . AIB B 1 8 ? -2.95773  0.37586  7.45419   1.000 6.77473  ? 9   AIB B HB11   1 
HETATM 249 H HB12   . AIB B 1 8 ? -3.15421  -1.23398 8.27953   1.000 6.77473  ? 9   AIB B HB12   1 
HETATM 250 H HB13   . AIB B 1 8 ? -1.94229  -0.03101 8.90840   1.000 6.77473  ? 9   AIB B HB13   1 
HETATM 251 H HB21   . AIB B 1 8 ? -2.11488  -0.25163 5.19720   1.000 10.05930 ? 9   AIB B HB21   1 
HETATM 252 H HB22   . AIB B 1 8 ? -1.27320  -1.86903 5.05773   1.000 10.05930 ? 9   AIB B HB22   1 
HETATM 253 H HB23   . AIB B 1 8 ? -2.94691  -1.76924 5.78752   1.000 10.05930 ? 9   AIB B HB23   1 
ATOM   254 N N      . LEU B 1 9 ? 0.20027   -2.88963 7.22745   1.000 5.34813  ? 10  LEU B N      1 
ATOM   255 C CA     . LEU B 1 9 ? 0.70152   -4.22985 7.60471   1.000 5.12213  ? 10  LEU B CA     1 
ATOM   256 C C      . LEU B 1 9 ? 1.83514   -4.09214 8.59890   1.000 6.32351  ? 10  LEU B C      1 
ATOM   257 O O      . LEU B 1 9 ? 2.63156   -5.01781 8.82206   1.000 6.03583  ? 10  LEU B O      1 
ATOM   258 C CB     . LEU B 1 9 ? 1.23572   -5.00755 6.40349   1.000 6.73155  ? 10  LEU B CB     1 
ATOM   259 C CG     . LEU B 1 9 ? 0.26470   -5.21045 5.24578   1.000 8.39223  ? 10  LEU B CG     1 
ATOM   260 C CD1    . LEU B 1 9 ? 0.93075   -5.99526 4.09883   1.000 6.58571  ? 10  LEU B CD1    1 
ATOM   261 C CD2    . LEU B 1 9 ? -1.00960  -5.92172 5.69154   1.000 8.61519  ? 10  LEU B CD2    1 
ATOM   262 H H      . LEU B 1 9 ? 0.76984   -2.41707 6.78941   1.000 6.56808  ? 10  LEU B H      1 
ATOM   263 H HA     . LEU B 1 9 ? -0.04004  -4.72760 7.98317   1.000 6.29689  ? 10  LEU B HA     1 
ATOM   264 H HB2    . LEU B 1 9 ? 2.00364   -4.53004 6.05253   1.000 8.22818  ? 10  LEU B HB2    1 
ATOM   265 H HB3    . LEU B 1 9 ? 1.50404   -5.88803 6.70955   1.000 8.22818  ? 10  LEU B HB3    1 
ATOM   266 H HG     . LEU B 1 9 ? 0.01378   -4.33299 4.91712   1.000 10.22101 ? 10  LEU B HG     1 
ATOM   267 H HD11   . LEU B 1 9 ? 0.30878   -6.05948 3.35726   1.000 8.05317  ? 10  LEU B HD11   1 
ATOM   268 H HD12   . LEU B 1 9 ? 1.73211   -5.52594 3.81872   1.000 8.05317  ? 10  LEU B HD12   1 
ATOM   269 H HD13   . LEU B 1 9 ? 1.16081   -6.88281 4.41542   1.000 8.05317  ? 10  LEU B HD13   1 
ATOM   270 H HD21   . LEU B 1 9 ? -1.57301  -6.07522 4.91701   1.000 10.48855 ? 10  LEU B HD21   1 
ATOM   271 H HD22   . LEU B 1 9 ? -0.77199  -6.76846 6.10076   1.000 10.48855 ? 10  LEU B HD22   1 
ATOM   272 H HD23   . LEU B 1 9 ? -1.47498  -5.36308 6.33360   1.000 10.48855 ? 10  LEU B HD23   1 
HETATM 273 C C11    . I77 C 2 . ? -3.02606  -8.65907 -10.76236 1.000 5.13210  ? 101 I77 A C11    1 
HETATM 274 C C12    . I77 C 2 . ? -1.81909  -8.31120 -11.34645 1.000 5.79905  ? 101 I77 A C12    1 
HETATM 275 C C13    . I77 C 2 . ? -0.61431  -7.97678 -10.48402 1.000 4.21615  ? 101 I77 A C13    1 
HETATM 276 C C17    . I77 C 2 . ? -1.70042  -8.19514 -12.72232 1.000 5.94979  ? 101 I77 A C17    1 
HETATM 277 C C18    . I77 C 2 . ? -2.81500  -8.48183 -13.47921 1.000 6.32513  ? 101 I77 A C18    1 
HETATM 278 C C02    . I77 C 2 . ? -8.59791  -9.75300 -16.09750 1.000 3.87207  ? 101 I77 A C02    1 
HETATM 279 C C03    . I77 C 2 . ? -7.32853  -9.54059 -15.28871 1.000 6.03195  ? 101 I77 A C03    1 
HETATM 280 C C04    . I77 C 2 . ? -7.48020  -9.55016 -13.91662 1.000 6.83836  ? 101 I77 A C04    1 
HETATM 281 C C05    . I77 C 2 . ? -6.38543  -9.33393 -13.10597 1.000 6.74665  ? 101 I77 A C05    1 
HETATM 282 C C06    . I77 C 2 . ? -6.08311  -9.34067 -15.83947 1.000 6.24398  ? 101 I77 A C06    1 
HETATM 283 C C08    . I77 C 2 . ? -5.17626  -9.13974 -13.70538 1.000 5.17607  ? 101 I77 A C08    1 
HETATM 284 C C09    . I77 C 2 . ? -3.98078  -8.87563 -12.83513 1.000 5.94097  ? 101 I77 A C09    1 
HETATM 285 N N01    . I77 C 2 . ? -8.54822  -9.62974 -17.53942 1.000 5.42961  ? 101 I77 A N01    1 
HETATM 286 N N07    . I77 C 2 . ? -5.05013  -9.16188 -15.02510 1.000 5.73845  ? 101 I77 A N07    1 
HETATM 287 N N10    . I77 C 2 . ? -4.07997  -8.93344 -11.50769 1.000 7.02282  ? 101 I77 A N10    1 
HETATM 288 N N14    . I77 C 2 . ? -0.93413  -7.22069 -9.28928  1.000 3.93527  ? 101 I77 A N14    1 
HETATM 289 N N15    . I77 C 2 . ? 0.06443   -6.79306 -8.43350  1.000 6.15838  ? 101 I77 A N15    1 
HETATM 290 O O16    . I77 C 2 . ? 0.51145   -8.26550 -10.75775 1.000 6.54012  ? 101 I77 A O16    1 
HETATM 291 O O19    . I77 C 2 . ? -9.60563  -9.98480 -15.51604 1.000 4.92339  ? 101 I77 A O19    1 
HETATM 292 H H111   . I77 C 2 . ? -3.10534  -8.70619 -9.68731  1.000 6.30884  ? 101 I77 A H111   1 
HETATM 293 H H171   . I77 C 2 . ? -0.76295  -7.88933 -13.18678 1.000 7.29007  ? 101 I77 A H171   1 
HETATM 294 H H181   . I77 C 2 . ? -2.78276  -8.40114 -14.56374 1.000 7.74048  ? 101 I77 A H181   1 
HETATM 295 H H041   . I77 C 2 . ? -8.44671  -9.72525 -13.48225 1.000 8.35636  ? 101 I77 A H041   1 
HETATM 296 H H051   . I77 C 2 . ? -6.48298  -9.31883 -12.02748 1.000 8.24631  ? 101 I77 A H051   1 
HETATM 297 H H061   . I77 C 2 . ? -5.94902  -9.32947 -16.91206 1.000 7.64310  ? 101 I77 A H061   1 
HETATM 298 H H011   . I77 C 2 . ? -7.68222  -9.42696 -17.99158 1.000 6.66585  ? 101 I77 A H011   1 
HETATM 299 H H012   . I77 C 2 . ? -9.38241  -9.76444 -18.08802 1.000 6.66585  ? 101 I77 A H012   1 
HETATM 300 H H141   . I77 C 2 . ? -1.89403  -7.00434 -9.07996  1.000 4.87265  ? 101 I77 A H141   1 
HETATM 301 H H1     . I77 C 2 . ? -0.38149  -6.18588 -7.76640  1.000 7.54038  ? 101 I77 A H1     1 
HETATM 302 C C05    . I6W D 3 . ? -11.18178 1.41181  -5.08095  1.000 11.24311 ? 102 I6W A C05    1 
HETATM 303 C C08    . I6W D 3 . ? -12.19081 1.26822  -4.18701  1.000 10.45265 ? 102 I6W A C08    1 
HETATM 304 C C09    . I6W D 3 . ? -13.52613 0.87130  -4.76778  1.000 12.00790 ? 102 I6W A C09    1 
HETATM 305 N N10    . I6W D 3 . ? -13.61234 0.66236  -6.07019  1.000 12.96942 ? 102 I6W A N10    1 
HETATM 306 C C02    . I6W D 3 . ? -8.35099  2.29048  -2.77534  1.000 7.87462  ? 102 I6W A C02    1 
HETATM 307 C C03    . I6W D 3 . ? -9.76653  1.92573  -3.23780  1.000 11.45658 ? 102 I6W A C03    1 
HETATM 308 C C04    . I6W D 3 . ? -9.92063  1.74483  -4.60068  1.000 13.25937 ? 102 I6W A C04    1 
HETATM 309 C C06    . I6W D 3 . ? -10.83114 1.76594  -2.36443  1.000 11.44082 ? 102 I6W A C06    1 
HETATM 310 C C11    . I6W D 3 . ? -14.72030 0.29087  -6.66395  1.000 13.39491 ? 102 I6W A C11    1 
HETATM 311 C C12    . I6W D 3 . ? -15.83865 0.09606  -5.89287  1.000 8.28166  ? 102 I6W A C12    1 
HETATM 312 C C13    . I6W D 3 . ? -17.18005 -0.34933 -6.50596  1.000 10.60334 ? 102 I6W A C13    1 
HETATM 313 C C15    . I6W D 3 . ? -19.49950 -0.86575 -6.04467  1.000 8.37782  ? 102 I6W A C15    1 
HETATM 314 C C16    . I6W D 3 . ? -20.48887 -0.66929 -4.87270  1.000 9.43859  ? 102 I6W A C16    1 
HETATM 315 C C18    . I6W D 3 . ? -15.79569 0.29600  -4.53335  1.000 8.34639  ? 102 I6W A C18    1 
HETATM 316 C C19    . I6W D 3 . ? -14.59592 0.66903  -3.94431  1.000 8.67318  ? 102 I6W A C19    1 
HETATM 317 N N07    . I6W D 3 . ? -12.02297 1.43703  -2.86680  1.000 11.21573 ? 102 I6W A N07    1 
HETATM 318 O O01    . I6W D 3 . ? -7.42266  1.75774  -3.33966  1.000 5.53649  ? 102 I6W A O01    1 
HETATM 319 O O14    . I6W D 3 . ? -18.22187 -0.39781 -5.56000  1.000 7.76928  ? 102 I6W A O14    1 
HETATM 320 O O17    . I6W D 3 . ? -17.32375 -0.64401 -7.63773  1.000 12.71340 ? 102 I6W A O17    1 
HETATM 321 H H051   . I6W D 3 . ? -11.35168 1.27269  -6.12613  1.000 13.64205 ? 102 I6W A H051   1 
HETATM 322 H H041   . I6W D 3 . ? -9.05211  1.86369  -5.29778  1.000 16.06157 ? 102 I6W A H041   1 
HETATM 323 H H061   . I6W D 3 . ? -10.69786 1.90535  -1.29570  1.000 13.87931 ? 102 I6W A H061   1 
HETATM 324 H H111   . I6W D 3 . ? -14.75198 0.14386  -7.71827  1.000 16.22421 ? 102 I6W A H111   1 
HETATM 325 H H152   . I6W D 3 . ? -19.43938 -1.91264 -6.31540  1.000 10.20371 ? 102 I6W A H152   1 
HETATM 326 H H151   . I6W D 3 . ? -19.81257 -0.28474 -6.90334  1.000 10.20371 ? 102 I6W A H151   1 
HETATM 327 H H162   . I6W D 3 . ? -21.52445 -0.79485 -5.24022  1.000 11.47663 ? 102 I6W A H162   1 
HETATM 328 H H163   . I6W D 3 . ? -20.36636 0.34703  -4.45398  1.000 11.47663 ? 102 I6W A H163   1 
HETATM 329 H H161   . I6W D 3 . ? -20.28240 -1.41973 -4.08693  1.000 11.47663 ? 102 I6W A H161   1 
HETATM 330 H H181   . I6W D 3 . ? -16.69089 0.16366  -3.92573  1.000 10.16599 ? 102 I6W A H181   1 
HETATM 331 H H191   . I6W D 3 . ? -14.51117 0.79546  -2.86701  1.000 10.55815 ? 102 I6W A H191   1 
HETATM 332 C C1     . OXE E 4 . ? -6.30004  7.36978  -1.05018  1.000 8.25202  ? 103 OXE A C1     1 
HETATM 333 C C2     . OXE E 4 . ? -5.94636  6.45889  -2.06069  1.000 8.01066  ? 103 OXE A C2     1 
HETATM 334 C C3     . OXE E 4 . ? -4.60428  6.21474  -2.27776  1.000 9.39322  ? 103 OXE A C3     1 
HETATM 335 C C4     . OXE E 4 . ? -3.61758  6.85114  -1.53010  1.000 12.68527 ? 103 OXE A C4     1 
HETATM 336 C C5     . OXE E 4 . ? -3.96754  7.75243  -0.53113  1.000 11.91526 ? 103 OXE A C5     1 
HETATM 337 C C6     . OXE E 4 . ? -5.31222  8.00305  -0.30543  1.000 8.31166  ? 103 OXE A C6     1 
HETATM 338 C "C1'"  . OXE E 4 . ? -7.73093  7.68626  -0.74484  1.000 14.12444 ? 103 OXE A "C1'"  1 
HETATM 339 C "C2'"  . OXE E 4 . ? -6.97292  5.75216  -2.89766  1.000 10.75516 ? 103 OXE A "C2'"  1 
HETATM 340 H H3     . OXE E 4 . ? -4.35685  5.61030  -2.93982  1.000 11.42218 ? 103 OXE A H3     1 
HETATM 341 H H4     . OXE E 4 . ? -2.72192  6.66983  -1.70278  1.000 15.37265 ? 103 OXE A H4     1 
HETATM 342 H H5     . OXE E 4 . ? -3.31683  8.18030  -0.02279  1.000 14.44864 ? 103 OXE A H5     1 
HETATM 343 H H6     . OXE E 4 . ? -5.56082  8.60659  0.35702   1.000 10.12432 ? 103 OXE A H6     1 
HETATM 344 H "H1'1" . OXE E 4 . ? -8.20776  7.99717  -1.53025  1.000 17.09965 ? 103 OXE A "H1'1" 1 
HETATM 345 H "H1'2" . OXE E 4 . ? -7.81186  8.37980  -0.07152  1.000 17.09965 ? 103 OXE A "H1'2" 1 
HETATM 346 H "H1'3" . OXE E 4 . ? -8.20931  6.91100  -0.41165  1.000 17.09965 ? 103 OXE A "H1'3" 1 
HETATM 347 H "H2'1" . OXE E 4 . ? -7.67518  5.36104  -2.35474  1.000 13.05652 ? 103 OXE A "H2'1" 1 
HETATM 348 H "H2'2" . OXE E 4 . ? -7.40290  6.35291  -3.52623  1.000 13.05652 ? 103 OXE A "H2'2" 1 
HETATM 349 H "H2'3" . OXE E 4 . ? -6.58255  5.03178  -3.41685  1.000 13.05652 ? 103 OXE A "H2'3" 1 
HETATM 350 C C1     . OXE F 4 . ? -7.41913  -0.02097 -11.11548 1.000 23.41175 ? 104 OXE A C1     1 
HETATM 351 C C2     . OXE F 4 . ? -7.74216  -1.31351 -10.65913 1.000 24.41690 ? 104 OXE A C2     1 
HETATM 352 C C3     . OXE F 4 . ? -6.95690  -1.90005 -9.66933  1.000 23.94259 ? 104 OXE A C3     1 
HETATM 353 C C4     . OXE F 4 . ? -5.86309  -1.23459 -9.12656  1.000 25.44802 ? 104 OXE A C4     1 
HETATM 354 C C5     . OXE F 4 . ? -5.54203  0.04070  -9.57818  1.000 25.49211 ? 104 OXE A C5     1 
HETATM 355 C C6     . OXE F 4 . ? -6.31963  0.63857  -10.56690 1.000 26.48730 ? 104 OXE A C6     1 
HETATM 356 C "C1'"  . OXE F 4 . ? -8.24190  0.64504  -12.18096 1.000 19.25726 ? 104 OXE A "C1'"  1 
HETATM 357 C "C2'"  . OXE F 4 . ? -8.91690  -2.05404 -11.23202 1.000 24.98245 ? 104 OXE A "C2'"  1 
HETATM 358 H H3     . OXE F 4 . ? -7.17054  -2.75337 -9.36748  1.000 28.88144 ? 104 OXE A H3     1 
HETATM 359 H H4     . OXE F 4 . ? -5.35217  -1.64359 -8.46581  1.000 30.68795 ? 104 OXE A H4     1 
HETATM 360 H H5     . OXE F 4 . ? -4.81230  0.49597  -9.22444  1.000 30.74086 ? 104 OXE A H5     1 
HETATM 361 H H6     . OXE F 4 . ? -6.10417  1.49169  -10.86798 1.000 31.93508 ? 104 OXE A H6     1 
HETATM 362 H "H1'1" . OXE F 4 . ? -8.34132  0.08269  -12.96503 1.000 23.25904 ? 104 OXE A "H1'1" 1 
HETATM 363 H "H1'2" . OXE F 4 . ? -7.84250  1.47745  -12.47840 1.000 23.25904 ? 104 OXE A "H1'2" 1 
HETATM 364 H "H1'3" . OXE F 4 . ? -9.13570  0.85567  -11.86844 1.000 23.25904 ? 104 OXE A "H1'3" 1 
HETATM 365 H "H2'1" . OXE F 4 . ? -9.73754  -1.54197 -11.15946 1.000 30.12927 ? 104 OXE A "H2'1" 1 
HETATM 366 H "H2'2" . OXE F 4 . ? -8.79267  -2.25732 -12.17231 1.000 30.12927 ? 104 OXE A "H2'2" 1 
HETATM 367 H "H2'3" . OXE F 4 . ? -9.06895  -2.89765 -10.77804 1.000 30.12927 ? 104 OXE A "H2'3" 1 
HETATM 368 C C1     A OXE G 4 . ? -7.70137  -6.66145 -5.02799  0.585 24.09260 ? 105 OXE A C1     1 
HETATM 369 C C1     B OXE G 4 . ? -5.47218  -7.90477 -5.23663  0.415 33.39390 ? 105 OXE A C1     1 
HETATM 370 C C2     A OXE G 4 . ? -6.61876  -6.06421 -5.67955  0.585 28.32733 ? 105 OXE A C2     1 
HETATM 371 C C2     B OXE G 4 . ? -5.31371  -6.62933 -5.79707  0.415 35.00256 ? 105 OXE A C2     1 
HETATM 372 C C3     A OXE G 4 . ? -5.39770  -6.74128 -5.72539  0.585 30.18330 ? 105 OXE A C3     1 
HETATM 373 C C3     B OXE G 4 . ? -4.17872  -6.36142 -6.55806  0.415 33.45580 ? 105 OXE A C3     1 
HETATM 374 C C4     A OXE G 4 . ? -5.23450  -7.98911 -5.13973  0.585 28.25533 ? 105 OXE A C4     1 
HETATM 375 C C4     B OXE G 4 . ? -3.20844  -7.33011 -6.76788  0.415 31.14134 ? 105 OXE A C4     1 
HETATM 376 C C5     A OXE G 4 . ? -6.30960  -8.57636 -4.49481  0.585 26.00720 ? 105 OXE A C5     1 
HETATM 377 C C5     B OXE G 4 . ? -3.36471  -8.58822 -6.21429  0.415 30.70366 ? 105 OXE A C5     1 
HETATM 378 C C6     A OXE G 4 . ? -7.52952  -7.91348 -4.43947  0.585 24.21620 ? 105 OXE A C6     1 
HETATM 379 C C6     B OXE G 4 . ? -4.49189  -8.86657 -5.45643  0.415 31.97653 ? 105 OXE A C6     1 
HETATM 380 C "C1'"  A OXE G 4 . ? -9.01747  -5.95103 -4.96752  0.585 22.50308 ? 105 OXE A "C1'"  1 
HETATM 381 C "C1'"  B OXE G 4 . ? -6.68360  -8.22536 -4.41426  0.415 32.44354 ? 105 OXE A "C1'"  1 
HETATM 382 C "C2'"  A OXE G 4 . ? -6.77593  -4.71820 -6.32339  0.585 30.58617 ? 105 OXE A "C2'"  1 
HETATM 383 C "C2'"  B OXE G 4 . ? -6.35580  -5.57009 -5.57697  0.415 33.96965 ? 105 OXE A "C2'"  1 
HETATM 384 H H3     A OXE G 4 . ? -4.67786  -6.34373 -6.15978  0.585 36.37029 ? 105 OXE A H3     1 
HETATM 385 H H3     B OXE G 4 . ? -4.07185  -5.51638 -6.93140  0.415 40.29728 ? 105 OXE A H3     1 
HETATM 386 H H4     A OXE G 4 . ? -4.41221  -8.42146 -5.18232  0.585 34.05672 ? 105 OXE A H4     1 
HETATM 387 H H4     B OXE G 4 . ? -2.45765  -7.13052 -7.27913  0.415 37.51994 ? 105 OXE A H4     1 
HETATM 388 H H5     A OXE G 4 . ? -6.21995  -9.41268 -4.09805  0.585 31.35897 ? 105 OXE A H5     1 
HETATM 389 H H5     B OXE G 4 . ? -2.72060  -9.24581 -6.34698  0.415 36.99471 ? 105 OXE A H5     1 
HETATM 390 H H6     A OXE G 4 . ? -8.24734  -8.31089 -4.00163  0.585 29.20976 ? 105 OXE A H6     1 
HETATM 391 H H6     B OXE G 4 . ? -4.59699  -9.71324 -5.08630  0.415 38.52216 ? 105 OXE A H6     1 
HETATM 392 H "H1'1" A OXE G 4 . ? -8.97130  -5.15066 -4.42147  0.585 27.15403 ? 105 OXE A "H1'1" 1 
HETATM 393 H "H1'1" B OXE G 4 . ? -7.49894  -8.17558 -4.93736  0.415 39.08257 ? 105 OXE A "H1'1" 1 
HETATM 394 H "H1'2" A OXE G 4 . ? -9.71356  -6.51140 -4.59023  0.585 27.15403 ? 105 OXE A "H1'2" 1 
HETATM 395 H "H1'2" B OXE G 4 . ? -6.78723  -7.61262 -3.66947  0.415 39.08257 ? 105 OXE A "H1'2" 1 
HETATM 396 H "H1'3" A OXE G 4 . ? -9.32066  -5.67656 -5.84709  0.585 27.15403 ? 105 OXE A "H1'3" 1 
HETATM 397 H "H1'3" B OXE G 4 . ? -6.64073  -9.11973 -4.04120  0.415 39.08257 ? 105 OXE A "H1'3" 1 
HETATM 398 H "H2'1" A OXE G 4 . ? -7.49052  -4.71229 -6.97931  0.585 36.85373 ? 105 OXE A "H2'1" 1 
HETATM 399 H "H2'1" B OXE G 4 . ? -6.09351  -4.71923 -5.96187  0.415 40.91391 ? 105 OXE A "H2'1" 1 
HETATM 400 H "H2'2" A OXE G 4 . ? -6.98290  -4.02843 -5.67355  0.585 36.85373 ? 105 OXE A "H2'2" 1 
HETATM 401 H "H2'2" B OXE G 4 . ? -7.20629  -5.81095 -5.97639  0.415 40.91391 ? 105 OXE A "H2'2" 1 
HETATM 402 H "H2'3" A OXE G 4 . ? -5.96805  -4.44055 -6.78287  0.585 36.85373 ? 105 OXE A "H2'3" 1 
HETATM 403 H "H2'3" B OXE G 4 . ? -6.52024  -5.41502 -4.63366  0.415 40.91391 ? 105 OXE A "H2'3" 1 
HETATM 404 C C11    . I77 H 2 . ? 5.46248   -3.07886 11.73112  1.000 7.41084  ? 101 I77 B C11    1 
HETATM 405 C C12    . I77 H 2 . ? 4.21329   -3.07513 12.32791  1.000 5.96138  ? 101 I77 B C12    1 
HETATM 406 C C13    . I77 H 2 . ? 2.96334   -3.40395 11.53473  1.000 8.14134  ? 101 I77 B C13    1 
HETATM 407 C C17    . I77 H 2 . ? 4.03752   -2.70966 13.64302  1.000 6.11191  ? 101 I77 B C17    1 
HETATM 408 C C18    . I77 H 2 . ? 5.15207   -2.39235 14.35441  1.000 6.23226  ? 101 I77 B C18    1 
HETATM 409 C C02    . I77 H 2 . ? 10.93582  -0.73574 16.63711  1.000 6.00119  ? 101 I77 B C02    1 
HETATM 410 C C03    . I77 H 2 . ? 9.70637   -1.20708 15.87568  1.000 4.78085  ? 101 I77 B C03    1 
HETATM 411 C C04    . I77 H 2 . ? 9.87534   -1.55117 14.56839  1.000 6.39931  ? 101 I77 B C04    1 
HETATM 412 C C05    . I77 H 2 . ? 8.76687   -1.96574 13.87060  1.000 9.32154  ? 101 I77 B C05    1 
HETATM 413 C C06    . I77 H 2 . ? 8.46201   -1.28694 16.48962  1.000 7.94926  ? 101 I77 B C06    1 
HETATM 414 C C08    . I77 H 2 . ? 7.56956   -2.04445 14.51834  1.000 7.91272  ? 101 I77 B C08    1 
HETATM 415 C C09    . I77 H 2 . ? 6.37635   -2.45157 13.71697  1.000 7.47647  ? 101 I77 B C09    1 
HETATM 416 N N01    . I77 H 2 . ? 10.77178  -0.42684 18.03907  1.000 6.95735  ? 101 I77 B N01    1 
HETATM 417 N N07    . I77 H 2 . ? 7.42521   -1.69947 15.77728  1.000 9.26111  ? 101 I77 B N07    1 
HETATM 418 N N10    . I77 H 2 . ? 6.51502   -2.75737 12.43789  1.000 7.11339  ? 101 I77 B N10    1 
HETATM 419 N N14    . I77 H 2 . ? 2.94168   -2.76816 10.23722  1.000 4.54600  ? 101 I77 B N14    1 
HETATM 420 N N15    . I77 H 2 . ? 1.81783   -2.94145 9.43336   1.000 6.77110  ? 101 I77 B N15    1 
HETATM 421 O O16    . I77 H 2 . ? 2.07496   -4.09790 11.91149  1.000 8.34676  ? 101 I77 B O16    1 
HETATM 422 O O19    . I77 H 2 . ? 11.96941  -0.61337 16.08199  1.000 6.37795  ? 101 I77 B O19    1 
HETATM 423 H H111   . I77 H 2 . ? 5.56707   -3.34497 10.69069  1.000 9.04334  ? 101 I77 B H111   1 
HETATM 424 H H171   . I77 H 2 . ? 3.04640   -2.67598 14.09543  1.000 7.48462  ? 101 I77 B H171   1 
HETATM 425 H H181   . I77 H 2 . ? 5.08155   -2.09904 15.39976  1.000 7.62904  ? 101 I77 B H181   1 
HETATM 426 H H041   . I77 H 2 . ? 10.84054  -1.50013 14.10014  1.000 7.82950  ? 101 I77 B H041   1 
HETATM 427 H H051   . I77 H 2 . ? 8.84267   -2.22608 12.82210  1.000 11.33617 ? 101 I77 B H051   1 
HETATM 428 H H061   . I77 H 2 . ? 8.34299   -1.01718 17.52962  1.000 9.68944  ? 101 I77 B H061   1 
HETATM 429 H H011   . I77 H 2 . ? 9.88534   -0.53443 18.48091  1.000 8.49914  ? 101 I77 B H011   1 
HETATM 430 H H012   . I77 H 2 . ? 11.56105  -0.10703 18.57828  1.000 8.49914  ? 101 I77 B H012   1 
HETATM 431 H H141   . I77 H 2 . ? 3.71963   -2.21365 9.92201   1.000 5.60553  ? 101 I77 B H141   1 
HETATM 432 H H1     . I77 H 2 . ? 1.92187   -2.29658 8.67038   1.000 8.27565  ? 101 I77 B H1     1 
HETATM 433 C C05    . I6W I 3 . ? 9.44319   8.20386  3.99920   1.000 8.21963  ? 102 I6W B C05    1 
HETATM 434 C C08    . I6W I 3 . ? 10.47293  8.15588  3.10297   1.000 10.91021 ? 102 I6W B C08    1 
HETATM 435 C C09    . I6W I 3 . ? 11.83788  8.42758  3.68173   1.000 8.86021  ? 102 I6W B C09    1 
HETATM 436 N N10    . I6W I 3 . ? 11.96229  8.52129  4.99519   1.000 10.99819 ? 102 I6W B N10    1 
HETATM 437 C C02    . I6W I 3 . ? 6.55045   7.29756  1.79016   1.000 7.59126  ? 102 I6W B C02    1 
HETATM 438 C C03    . I6W I 3 . ? 7.98507   7.58724  2.21765   1.000 6.73427  ? 102 I6W B C03    1 
HETATM 439 C C04    . I6W I 3 . ? 8.15242   7.94731  3.53692   1.000 10.78694 ? 102 I6W B C04    1 
HETATM 440 C C06    . I6W I 3 . ? 9.06358   7.53068  1.35778   1.000 9.71873  ? 102 I6W B C06    1 
HETATM 441 C C11    . I6W I 3 . ? 13.11859  8.73133  5.58167   1.000 8.21582  ? 102 I6W B C11    1 
HETATM 442 C C12    . I6W I 3 . ? 14.23626  8.81616  4.79435   1.000 9.05982  ? 102 I6W B C12    1 
HETATM 443 C C13    . I6W I 3 . ? 15.63274  9.02950  5.41948   1.000 11.40066 ? 102 I6W B C13    1 
HETATM 444 C C15    . I6W I 3 . ? 17.92849  9.44177  4.88421   1.000 8.50944  ? 102 I6W B C15    1 
HETATM 445 C C16    . I6W I 3 . ? 18.82275  9.51659  3.62490   1.000 9.99295  ? 102 I6W B C16    1 
HETATM 446 C C18    . I6W I 3 . ? 14.15566  8.68719  3.42028   1.000 6.87465  ? 102 I6W B C18    1 
HETATM 447 C C19    . I6W I 3 . ? 12.92094  8.47901  2.83982   1.000 5.47456  ? 102 I6W B C19    1 
HETATM 448 N N07    . I6W I 3 . ? 10.28659  7.79449  1.82509   1.000 10.66788 ? 102 I6W B N07    1 
HETATM 449 O O01    . I6W I 3 . ? 5.86613   6.60855  2.51319   1.000 8.96990  ? 102 I6W B O01    1 
HETATM 450 O O14    . I6W I 3 . ? 16.57880  9.29862  4.42370   1.000 6.30100  ? 102 I6W B O14    1 
HETATM 451 O O17    . I6W I 3 . ? 15.89314  8.93614  6.57758   1.000 10.82940 ? 102 I6W B O17    1 
HETATM 452 H H051   . I6W I 3 . ? 9.62209   8.43193  5.02711   1.000 10.01388 ? 102 I6W B H051   1 
HETATM 453 H H041   . I6W I 3 . ? 7.27092   8.03199  4.22263   1.000 13.09465 ? 102 I6W B H041   1 
HETATM 454 H H061   . I6W I 3 . ? 8.91860   7.27433  0.31247   1.000 11.81280 ? 102 I6W B H061   1 
HETATM 455 H H111   . I6W I 3 . ? 13.18548  8.83286  6.63971   1.000 10.00931 ? 102 I6W B H111   1 
HETATM 456 H H152   . I6W I 3 . ? 18.20808  8.58800  5.48902   1.000 10.36166 ? 102 I6W B H152   1 
HETATM 457 H H151   . I6W I 3 . ? 18.02895  10.34937 5.46649   1.000 10.36166 ? 102 I6W B H151   1 
HETATM 458 H H162   . I6W I 3 . ? 19.81557  9.91773  3.90176   1.000 12.14186 ? 102 I6W B H162   1 
HETATM 459 H H163   . I6W I 3 . ? 18.35115  10.18162 2.87752   1.000 12.14186 ? 102 I6W B H163   1 
HETATM 460 H H161   . I6W I 3 . ? 18.94017  8.50389  3.19610   1.000 12.14186 ? 102 I6W B H161   1 
HETATM 461 H H181   . I6W I 3 . ? 15.05260  8.74877  2.80401   1.000 8.39990  ? 102 I6W B H181   1 
HETATM 462 H H191   . I6W I 3 . ? 12.81106  8.36104  1.76384   1.000 6.71979  ? 102 I6W B H191   1 
HETATM 463 C C1     . OXE J 4 . ? 15.38415  8.06170  17.31677  1.000 7.09561  ? 103 OXE B C1     1 
HETATM 464 C C2     . OXE J 4 . ? 15.72523  7.34193  16.16806  1.000 5.49364  ? 103 OXE B C2     1 
HETATM 465 C C3     . OXE J 4 . ? 17.04394  6.99243  15.94863  1.000 8.87467  ? 103 OXE B C3     1 
HETATM 466 C C4     . OXE J 4 . ? 18.03724  7.38337  16.82799  1.000 11.18709 ? 103 OXE B C4     1 
HETATM 467 C C5     . OXE J 4 . ? 17.69668  8.10073  17.96893  1.000 8.54570  ? 103 OXE B C5     1 
HETATM 468 C C6     . OXE J 4 . ? 16.38317  8.44677  18.20104  1.000 8.24473  ? 103 OXE B C6     1 
HETATM 469 C "C1'"  . OXE J 4 . ? 13.96531  8.41001  17.57142  1.000 9.91632  ? 103 OXE B "C1'"  1 
HETATM 470 C "C2'"  . OXE J 4 . ? 14.65881  6.93165  15.19871  1.000 9.38428  ? 103 OXE B "C2'"  1 
HETATM 471 H H3     . OXE J 4 . ? 17.26361  6.48769  15.19904  1.000 10.79993 ? 103 OXE B H3     1 
HETATM 472 H H4     . OXE J 4 . ? 18.92451  7.16600  16.65364  1.000 13.57484 ? 103 OXE B H4     1 
HETATM 473 H H5     . OXE J 4 . ? 18.35295  8.34954  18.57909  1.000 10.40516 ? 103 OXE B H5     1 
HETATM 474 H H6     . OXE J 4 . ? 16.16123  8.94257  18.95591  1.000 10.04400 ? 103 OXE B H6     1 
HETATM 475 H "H1'1" . OXE J 4 . ? 13.65010  9.10346  16.97086  1.000 12.04991 ? 103 OXE B "H1'1" 1 
HETATM 476 H "H1'2" . OXE J 4 . ? 13.82965  8.73505  18.47521  1.000 12.04991 ? 103 OXE B "H1'2" 1 
HETATM 477 H "H1'3" . OXE J 4 . ? 13.37909  7.64611  17.45431  1.000 12.04991 ? 103 OXE B "H1'3" 1 
HETATM 478 H "H2'1" . OXE J 4 . ? 13.95038  6.42987  15.63143  1.000 11.41146 ? 103 OXE B "H2'1" 1 
HETATM 479 H "H2'2" . OXE J 4 . ? 14.24321  7.69762  14.77271  1.000 11.41146 ? 103 OXE B "H2'2" 1 
HETATM 480 H "H2'3" . OXE J 4 . ? 15.01068  6.37041  14.49012  1.000 11.41146 ? 103 OXE B "H2'3" 1 
HETATM 481 C C1     . OXE K 4 . ? 6.37303   6.46995  10.44740  1.000 8.67886  ? 104 OXE B C1     1 
HETATM 482 C C2     . OXE K 4 . ? 7.07696   5.29333  10.12749  1.000 11.09123 ? 104 OXE B C2     1 
HETATM 483 C C3     . OXE K 4 . ? 6.47400   4.36217  9.29370   1.000 11.20160 ? 104 OXE B C3     1 
HETATM 484 C C4     . OXE K 4 . ? 5.19557   4.54437  8.78797   1.000 7.58746  ? 104 OXE B C4     1 
HETATM 485 C C5     . OXE K 4 . ? 4.50327   5.69845  9.11433   1.000 10.45376 ? 104 OXE B C5     1 
HETATM 486 C C6     . OXE K 4 . ? 5.08978   6.64436  9.94231   1.000 10.49050 ? 104 OXE B C6     1 
HETATM 487 C "C1'"  . OXE K 4 . ? 6.96034   7.52226  11.33652  1.000 9.65855  ? 104 OXE B "C1'"  1 
HETATM 488 C "C2'"  . OXE K 4 . ? 8.46206   5.02113  10.63980  1.000 12.01166 ? 104 OXE B "C2'"  1 
HETATM 489 H H3     . OXE K 4 . ? 6.94456   3.59227  9.06848   1.000 13.59224 ? 104 OXE B H3     1 
HETATM 490 H H4     . OXE K 4 . ? 4.81283   3.89899  8.23851   1.000 9.25528  ? 104 OXE B H4     1 
HETATM 491 H H5     . OXE K 4 . ? 3.64702   5.84308  8.78146   1.000 12.69484 ? 104 OXE B H5     1 
HETATM 492 H H6     . OXE K 4 . ? 4.61617   7.41286  10.16587  1.000 12.73892 ? 104 OXE B H6     1 
HETATM 493 H "H1'1" . OXE K 4 . ? 7.03878   7.21746  12.25404  1.000 11.74059 ? 104 OXE B "H1'1" 1 
HETATM 494 H "H1'2" . OXE K 4 . ? 6.41863   8.32677  11.35078  1.000 11.74059 ? 104 OXE B "H1'2" 1 
HETATM 495 H "H1'3" . OXE K 4 . ? 7.84871   7.78419  11.04828  1.000 11.74059 ? 104 OXE B "H1'3" 1 
HETATM 496 H "H2'1" . OXE K 4 . ? 9.00984   5.82162  10.64415  1.000 14.56431 ? 104 OXE B "H2'1" 1 
HETATM 497 H "H2'2" . OXE K 4 . ? 8.45131   4.68090  11.54811  1.000 14.56431 ? 104 OXE B "H2'2" 1 
HETATM 498 H "H2'3" . OXE K 4 . ? 8.92569   4.36417  10.09725  1.000 14.56431 ? 104 OXE B "H2'3" 1 
HETATM 499 C C1     . OXE L 4 . ? -4.08132  1.52899  4.44341   1.000 5.26536  ? 105 OXE B C1     1 
HETATM 500 C C2     . OXE L 4 . ? -3.70887  2.34000  5.51478   1.000 8.59834  ? 105 OXE B C2     1 
HETATM 501 C C3     . OXE L 4 . ? -4.53025  2.37330  6.62532   1.000 7.90681  ? 105 OXE B C3     1 
HETATM 502 C C4     . OXE L 4 . ? -5.71182  1.63337  6.69851   1.000 7.74580  ? 105 OXE B C4     1 
HETATM 503 C C5     . OXE L 4 . ? -6.09105  0.83026  5.63399   1.000 5.21169  ? 105 OXE B C5     1 
HETATM 504 C C6     . OXE L 4 . ? -5.26383  0.78583  4.50485   1.000 7.24757  ? 105 OXE B C6     1 
HETATM 505 C "C1'"  . OXE L 4 . ? -3.21073  1.50292  3.23461   1.000 9.71029  ? 105 OXE B "C1'"  1 
HETATM 506 C "C2'"  . OXE L 4 . ? -2.45081  3.14258  5.45771   1.000 8.23765  ? 105 OXE B "C2'"  1 
HETATM 507 H H3     . OXE L 4 . ? -4.28549  2.90713  7.34644   1.000 9.63850  ? 105 OXE B H3     1 
HETATM 508 H H4     . OXE L 4 . ? -6.24071  1.68199  7.46192   1.000 9.44528  ? 105 OXE B H4     1 
HETATM 509 H H5     . OXE L 4 . ? -6.87525  0.33126  5.66474   1.000 6.40435  ? 105 OXE B H5     1 
HETATM 510 H H6     . OXE L 4 . ? -5.50332  0.25293  3.78128   1.000 8.84741  ? 105 OXE B H6     1 
HETATM 511 H "H1'1" . OXE L 4 . ? -3.07948  2.38994  2.86465   1.000 11.80267 ? 105 OXE B "H1'1" 1 
HETATM 512 H "H1'2" . OXE L 4 . ? -3.58851  0.95493  2.52900   1.000 11.80267 ? 105 OXE B "H1'2" 1 
HETATM 513 H "H1'3" . OXE L 4 . ? -2.33080  1.14491  3.43071   1.000 11.80267 ? 105 OXE B "H1'3" 1 
HETATM 514 H "H2'1" . OXE L 4 . ? -1.70981  2.62855  5.10052   1.000 10.03551 ? 105 OXE B "H2'1" 1 
HETATM 515 H "H2'2" . OXE L 4 . ? -2.54758  3.92721  4.89566   1.000 10.03551 ? 105 OXE B "H2'2" 1 
HETATM 516 H "H2'3" . OXE L 4 . ? -2.18106  3.45507  6.33548   1.000 10.03551 ? 105 OXE B "H2'3" 1 
HETATM 517 C C1     A OXE M 4 . ? 13.36344  7.90892  10.63484  0.755 15.69064 ? 106 OXE B C1     1 
HETATM 518 C C1     B OXE M 4 . ? 13.12556  8.27289  10.96188  0.245 8.70655  ? 106 OXE B C1     1 
HETATM 519 C C2     A OXE M 4 . ? 13.98129  6.74801  11.10282  0.755 13.13678 ? 106 OXE B C2     1 
HETATM 520 C C2     B OXE M 4 . ? 14.19683  7.40907  10.69643  0.245 7.96145  ? 106 OXE B C2     1 
HETATM 521 C C3     A OXE M 4 . ? 13.28341  5.93374  12.00046  0.755 17.09081 ? 106 OXE B C3     1 
HETATM 522 C C3     B OXE M 4 . ? 14.31467  6.23805  11.43876  0.245 10.85964 ? 106 OXE B C3     1 
HETATM 523 C C4     A OXE M 4 . ? 12.00545  6.25103  12.45005  0.755 16.99772 ? 106 OXE B C4     1 
HETATM 524 C C4     B OXE M 4 . ? 13.38320  5.90240  12.41627  0.245 10.95916 ? 106 OXE B C4     1 
HETATM 525 C C5     A OXE M 4 . ? 11.39767  7.41547  11.99905  0.755 19.32282 ? 106 OXE B C5     1 
HETATM 526 C C5     B OXE M 4 . ? 12.32015  6.75367  12.67236  0.245 10.56117 ? 106 OXE B C5     1 
HETATM 527 C C6     A OXE M 4 . ? 12.08270  8.23326  11.10548  0.755 14.21706 ? 106 OXE B C6     1 
HETATM 528 C C6     B OXE M 4 . ? 12.20068  7.93028  11.94354  0.245 8.27411  ? 106 OXE B C6     1 
HETATM 529 C "C1'"  A OXE M 4 . ? 14.09949  8.79216  9.66980   0.755 14.35520 ? 106 OXE B "C1'"  1 
HETATM 530 C "C1'"  B OXE M 4 . ? 12.97200  9.54227  10.18096  0.245 9.36683  ? 106 OXE B "C1'"  1 
HETATM 531 C "C2'"  A OXE M 4 . ? 15.36439  6.36418  10.63675  0.755 14.50652 ? 106 OXE B "C2'"  1 
HETATM 532 C "C2'"  B OXE M 4 . ? 15.20894  7.75980  9.64628   0.245 3.62677  ? 106 OXE B "C2'"  1 
HETATM 533 H H3     A OXE M 4 . ? 13.68950  5.15467  12.30548  0.755 20.65929 ? 106 OXE B H3     1 
HETATM 534 H H3     B OXE M 4 . ? 15.03236  5.66943  11.27596  0.245 13.18189 ? 106 OXE B H3     1 
HETATM 535 H H4     A OXE M 4 . ? 11.56694  5.68716  13.04559  0.755 20.54759 ? 106 OXE B H4     1 
HETATM 536 H H4     B OXE M 4 . ? 13.47730  5.10957  12.89320  0.245 13.30132 ? 106 OXE B H4     1 
HETATM 537 H H5     A OXE M 4 . ? 10.54502  7.64927  12.28755  0.755 23.33771 ? 106 OXE B H5     1 
HETATM 538 H H5     B OXE M 4 . ? 11.69109  6.54346  13.32428  0.245 12.82373 ? 106 OXE B H5     1 
HETATM 539 H H6     A OXE M 4 . ? 11.68156  9.01860  10.81016  0.755 17.21079 ? 106 OXE B H6     1 
HETATM 540 H H6     B OXE M 4 . ? 11.48802  8.50311  12.11348  0.245 10.07925 ? 106 OXE B H6     1 
HETATM 541 H "H1'1" A OXE M 4 . ? 14.95318  9.08405  10.02605  0.755 17.37656 ? 106 OXE B "H1'1" 1 
HETATM 542 H "H1'1" B OXE M 4 . ? 13.80446  10.03744 10.12893  0.245 11.39052 ? 106 OXE B "H1'1" 1 
HETATM 543 H "H1'2" A OXE M 4 . ? 13.59436  9.59172  9.45429   0.755 17.37656 ? 106 OXE B "H1'2" 1 
HETATM 544 H "H1'2" B OXE M 4 . ? 12.31486  10.13426 10.57923  0.245 11.39052 ? 106 OXE B "H1'2" 1 
HETATM 545 H "H1'3" A OXE M 4 . ? 14.28247  8.33852  8.83216   0.755 17.37656 ? 106 OXE B "H1'3" 1 
HETATM 546 H "H1'3" B OXE M 4 . ? 12.68557  9.37349  9.26971   0.245 11.39052 ? 106 OXE B "H1'3" 1 
HETATM 547 H "H2'1" A OXE M 4 . ? 15.42668  6.34183  9.66902   0.755 17.55815 ? 106 OXE B "H2'1" 1 
HETATM 548 H "H2'1" B OXE M 4 . ? 15.99329  7.19124  9.69575   0.245 4.50245  ? 106 OXE B "H2'1" 1 
HETATM 549 H "H2'2" A OXE M 4 . ? 16.03757  6.98883  10.94908  0.755 17.55815 ? 106 OXE B "H2'2" 1 
HETATM 550 H "H2'2" B OXE M 4 . ? 14.84810  7.66648  8.75075   0.245 4.50245  ? 106 OXE B "H2'2" 1 
HETATM 551 H "H2'3" A OXE M 4 . ? 15.62321  5.48596  10.95712  0.755 17.55815 ? 106 OXE B "H2'3" 1 
HETATM 552 H "H2'3" B OXE M 4 . ? 15.51747  8.67535  9.73283   0.245 4.50245  ? 106 OXE B "H2'3" 1 
HETATM 553 C C1     A OXE N 4 . ? 7.14234   9.34596  7.84707   0.754 16.59701 ? 107 OXE B C1     1 
HETATM 554 C C1     B OXE N 4 . ? 7.45619   9.66957  8.22813   0.246 7.73804  ? 107 OXE B C1     1 
HETATM 555 C C2     A OXE N 4 . ? 8.43197   9.29980  8.40200   0.754 16.75615 ? 107 OXE B C2     1 
HETATM 556 C C2     B OXE N 4 . ? 8.47270   10.30887 8.94862   0.246 7.33061  ? 107 OXE B C2     1 
HETATM 557 C C3     A OXE N 4 . ? 8.92220   10.40145 9.09542   0.754 16.68509 ? 107 OXE B C3     1 
HETATM 558 C C3     B OXE N 4 . ? 8.24810   11.58433 9.45568   0.246 9.94386  ? 107 OXE B C3     1 
HETATM 559 C C4     A OXE N 4 . ? 8.16246   11.55385 9.22848   0.754 19.30551 ? 107 OXE B C4     1 
HETATM 560 C C4     B OXE N 4 . ? 7.03307   12.23288 9.26644   0.246 8.53892  ? 107 OXE B C4     1 
HETATM 561 C C5     A OXE N 4 . ? 6.88482   11.60655 8.67949   0.754 18.74878 ? 107 OXE B C5     1 
HETATM 562 C C5     B OXE N 4 . ? 6.02618   11.60088 8.55342   0.246 7.93962  ? 107 OXE B C5     1 
HETATM 563 C C6     A OXE N 4 . ? 6.38662   10.50959 7.99584   0.754 17.96877 ? 107 OXE B C6     1 
HETATM 564 C C6     B OXE N 4 . ? 6.24270   10.32760 8.04315   0.246 8.64210  ? 107 OXE B C6     1 
HETATM 565 C "C1'"  A OXE N 4 . ? 6.58694   8.17077  7.09724   0.754 13.53021 ? 107 OXE B "C1'"  1 
HETATM 566 C "C1'"  B OXE N 4 . ? 7.69514   8.29813  7.67123   0.246 4.17866  ? 107 OXE B "C1'"  1 
HETATM 567 C "C2'"  A OXE N 4 . ? 9.27801   8.08560  8.28212   0.754 16.74945 ? 107 OXE B "C2'"  1 
HETATM 568 C "C2'"  B OXE N 4 . ? 9.78478   9.61647  9.15321   0.246 3.58765  ? 107 OXE B "C2'"  1 
HETATM 569 H H3     A OXE N 4 . ? 9.77086   10.36191 9.47372   0.754 20.17244 ? 107 OXE B H3     1 
HETATM 570 H H3     B OXE N 4 . ? 8.92569   12.00931 9.93020   0.246 12.08296 ? 107 OXE B H3     1 
HETATM 571 H H4     A OXE N 4 . ? 8.50943   12.28677 9.68384   0.754 23.31694 ? 107 OXE B H4     1 
HETATM 572 H H4     B OXE N 4 . ? 6.90098   13.08403 9.61715   0.246 10.39703 ? 107 OXE B H4     1 
HETATM 573 H H5     A OXE N 4 . ? 6.36464   12.37228 8.76874   0.754 22.64887 ? 107 OXE B H5     1 
HETATM 574 H H5     B OXE N 4 . ? 5.20923   12.02325 8.41526   0.246 9.67787  ? 107 OXE B H5     1 
HETATM 575 H H6     A OXE N 4 . ? 5.53312   10.54681 7.62834   0.754 21.71285 ? 107 OXE B H6     1 
HETATM 576 H H6     B OXE N 4 . ? 5.56514   9.90347  7.56784   0.246 10.52085 ? 107 OXE B H6     1 
HETATM 577 H "H1'1" A OXE N 4 . ? 7.14549   7.92690  6.34263   0.754 16.38658 ? 107 OXE B "H1'1" 1 
HETATM 578 H "H1'1" B OXE N 4 . ? 8.39874   8.29683  7.00350   0.246 5.16471  ? 107 OXE B "H1'1" 1 
HETATM 579 H "H1'2" A OXE N 4 . ? 5.70079   8.35184  6.74673   0.754 16.38658 ? 107 OXE B "H1'2" 1 
HETATM 580 H "H1'2" B OXE N 4 . ? 6.90122   7.93719  7.24661   0.246 5.16471  ? 107 OXE B "H1'2" 1 
HETATM 581 H "H1'3" A OXE N 4 . ? 6.51333   7.38466  7.66073   0.754 16.38658 ? 107 OXE B "H1'3" 1 
HETATM 582 H "H1'3" B OXE N 4 . ? 7.95823   7.66886  8.36095   0.246 5.16471  ? 107 OXE B "H1'3" 1 
HETATM 583 H "H2'1" A OXE N 4 . ? 8.87574   7.31977  8.72096   0.754 20.24967 ? 107 OXE B "H2'1" 1 
HETATM 584 H "H2'1" B OXE N 4 . ? 9.68266   8.78545  9.64295   0.246 4.45551  ? 107 OXE B "H2'1" 1 
HETATM 585 H "H2'2" A OXE N 4 . ? 9.42392   7.83647  7.35609   0.754 20.24967 ? 107 OXE B "H2'2" 1 
HETATM 586 H "H2'2" B OXE N 4 . ? 10.21334  9.39752  8.31101   0.246 4.45551  ? 107 OXE B "H2'2" 1 
HETATM 587 H "H2'3" A OXE N 4 . ? 10.15259  8.21333  8.68174   0.754 20.24967 ? 107 OXE B "H2'3" 1 
HETATM 588 H "H2'3" B OXE N 4 . ? 10.40888  10.16487 9.65387   0.246 4.45551  ? 107 OXE B "H2'3" 1 
HETATM 589 O O      . HOH O 5 . ? -3.71798  2.19775  -10.56291 1.000 26.87606 ? 201 HOH A O      1 
# 
loop_
_atom_site_anisotrop.id 
_atom_site_anisotrop.type_symbol 
_atom_site_anisotrop.pdbx_label_atom_id 
_atom_site_anisotrop.pdbx_label_alt_id 
_atom_site_anisotrop.pdbx_label_comp_id 
_atom_site_anisotrop.pdbx_label_asym_id 
_atom_site_anisotrop.pdbx_label_seq_id 
_atom_site_anisotrop.pdbx_PDB_ins_code 
_atom_site_anisotrop.U[1][1] 
_atom_site_anisotrop.U[2][2] 
_atom_site_anisotrop.U[3][3] 
_atom_site_anisotrop.U[1][2] 
_atom_site_anisotrop.U[1][3] 
_atom_site_anisotrop.U[2][3] 
_atom_site_anisotrop.pdbx_auth_seq_id 
_atom_site_anisotrop.pdbx_auth_comp_id 
_atom_site_anisotrop.pdbx_auth_asym_id 
_atom_site_anisotrop.pdbx_auth_atom_id 
1   N N     . LEU A 1 ? 0.05597 0.04897 0.06668 0.00561  0.03346  -0.00805 2   LEU A N     
2   C CA    . LEU A 1 ? 0.05998 0.04308 0.08892 -0.02136 0.02328  -0.00186 2   LEU A CA    
3   C C     . LEU A 1 ? 0.03779 0.02093 0.04627 -0.01010 0.02766  -0.00885 2   LEU A C     
4   O O     . LEU A 1 ? 0.04486 0.05654 0.06229 -0.00040 0.02413  -0.02206 2   LEU A O     
5   C CB    . LEU A 1 ? 0.06975 0.05075 0.10096 0.03279  -0.00586 -0.00121 2   LEU A CB    
6   C CG    . LEU A 1 ? 0.07335 0.02356 0.09235 -0.00341 0.00415  0.00085  2   LEU A CG    
7   C CD1   . LEU A 1 ? 0.10231 0.05779 0.13491 -0.02507 0.00992  -0.03367 2   LEU A CD1   
8   C CD2   . LEU A 1 ? 0.07394 0.05316 0.04344 -0.01300 0.01000  0.02298  2   LEU A CD2   
20  N N     . AIB A 2 ? 0.06806 0.03210 0.06651 -0.00483 -0.00432 0.02324  3   AIB A N     
21  C CA    . AIB A 2 ? 0.02651 0.02035 0.02276 0.01102  0.01289  0.00981  3   AIB A CA    
22  C C     . AIB A 2 ? 0.04231 0.02302 0.01983 0.01354  0.00943  0.00774  3   AIB A C     
23  O O     . AIB A 2 ? 0.04506 0.06164 0.05705 0.02584  0.00515  -0.01557 3   AIB A O     
24  C CB1   . AIB A 2 ? 0.03833 0.05000 0.04852 -0.00469 0.00247  0.02845  3   AIB A CB1   
25  C CB2   . AIB A 2 ? 0.04656 0.06461 0.02645 0.02599  0.00674  -0.00146 3   AIB A CB2   
33  N N     . ALA A 3 ? 0.08080 0.06039 0.04319 -0.00438 0.00576  0.02914  4   ALA A N     
34  C CA    . ALA A 3 ? 0.06033 0.07811 0.03989 -0.00905 0.02110  0.01564  4   ALA A CA    
35  C C     . ALA A 3 ? 0.07074 0.09319 0.10935 0.01741  0.00110  0.01432  4   ALA A C     
36  O O     . ALA A 3 ? 0.09371 0.04521 0.07086 -0.01177 0.01910  0.02254  4   ALA A O     
37  C CB    . ALA A 3 ? 0.04661 0.14603 0.08769 -0.00051 0.00996  -0.04554 4   ALA A CB    
43  N N     . AIB A 4 ? 0.05572 0.04933 0.11288 0.01967  0.00286  0.02081  5   AIB A N     
44  C CA    . AIB A 4 ? 0.06968 0.04636 0.07696 0.01916  0.01113  0.02850  5   AIB A CA    
45  C C     . AIB A 4 ? 0.07934 0.07330 0.08679 -0.02242 0.02203  0.03187  5   AIB A C     
46  O O     . AIB A 4 ? 0.05682 0.08064 0.09733 0.01678  0.03817  0.02227  5   AIB A O     
47  C CB1   . AIB A 4 ? 0.09929 0.06641 0.10716 -0.03081 0.00983  0.03387  5   AIB A CB1   
48  C CB2   . AIB A 4 ? 0.05025 0.08595 0.06528 0.02275  0.01794  0.04199  5   AIB A CB2   
56  N N     . LEU A 5 ? 0.06138 0.04780 0.05691 -0.00767 0.02460  0.01795  6   LEU A N     
57  C CA    . LEU A 5 ? 0.06396 0.10695 0.04787 0.01690  0.02374  0.01830  6   LEU A CA    
58  C C     . LEU A 5 ? 0.04770 0.10405 0.08758 0.00333  0.02778  0.02647  6   LEU A C     
59  O O     . LEU A 5 ? 0.05996 0.12202 0.09163 -0.00199 0.04295  -0.00076 6   LEU A O     
60  C CB    . LEU A 5 ? 0.10154 0.06623 0.06738 0.04371  -0.00593 -0.01626 6   LEU A CB    
61  C CG    . LEU A 5 ? 0.13028 0.09590 0.12379 0.03763  -0.03963 -0.01345 6   LEU A CG    
62  C CD1   . LEU A 5 ? 0.08199 0.12670 0.11794 0.01461  -0.00204 -0.07120 6   LEU A CD1   
63  C CD2   . LEU A 5 ? 0.17742 0.07135 0.14929 -0.02956 -0.04824 0.03522  6   LEU A CD2   
75  N N     . AIB A 6 ? 0.08595 0.07310 0.11791 -0.00089 0.02184  -0.03999 7   AIB A N     
76  C CA    . AIB A 6 ? 0.07220 0.06663 0.07625 -0.00195 0.04442  -0.00323 7   AIB A CA    
77  C C     . AIB A 6 ? 0.06608 0.07864 0.10234 0.02787  0.03920  0.02810  7   AIB A C     
78  O O     . AIB A 6 ? 0.08407 0.05285 0.12107 0.02564  0.03679  0.01135  7   AIB A O     
79  C CB1   . AIB A 6 ? 0.07552 0.05754 0.09003 0.02519  0.01484  -0.02574 7   AIB A CB1   
80  C CB2   . AIB A 6 ? 0.06247 0.02964 0.10430 0.00306  0.02306  -0.00441 7   AIB A CB2   
88  N N     . GLN A 7 ? 0.07836 0.07737 0.11833 0.03679  0.02182  -0.01774 8   GLN A N     
89  C CA    . GLN A 7 ? 0.04738 0.02470 0.08458 0.00319  0.03589  0.00232  8   GLN A CA    
90  C C     . GLN A 7 ? 0.06270 0.04370 0.15103 -0.01062 0.01260  -0.00207 8   GLN A C     
91  O O     . GLN A 7 ? 0.05330 0.06909 0.15884 -0.01651 -0.00014 0.01293  8   GLN A O     
92  C CB    . GLN A 7 ? 0.05812 0.02088 0.05801 0.00226  0.03481  0.00216  8   GLN A CB    
93  C CG    . GLN A 7 ? 0.10405 0.03912 0.07751 -0.00482 0.00231  0.02541  8   GLN A CG    
94  C CD    . GLN A 7 ? 0.07505 0.03695 0.08062 0.02149  0.01332  -0.01100 8   GLN A CD    
95  O OE1   . GLN A 7 ? 0.05528 0.03727 0.06147 -0.00579 0.03375  0.00009  8   GLN A OE1   
96  N NE2   . GLN A 7 ? 0.08288 0.05722 0.08437 -0.00864 0.02899  -0.01404 8   GLN A NE2   
105 N N     . AIB A 8 ? 0.08532 0.05218 0.08132 -0.03308 0.02622  -0.01672 9   AIB A N     
106 C CA    . AIB A 8 ? 0.06423 0.03607 0.08045 -0.02461 0.00600  0.00600  9   AIB A CA    
107 C C     . AIB A 8 ? 0.03653 0.03599 0.12053 0.00586  -0.00716 -0.00530 9   AIB A C     
108 O O     . AIB A 8 ? 0.03935 0.10163 0.10897 0.01687  -0.00757 -0.02014 9   AIB A O     
109 C CB1   . AIB A 8 ? 0.06758 0.07413 0.10721 -0.03928 0.00887  0.01302  9   AIB A CB1   
110 C CB2   . AIB A 8 ? 0.07840 0.05635 0.16870 0.00380  -0.01501 -0.03660 9   AIB A CB2   
118 N N     . LEU A 9 ? 0.04722 0.08359 0.09646 -0.01136 0.00113  -0.02948 10  LEU A N     
119 C CA    . LEU A 9 ? 0.03593 0.04546 0.08018 -0.01032 0.01896  0.00879  10  LEU A CA    
120 C C     . LEU A 9 ? 0.06921 0.03565 0.08923 -0.00780 0.00957  -0.00578 10  LEU A C     
121 O O     . LEU A 9 ? 0.05653 0.02824 0.10401 0.00749  0.00423  0.00490  10  LEU A O     
122 C CB    . LEU A 9 ? 0.02965 0.06457 0.08607 0.00482  0.01268  0.02796  10  LEU A CB    
123 C CG    . LEU A 9 ? 0.04694 0.11189 0.04657 0.00296  0.01608  0.01760  10  LEU A CG    
124 C CD1   . LEU A 9 ? 0.05622 0.08360 0.04501 0.02004  0.01721  -0.01358 10  LEU A CD1   
125 C CD2   . LEU A 9 ? 0.07158 0.26996 0.07465 -0.02327 -0.00070 0.01725  10  LEU A CD2   
137 N N     . LEU B 1 ? 0.07020 0.02472 0.04435 0.01157  0.01391  0.00965  2   LEU B N     
138 C CA    . LEU B 1 ? 0.08019 0.06247 0.05653 -0.01546 0.01252  0.00239  2   LEU B CA    
139 C C     . LEU B 1 ? 0.02895 0.05948 0.05153 0.00943  0.01892  -0.00460 2   LEU B C     
140 O O     . LEU B 1 ? 0.02691 0.07372 0.06653 0.01184  0.01696  -0.00263 2   LEU B O     
141 C CB    . LEU B 1 ? 0.06368 0.04873 0.03653 -0.00518 0.01906  0.01511  2   LEU B CB    
142 C CG    . LEU B 1 ? 0.02439 0.02531 0.06713 0.00903  0.01492  0.02184  2   LEU B CG    
143 C CD1   . LEU B 1 ? 0.06894 0.05072 0.06281 0.03203  -0.00337 -0.01407 2   LEU B CD1   
144 C CD2   . LEU B 1 ? 0.05148 0.07420 0.04232 0.02866  0.01633  0.02675  2   LEU B CD2   
156 N N     . AIB B 2 ? 0.02928 0.07796 0.07822 0.00871  0.01830  0.00506  3   AIB B N     
157 C CA    . AIB B 2 ? 0.03093 0.05566 0.07557 -0.00163 0.00965  0.03072  3   AIB B CA    
158 C C     . AIB B 2 ? 0.03835 0.09308 0.09283 -0.00932 0.02406  -0.01602 3   AIB B C     
159 O O     . AIB B 2 ? 0.04762 0.08302 0.08106 -0.01699 0.02762  0.01290  3   AIB B O     
160 C CB1   . AIB B 2 ? 0.04367 0.11313 0.11959 -0.02873 0.01493  0.00491  3   AIB B CB1   
161 C CB2   . AIB B 2 ? 0.08156 0.09403 0.06464 -0.04139 0.01343  0.01624  3   AIB B CB2   
169 N N     . ALA B 3 ? 0.04609 0.13208 0.07901 0.00535  0.01853  0.00601  4   ALA B N     
170 C CA    . ALA B 3 ? 0.05722 0.08939 0.04896 -0.01922 0.01810  0.01639  4   ALA B CA    
171 C C     . ALA B 3 ? 0.05051 0.05831 0.06633 -0.02881 0.01120  0.00883  4   ALA B C     
172 O O     . ALA B 3 ? 0.06725 0.13412 0.04905 -0.03903 -0.00321 0.02399  4   ALA B O     
173 C CB    . ALA B 3 ? 0.06132 0.13700 0.07038 -0.03259 0.01546  0.01429  4   ALA B CB    
179 N N     . AIB B 4 ? 0.07206 0.07342 0.06649 -0.04361 0.00193  -0.00062 5   AIB B N     
180 C CA    . AIB B 4 ? 0.06194 0.04981 0.05264 0.00969  0.01099  -0.00271 5   AIB B CA    
181 C C     . AIB B 4 ? 0.07816 0.06244 0.10009 0.00049  0.00061  0.01493  5   AIB B C     
182 O O     . AIB B 4 ? 0.10549 0.07622 0.09798 -0.02681 -0.00491 0.02310  5   AIB B O     
183 C CB1   . AIB B 4 ? 0.04103 0.10293 0.12748 -0.00614 0.01033  -0.04086 5   AIB B CB1   
184 C CB2   . AIB B 4 ? 0.07957 0.11731 0.05517 0.04316  0.00246  -0.02281 5   AIB B CB2   
192 N N     . LEU B 5 ? 0.06413 0.02203 0.05322 0.00310  0.01574  0.00980  6   LEU B N     
193 C CA    . LEU B 5 ? 0.07649 0.06832 0.04215 -0.00510 0.03089  -0.00023 6   LEU B CA    
194 C C     . LEU B 5 ? 0.03324 0.03278 0.03506 0.00777  0.01915  0.01010  6   LEU B C     
195 O O     . LEU B 5 ? 0.06146 0.12676 0.04965 -0.04264 0.00126  0.00671  6   LEU B O     
196 C CB    . LEU B 5 ? 0.06631 0.09217 0.04741 0.01625  0.02220  0.02645  6   LEU B CB    
197 C CG    . LEU B 5 ? 0.05846 0.07277 0.06714 0.03125  0.03346  0.03895  6   LEU B CG    
198 C CD1   . LEU B 5 ? 0.12771 0.10641 0.06589 0.02386  -0.00446 0.04110  6   LEU B CD1   
199 C CD2   . LEU B 5 ? 0.09061 0.15765 0.09443 0.03354  0.03299  0.06021  6   LEU B CD2   
211 N N     . AIB B 6 ? 0.03529 0.06809 0.07354 0.01938  0.01756  0.01150  7   AIB B N     
212 C CA    . AIB B 6 ? 0.04100 0.02696 0.05754 0.00598  0.02586  0.01281  7   AIB B CA    
213 C C     . AIB B 6 ? 0.05878 0.06706 0.05480 0.00040  0.02904  0.01871  7   AIB B C     
214 O O     . AIB B 6 ? 0.07006 0.05370 0.09466 0.02807  0.03065  0.01442  7   AIB B O     
215 C CB1   . AIB B 6 ? 0.06993 0.06615 0.07538 -0.01436 0.03974  -0.00123 7   AIB B CB1   
216 C CB2   . AIB B 6 ? 0.05985 0.05950 0.09331 0.02383  0.01758  0.01122  7   AIB B CB2   
224 N N     . GLN B 7 ? 0.04923 0.05965 0.09324 0.00725  0.01726  0.04093  8   GLN B N     
225 C CA    . GLN B 7 ? 0.05861 0.06561 0.08459 -0.01194 0.02162  0.02971  8   GLN B CA    
226 C C     . GLN B 7 ? 0.04880 0.05201 0.06322 0.01768  0.02076  -0.01263 8   GLN B C     
227 O O     . GLN B 7 ? 0.07745 0.04062 0.07046 -0.00628 0.02588  0.01860  8   GLN B O     
228 C CB    . GLN B 7 ? 0.09533 0.06393 0.06888 -0.00971 0.00748  0.03800  8   GLN B CB    
229 C CG    . GLN B 7 ? 0.06566 0.05611 0.04666 0.03232  0.02494  0.01871  8   GLN B CG    
230 C CD    . GLN B 7 ? 0.05120 0.04637 0.06007 0.02430  0.02249  0.01408  8   GLN B CD    
231 O OE1   . GLN B 7 ? 0.09666 0.05325 0.04284 0.02141  0.02184  0.00283  8   GLN B OE1   
232 N NE2   . GLN B 7 ? 0.08092 0.09091 0.10992 0.03681  0.03329  -0.01254 8   GLN B NE2   
241 N N     . AIB B 8 ? 0.06180 0.06371 0.05502 -0.01229 0.02352  0.02103  9   AIB B N     
242 C CA    . AIB B 8 ? 0.05874 0.03687 0.11109 -0.00065 0.00761  0.02366  9   AIB B CA    
243 C C     . AIB B 8 ? 0.07094 0.03591 0.07385 0.02166  -0.00935 0.01536  9   AIB B C     
244 O O     . AIB B 8 ? 0.07833 0.08109 0.08012 -0.02492 0.01974  0.01708  9   AIB B O     
245 C CB1   . AIB B 8 ? 0.03052 0.08224 0.09699 0.00176  0.01445  0.01649  9   AIB B CB1   
246 C CB2   . AIB B 8 ? 0.04114 0.13691 0.13570 0.00576  0.01612  0.01500  9   AIB B CB2   
254 N N     . LEU B 9 ? 0.06180 0.04288 0.09853 -0.00176 -0.00040 0.03195  10  LEU B N     
255 C CA    . LEU B 9 ? 0.08768 0.02437 0.08257 0.00534  -0.00305 0.01295  10  LEU B CA    
256 C C     . LEU B 9 ? 0.07090 0.05753 0.11184 0.02658  -0.00716 0.02361  10  LEU B C     
257 O O     . LEU B 9 ? 0.06440 0.03607 0.12888 0.01021  0.00762  0.00660  10  LEU B O     
258 C CB    . LEU B 9 ? 0.07668 0.10081 0.07829 -0.01712 0.04010  0.01663  10  LEU B CB    
259 C CG    . LEU B 9 ? 0.10152 0.14526 0.07208 0.03126  0.03834  -0.00471 10  LEU B CG    
260 C CD1   . LEU B 9 ? 0.10860 0.06948 0.07215 0.03169  0.03354  -0.00785 10  LEU B CD1   
261 C CD2   . LEU B 9 ? 0.13840 0.12465 0.06429 0.01374  0.02163  0.01649  10  LEU B CD2   
273 C C11   . I77 C . ? 0.09269 0.06633 0.03597 0.04507  0.00504  0.00586  101 I77 A C11   
274 C C12   . I77 C . ? 0.08639 0.04693 0.08701 0.02017  -0.01033 0.02682  101 I77 A C12   
275 C C13   . I77 C . ? 0.06221 0.02922 0.06877 0.01350  0.00165  0.01690  101 I77 A C13   
276 C C17   . I77 C . ? 0.07162 0.05615 0.09830 0.03510  -0.00875 0.01098  101 I77 A C17   
277 C C18   . I77 C . ? 0.05562 0.10381 0.08089 0.02920  0.02338  -0.00980 101 I77 A C18   
278 C C02   . I77 C . ? 0.05404 0.02324 0.06984 0.00689  0.02243  0.00587  101 I77 A C02   
279 C C03   . I77 C . ? 0.10459 0.02642 0.09818 0.00315  -0.00049 -0.00269 101 I77 A C03   
280 C C04   . I77 C . ? 0.11920 0.04959 0.09103 0.00489  -0.00350 -0.03396 101 I77 A C04   
281 C C05   . I77 C . ? 0.11455 0.10300 0.03879 0.00109  0.01685  -0.02021 101 I77 A C05   
282 C C06   . I77 C . ? 0.14808 0.05085 0.03832 0.00152  -0.00701 0.00308  101 I77 A C06   
283 C C08   . I77 C . ? 0.09267 0.06294 0.04106 0.04097  0.00995  -0.00036 101 I77 A C08   
284 C C09   . I77 C . ? 0.08085 0.07547 0.06940 0.03500  -0.00094 0.02813  101 I77 A C09   
285 N N01   . I77 C . ? 0.06095 0.04268 0.10268 0.00131  0.01554  0.02971  101 I77 A N01   
286 N N07   . I77 C . ? 0.11398 0.06718 0.03686 0.00267  0.00800  0.01697  101 I77 A N07   
287 N N10   . I77 C . ? 0.10009 0.09549 0.07126 0.03371  -0.00667 0.03605  101 I77 A N10   
288 N N14   . I77 C . ? 0.05602 0.02776 0.06575 0.01276  0.00844  -0.01324 101 I77 A N14   
289 N N15   . I77 C . ? 0.07234 0.07878 0.08287 0.01823  0.00539  -0.04246 101 I77 A N15   
290 O O16   . I77 C . ? 0.09436 0.04759 0.10654 0.02265  0.01034  -0.02498 101 I77 A O16   
291 O O19   . I77 C . ? 0.06870 0.04857 0.06978 0.00249  0.03362  0.02049  101 I77 A O19   
302 C C05   . I6W D . ? 0.11951 0.21769 0.08999 -0.00714 0.02955  0.04861  102 I6W A C05   
303 C C08   . I6W D . ? 0.14094 0.18477 0.07144 0.03055  0.01064  0.04770  102 I6W A C08   
304 C C09   . I6W D . ? 0.17042 0.17092 0.11492 0.05534  -0.01125 0.00486  102 I6W A C09   
305 N N10   . I6W D . ? 0.14505 0.22026 0.12748 0.04906  0.00278  0.01110  102 I6W A N10   
306 C C02   . I6W D . ? 0.10554 0.08826 0.10540 0.04602  0.00883  -0.03085 102 I6W A C02   
307 C C03   . I6W D . ? 0.11845 0.20979 0.10706 0.04836  0.00986  -0.01514 102 I6W A C03   
308 C C04   . I6W D . ? 0.10592 0.29175 0.10612 0.04569  0.01766  0.00483  102 I6W A C04   
309 C C06   . I6W D . ? 0.11711 0.21010 0.10748 0.08633  -0.00386 -0.00229 102 I6W A C06   
310 C C11   . I6W D . ? 0.16304 0.19592 0.14999 0.03364  -0.00966 -0.00803 102 I6W A C11   
311 C C12   . I6W D . ? 0.14708 0.07534 0.09224 0.00213  0.00095  0.04617  102 I6W A C12   
312 C C13   . I6W D . ? 0.18015 0.11356 0.10917 -0.00003 -0.01756 0.00969  102 I6W A C13   
313 C C15   . I6W D . ? 0.11109 0.09344 0.11379 -0.02996 -0.01878 0.01899  102 I6W A C15   
314 C C16   . I6W D . ? 0.15723 0.11366 0.08774 -0.05282 -0.02764 0.01795  102 I6W A C16   
315 C C18   . I6W D . ? 0.13188 0.06627 0.11897 0.01166  0.02672  0.03865  102 I6W A C18   
316 C C19   . I6W D . ? 0.13104 0.05284 0.14566 0.03806  -0.00374 0.00861  102 I6W A C19   
317 N N07   . I6W D . ? 0.12058 0.19707 0.10850 0.07028  0.00865  0.00729  102 I6W A N07   
318 O O01   . I6W D . ? 0.10851 0.05601 0.04584 0.03724  0.02564  0.00962  102 I6W A O01   
319 O O14   . I6W D . ? 0.09841 0.08812 0.10867 -0.00787 0.00703  0.01701  102 I6W A O14   
320 O O17   . I6W D . ? 0.19092 0.20268 0.08946 -0.04492 -0.00969 0.00685  102 I6W A O17   
332 C C1    . OXE E . ? 0.13954 0.04550 0.12850 0.01020  -0.01859 0.02105  103 OXE A C1    
333 C C2    . OXE E . ? 0.13901 0.05356 0.11179 -0.01206 -0.01514 0.03332  103 OXE A C2    
334 C C3    . OXE E . ? 0.12092 0.10456 0.13143 -0.02394 0.00624  0.02959  103 OXE A C3    
335 C C4    . OXE E . ? 0.13332 0.21191 0.13675 0.03335  -0.00567 -0.04267 103 OXE A C4    
336 C C5    . OXE E . ? 0.12685 0.24717 0.07871 -0.01965 0.03048  -0.01982 103 OXE A C5    
337 C C6    . OXE E . ? 0.09190 0.12591 0.09799 0.02737  0.03126  -0.03384 103 OXE A C6    
338 C "C1'" . OXE E . ? 0.15914 0.12647 0.25106 0.00011  -0.07672 -0.00877 103 OXE A "C1'" 
339 C "C2'" . OXE E . ? 0.17569 0.08739 0.14556 -0.02750 -0.06211 0.04731  103 OXE A "C2'" 
350 C C1    . OXE F . ? 0.21502 0.43970 0.23482 0.12125  0.06087  -0.02531 104 OXE A C1    
351 C C2    . OXE F . ? 0.20741 0.40750 0.31283 0.12276  0.04631  -0.02820 104 OXE A C2    
352 C C3    . OXE F . ? 0.23818 0.37517 0.29636 0.08722  0.03792  0.00946  104 OXE A C3    
353 C C4    . OXE F . ? 0.21414 0.44514 0.30763 0.14242  0.03617  -0.04147 104 OXE A C4    
354 C C5    . OXE F . ? 0.20724 0.45965 0.30170 0.12296  0.05297  -0.05515 104 OXE A C5    
355 C C6    . OXE F . ? 0.21882 0.50643 0.28115 0.11781  0.05887  -0.05433 104 OXE A C6    
356 C "C1'" . OXE F . ? 0.22993 0.36074 0.14101 0.12216  0.05633  0.06048  104 OXE A "C1'" 
357 C "C2'" . OXE F . ? 0.21284 0.36276 0.37362 0.09044  0.02421  -0.00561 104 OXE A "C2'" 
368 C C1    A OXE G . ? 0.55309 0.19130 0.17102 0.00719  -0.06196 -0.03351 105 OXE A C1    
369 C C1    B OXE G . ? 0.55297 0.17770 0.53815 0.08623  -0.07395 0.01159  105 OXE A C1    
370 C C2    A OXE G . ? 0.65070 0.19495 0.23066 -0.02170 -0.13757 -0.01311 105 OXE A C2    
371 C C2    B OXE G . ? 0.55912 0.21149 0.55933 0.09534  -0.08046 -0.02434 105 OXE A C2    
372 C C3    A OXE G . ? 0.70067 0.19902 0.24713 -0.06599 -0.17371 0.02003  105 OXE A C3    
373 C C3    B OXE G . ? 0.50070 0.22379 0.54667 0.10599  -0.03857 -0.04666 105 OXE A C3    
374 C C4    A OXE G . ? 0.66824 0.18410 0.22124 -0.05121 -0.14932 0.01772  105 OXE A C4    
375 C C4    B OXE G . ? 0.46066 0.19346 0.52911 0.12124  -0.00677 -0.06249 105 OXE A C4    
376 C C5    A OXE G . ? 0.61672 0.17642 0.19503 -0.05496 -0.11225 0.01901  105 OXE A C5    
377 C C5    B OXE G . ? 0.47921 0.16431 0.52307 0.09015  -0.01942 -0.00121 105 OXE A C5    
378 C C6    A OXE G . ? 0.58337 0.17305 0.16369 -0.01512 -0.07829 0.00374  105 OXE A C6    
379 C C6    B OXE G . ? 0.51549 0.17055 0.52892 0.09544  -0.04805 0.00623  105 OXE A C6    
380 C "C1'" A OXE G . ? 0.54230 0.16792 0.14479 -0.01603 -0.04282 -0.00849 105 OXE A "C1'" 
381 C "C1'" B OXE G . ? 0.54990 0.16877 0.51404 0.06211  -0.06400 0.04724  105 OXE A "C1'" 
382 C "C2'" A OXE G . ? 0.69111 0.19903 0.27200 -0.03352 -0.18337 0.00275  105 OXE A "C2'" 
383 C "C2'" B OXE G . ? 0.53964 0.20375 0.54730 0.12243  -0.06411 -0.05519 105 OXE A "C2'" 
404 C C11   . I77 H . ? 0.12216 0.05353 0.10588 -0.02323 -0.01393 -0.02869 101 I77 B C11   
405 C C12   . I77 H . ? 0.08358 0.04081 0.10212 -0.02855 0.00531  -0.00214 101 I77 B C12   
406 C C13   . I77 H . ? 0.10652 0.07957 0.12325 -0.03530 -0.00547 0.00442  101 I77 B C13   
407 C C17   . I77 H . ? 0.10325 0.03277 0.09620 -0.01926 -0.00636 0.00292  101 I77 B C17   
408 C C18   . I77 H . ? 0.08050 0.03923 0.11706 -0.01807 0.00029  -0.01534 101 I77 B C18   
409 C C02   . I77 H . ? 0.07193 0.03950 0.11659 -0.01591 0.01173  0.01224  101 I77 B C02   
410 C C03   . I77 H . ? 0.05756 0.03416 0.08992 0.00382  0.02766  0.01859  101 I77 B C03   
411 C C04   . I77 H . ? 0.07488 0.09413 0.07413 0.03315  0.01916  -0.02338 101 I77 B C04   
412 C C05   . I77 H . ? 0.07635 0.15941 0.11842 0.00948  0.01876  -0.05286 101 I77 B C05   
413 C C06   . I77 H . ? 0.11004 0.09511 0.09688 0.00653  0.00555  0.00028  101 I77 B C06   
414 C C08   . I77 H . ? 0.10074 0.10504 0.09487 -0.02169 0.02524  -0.05204 101 I77 B C08   
415 C C09   . I77 H . ? 0.08877 0.11357 0.08174 -0.01509 0.02225  -0.05300 101 I77 B C09   
416 N N01   . I77 H . ? 0.05842 0.07123 0.13471 -0.01713 0.03908  -0.03297 101 I77 B N01   
417 N N07   . I77 H . ? 0.11992 0.09933 0.13263 -0.00065 0.00164  -0.03085 101 I77 B N07   
418 N N10   . I77 H . ? 0.11247 0.05588 0.10192 -0.03810 -0.00187 -0.01644 101 I77 B N10   
419 N N14   . I77 H . ? 0.04135 0.04009 0.09130 0.00628  0.02732  -0.00321 101 I77 B N14   
420 N N15   . I77 H . ? 0.05718 0.09188 0.10820 -0.03133 0.01157  0.02452  101 I77 B N15   
421 O O16   . I77 H . ? 0.08986 0.07915 0.14812 -0.01418 -0.00465 0.00764  101 I77 B O16   
422 O O19   . I77 H . ? 0.08318 0.06518 0.09397 0.01267  0.02688  -0.02303 101 I77 B O19   
433 C C05   . I6W I . ? 0.11870 0.13710 0.05652 -0.02646 0.03398  0.00169  102 I6W B C05   
434 C C08   . I6W I . ? 0.16597 0.14275 0.10582 -0.03186 -0.00996 0.01671  102 I6W B C08   
435 C C09   . I6W I . ? 0.14002 0.09614 0.10048 -0.03144 0.01588  0.04718  102 I6W B C09   
436 N N10   . I6W I . ? 0.17172 0.17633 0.06983 -0.00272 -0.00159 0.04461  102 I6W B N10   
437 C C02   . I6W I . ? 0.13636 0.05579 0.09628 -0.02177 -0.02401 0.02942  102 I6W B C02   
438 C C03   . I6W I . ? 0.12789 0.06407 0.06391 -0.02792 0.00625  0.02281  102 I6W B C03   
439 C C04   . I6W I . ? 0.16536 0.17695 0.06754 -0.07440 0.01257  0.00786  102 I6W B C04   
440 C C06   . I6W I . ? 0.17082 0.13140 0.06704 -0.07530 -0.01082 0.02091  102 I6W B C06   
441 C C11   . I6W I . ? 0.14505 0.10750 0.05963 0.02158  0.01870  -0.02980 102 I6W B C11   
442 C C12   . I6W I . ? 0.14541 0.11245 0.08637 -0.00898 0.00701  0.03163  102 I6W B C12   
443 C C13   . I6W I . ? 0.14779 0.14265 0.14274 0.02337  -0.02021 -0.00678 102 I6W B C13   
444 C C15   . I6W I . ? 0.09263 0.12640 0.10428 0.00400  -0.00263 0.03851  102 I6W B C15   
445 C C16   . I6W I . ? 0.09316 0.18235 0.10418 0.06557  0.00322  -0.02154 102 I6W B C16   
446 C C18   . I6W I . ? 0.06292 0.06348 0.13481 0.02187  0.03121  0.00453  102 I6W B C18   
447 C C19   . I6W I . ? 0.08230 0.03458 0.09112 -0.00510 0.03168  0.01049  102 I6W B C19   
448 N N07   . I6W I . ? 0.19460 0.11705 0.09369 -0.07233 -0.03562 0.03659  102 I6W B N07   
449 O O01   . I6W I . ? 0.13763 0.10219 0.10100 -0.04600 -0.02542 0.04941  102 I6W B O01   
450 O O14   . I6W I . ? 0.09735 0.05648 0.08557 0.00481  0.01292  0.03821  102 I6W B O14   
451 O O17   . I6W I . ? 0.13445 0.14922 0.12779 -0.00555 -0.00120 0.05096  102 I6W B O17   
463 C C1    . OXE J . ? 0.11588 0.04921 0.10453 0.03410  0.01295  0.01073  103 OXE B C1    
464 C C2    . OXE J . ? 0.09303 0.03648 0.07922 0.01099  0.05357  0.01323  103 OXE B C2    
465 C C3    . OXE J . ? 0.12189 0.10442 0.11088 -0.02601 0.05320  0.02436  103 OXE B C3    
466 C C4    . OXE J . ? 0.15313 0.13385 0.13808 0.00848  0.02887  -0.01510 103 OXE B C4    
467 C C5    . OXE J . ? 0.09907 0.11037 0.11526 0.04316  0.03803  -0.01968 103 OXE B C5    
468 C C6    . OXE J . ? 0.11356 0.06902 0.13069 0.03618  0.03872  -0.00606 103 OXE B C6    
469 C "C1'" . OXE J . ? 0.13827 0.09411 0.14440 -0.01305 0.01095  0.05574  103 OXE B "C1'" 
470 C "C2'" . OXE J . ? 0.11089 0.14599 0.09968 -0.03492 0.05480  -0.00576 103 OXE B "C2'" 
481 C C1    . OXE K . ? 0.14098 0.10510 0.08367 0.01214  0.05891  0.01709  104 OXE B C1    
482 C C2    . OXE K . ? 0.11613 0.17667 0.12862 -0.00106 0.05013  0.04905  104 OXE B C2    
483 C C3    . OXE K . ? 0.10516 0.17241 0.14804 0.03921  0.05453  -0.03032 104 OXE B C3    
484 C C4    . OXE K . ? 0.11493 0.06272 0.11063 0.03210  0.04444  0.03245  104 OXE B C4    
485 C C5    . OXE K . ? 0.12862 0.11659 0.15199 0.05445  0.01199  0.01440  104 OXE B C5    
486 C C6    . OXE K . ? 0.11912 0.14343 0.13604 0.04112  0.03879  -0.00648 104 OXE B C6    
487 C "C1'" . OXE K . ? 0.21210 0.06952 0.08537 -0.02249 0.04331  -0.01803 104 OXE B "C1'" 
488 C "C2'" . OXE K . ? 0.10370 0.20793 0.14475 -0.01938 0.05236  0.04180  104 OXE B "C2'" 
499 C C1    . OXE L . ? 0.08823 0.04182 0.07000 0.02195  0.02730  -0.00332 105 OXE B C1    
500 C C2    . OXE L . ? 0.11250 0.06299 0.15120 -0.03134 0.03169  0.01090  105 OXE B C2    
501 C C3    . OXE L . ? 0.11725 0.09714 0.08603 -0.03530 0.03218  0.02656  105 OXE B C3    
502 C C4    . OXE L . ? 0.12142 0.07476 0.09813 -0.02136 0.01605  0.04457  105 OXE B C4    
503 C C5    . OXE L . ? 0.08062 0.03313 0.08427 0.00106  0.04930  0.00087  105 OXE B C5    
504 C C6    . OXE L . ? 0.10523 0.05420 0.11594 -0.01746 0.03128  0.02271  105 OXE B C6    
505 C "C1'" . OXE L . ? 0.14646 0.10451 0.11798 0.04941  -0.00474 -0.00459 105 OXE B "C1'" 
506 C "C2'" . OXE L . ? 0.05934 0.10746 0.14619 -0.00977 0.03631  0.02361  105 OXE B "C2'" 
517 C C1    A OXE M . ? 0.24612 0.23614 0.11391 -0.01169 0.04037  -0.04711 106 OXE B C1    
518 C C1    B OXE M . ? 0.14376 0.07645 0.11059 0.01908  0.00318  -0.04913 106 OXE B C1    
519 C C2    A OXE M . ? 0.25056 0.13415 0.11443 -0.02045 0.05521  -0.04322 106 OXE B C2    
520 C C2    B OXE M . ? 0.13112 0.07749 0.09388 0.01709  0.01210  -0.04638 106 OXE B C2    
521 C C3    A OXE M . ? 0.27056 0.26414 0.11468 -0.02910 0.03595  -0.03257 106 OXE B C3    
522 C C3    B OXE M . ? 0.17148 0.15714 0.08399 0.00637  0.00827  -0.06158 106 OXE B C3    
523 C C4    A OXE M . ? 0.28353 0.25367 0.10864 -0.03373 0.01360  0.02142  106 OXE B C4    
524 C C4    B OXE M . ? 0.16441 0.16178 0.09022 -0.00453 0.00214  -0.04429 106 OXE B C4    
525 C C5    A OXE M . ? 0.30202 0.26937 0.16279 -0.01103 -0.01350 -0.02910 106 OXE B C5    
526 C C5    B OXE M . ? 0.17945 0.12334 0.09849 -0.02401 -0.02031 0.02148  106 OXE B C5    
527 C C6    A OXE M . ? 0.22294 0.23644 0.08080 -0.01421 0.05309  0.00013  106 OXE B C6    
528 C C6    B OXE M . ? 0.15416 0.04363 0.11659 0.00932  -0.01290 -0.01586 106 OXE B C6    
529 C "C1'" A OXE M . ? 0.22106 0.23228 0.09208 -0.00291 0.04935  -0.04601 106 OXE B "C1'" 
530 C "C1'" B OXE M . ? 0.14203 0.09616 0.11771 0.03268  0.00356  -0.05431 106 OXE B "C1'" 
531 C "C2'" A OXE M . ? 0.24434 0.17807 0.12878 -0.05181 0.06471  -0.05302 106 OXE B "C2'" 
532 C "C2'" B OXE M . ? 0.08566 0.02525 0.02689 0.00967  0.01600  0.00241  106 OXE B "C2'" 
553 C C1    A OXE N . ? 0.24281 0.26886 0.11894 -0.07478 -0.03505 0.04296  107 OXE B C1    
554 C C1    B OXE N . ? 0.14211 0.09913 0.05277 0.00592  -0.01713 0.02826  107 OXE B C1    
555 C C2    A OXE N . ? 0.17398 0.31140 0.15128 -0.03889 -0.00859 -0.01419 107 OXE B C2    
556 C C2    B OXE N . ? 0.15008 0.08120 0.04724 0.02573  -0.02525 -0.00868 107 OXE B C2    
557 C C3    A OXE N . ? 0.16258 0.33696 0.13442 -0.02016 -0.00067 -0.03771 107 OXE B C3    
558 C C3    B OXE N . ? 0.16478 0.16610 0.04694 -0.00238 -0.01949 -0.01482 107 OXE B C3    
559 C C4    A OXE N . ? 0.18183 0.41013 0.14156 0.01649  -0.01927 -0.07788 107 OXE B C4    
560 C C4    B OXE N . ? 0.14404 0.14350 0.03691 0.00023  -0.00447 0.00865  107 OXE B C4    
561 C C5    A OXE N . ? 0.19839 0.40143 0.11254 -0.02456 -0.00940 -0.04045 107 OXE B C5    
562 C C5    B OXE N . ? 0.13293 0.11787 0.05087 -0.02226 -0.00025 0.03084  107 OXE B C5    
563 C C6    A OXE N . ? 0.20822 0.36669 0.10782 -0.04435 -0.01302 -0.00176 107 OXE B C6    
564 C C6    B OXE N . ? 0.14510 0.13923 0.04403 -0.00138 -0.00110 0.02706  107 OXE B C6    
565 C "C1'" A OXE N . ? 0.19009 0.22974 0.09427 -0.06310 0.00855  0.04922  107 OXE B "C1'" 
566 C "C1'" B OXE N . ? 0.08072 0.04843 0.02961 0.03480  0.00942  0.00638  107 OXE B "C1'" 
567 C "C2'" A OXE N . ? 0.17003 0.32235 0.14401 -0.00536 0.00169  -0.06675 107 OXE B "C2'" 
568 C "C2'" B OXE N . ? 0.08973 0.02417 0.02241 0.01053  -0.00125 0.00020  107 OXE B "C2'" 
589 O O     . HOH O . ? 0.53123 0.19019 0.29975 -0.06100 -0.09948 0.08134  201 HOH A O     
# 
